data_7XH4
# 
_entry.id   7XH4 
# 
_audit_conform.dict_name       mmcif_pdbx.dic 
_audit_conform.dict_version    5.380 
_audit_conform.dict_location   http://mmcif.pdb.org/dictionaries/ascii/mmcif_pdbx.dic 
# 
loop_
_database_2.database_id 
_database_2.database_code 
_database_2.pdbx_database_accession 
_database_2.pdbx_DOI 
PDB   7XH4         pdb_00007xh4 10.2210/pdb7xh4/pdb 
WWPDB D_1300028817 ?            ?                   
# 
_pdbx_database_status.status_code                     REL 
_pdbx_database_status.status_code_sf                  REL 
_pdbx_database_status.status_code_mr                  ? 
_pdbx_database_status.entry_id                        7XH4 
_pdbx_database_status.recvd_initial_deposition_date   2022-04-07 
_pdbx_database_status.SG_entry                        N 
_pdbx_database_status.deposit_site                    PDBJ 
_pdbx_database_status.process_site                    PDBJ 
_pdbx_database_status.status_code_cs                  ? 
_pdbx_database_status.status_code_nmr_data            ? 
_pdbx_database_status.methods_development_category    ? 
_pdbx_database_status.pdb_format_compatible           Y 
# 
loop_
_audit_author.name 
_audit_author.pdbx_ordinal 
_audit_author.identifier_ORCID 
'Ma, X.'    1 ? 
'Shao, N.'  2 ? 
'Zhang, Y.' 3 ? 
'Yang, D.'  4 ? 
'Ma, M.'    5 ? 
'Tang, G.'  6 ? 
# 
_citation.abstract                  ? 
_citation.abstract_id_CAS           ? 
_citation.book_id_ISBN              ? 
_citation.book_publisher            ? 
_citation.book_publisher_city       ? 
_citation.book_title                ? 
_citation.coordinate_linkage        ? 
_citation.country                   NE 
_citation.database_id_Medline       ? 
_citation.details                   ? 
_citation.id                        primary 
_citation.journal_abbrev            'Acta Pharm Sin B' 
_citation.journal_id_ASTM           ? 
_citation.journal_id_CSD            ? 
_citation.journal_id_ISSN           2211-3835 
_citation.journal_full              ? 
_citation.journal_issue             ? 
_citation.journal_volume            13 
_citation.language                  ? 
_citation.page_first                1318 
_citation.page_last                 1325 
_citation.title                     
'Dihydrofolate reductase-like protein inactivates hemiaminal pharmacophore for self-resistance in safracin biosynthesis.' 
_citation.year                      2023 
_citation.database_id_CSD           ? 
_citation.pdbx_database_id_DOI      10.1016/j.apsb.2022.10.005 
_citation.pdbx_database_id_PubMed   36970210 
_citation.pdbx_database_id_patent   ? 
_citation.unpublished_flag          ? 
# 
loop_
_citation_author.citation_id 
_citation_author.name 
_citation_author.ordinal 
_citation_author.identifier_ORCID 
primary 'Shao, N.'    1 ? 
primary 'Ma, X.'      2 ? 
primary 'Zhang, Y.Y.' 3 ? 
primary 'Yang, D.'    4 ? 
primary 'Ma, M.'      5 ? 
primary 'Tang, G.L.'  6 ? 
# 
_cell.angle_alpha                  90.000 
_cell.angle_alpha_esd              ? 
_cell.angle_beta                   90.000 
_cell.angle_beta_esd               ? 
_cell.angle_gamma                  120.000 
_cell.angle_gamma_esd              ? 
_cell.entry_id                     7XH4 
_cell.details                      ? 
_cell.formula_units_Z              ? 
_cell.length_a                     68.727 
_cell.length_a_esd                 ? 
_cell.length_b                     68.727 
_cell.length_b_esd                 ? 
_cell.length_c                     157.286 
_cell.length_c_esd                 ? 
_cell.volume                       ? 
_cell.volume_esd                   ? 
_cell.Z_PDB                        12 
_cell.reciprocal_angle_alpha       ? 
_cell.reciprocal_angle_beta        ? 
_cell.reciprocal_angle_gamma       ? 
_cell.reciprocal_angle_alpha_esd   ? 
_cell.reciprocal_angle_beta_esd    ? 
_cell.reciprocal_angle_gamma_esd   ? 
_cell.reciprocal_length_a          ? 
_cell.reciprocal_length_b          ? 
_cell.reciprocal_length_c          ? 
_cell.reciprocal_length_a_esd      ? 
_cell.reciprocal_length_b_esd      ? 
_cell.reciprocal_length_c_esd      ? 
_cell.pdbx_unique_axis             ? 
_cell.pdbx_esd_method              ? 
# 
_symmetry.entry_id                         7XH4 
_symmetry.cell_setting                     ? 
_symmetry.Int_Tables_number                181 
_symmetry.space_group_name_Hall            ? 
_symmetry.space_group_name_H-M             'P 64 2 2' 
_symmetry.pdbx_full_space_group_name_H-M   ? 
# 
loop_
_entity.id 
_entity.type 
_entity.src_method 
_entity.pdbx_description 
_entity.formula_weight 
_entity.pdbx_number_of_molecules 
_entity.pdbx_ec 
_entity.pdbx_mutation 
_entity.pdbx_fragment 
_entity.details 
1 polymer     man 'Uncharacterized protein sfcH'                              22018.842 1  ? ? ? ? 
2 non-polymer syn 'Safracin A'                                                524.609   1  ? ? ? ? 
3 non-polymer syn 'NADPH DIHYDRO-NICOTINAMIDE-ADENINE-DINUCLEOTIDE PHOSPHATE' 745.421   1  ? ? ? ? 
4 water       nat water                                                       18.015    69 ? ? ? ? 
# 
_entity_name_com.entity_id   1 
_entity_name_com.name        SacH 
# 
_entity_poly.entity_id                      1 
_entity_poly.type                           'polypeptide(L)' 
_entity_poly.nstd_linkage                   no 
_entity_poly.nstd_monomer                   no 
_entity_poly.pdbx_seq_one_letter_code       
;MGSSHHHHHHSSGLVPRGSHMAMSTLVYYVAATLDGYIATQQHKLDWLENFALGDDATAYDDFYQTIGAVVMGSQTYEWI
MSNAPDDWPYQDVPAFVMSNRDLSAPANLDITFLRGDASAIAVRARQAAKGKNVWLVGGGKTAACFANAGELQQLFITTI
PTFIGTGVPVLPVDRALEVVLREQRTLQSGAMECILDVKKAD
;
_entity_poly.pdbx_seq_one_letter_code_can   
;MGSSHHHHHHSSGLVPRGSHMAMSTLVYYVAATLDGYIATQQHKLDWLENFALGDDATAYDDFYQTIGAVVMGSQTYEWI
MSNAPDDWPYQDVPAFVMSNRDLSAPANLDITFLRGDASAIAVRARQAAKGKNVWLVGGGKTAACFANAGELQQLFITTI
PTFIGTGVPVLPVDRALEVVLREQRTLQSGAMECILDVKKAD
;
_entity_poly.pdbx_strand_id                 A 
_entity_poly.pdbx_target_identifier         ? 
# 
loop_
_entity_poly_seq.entity_id 
_entity_poly_seq.num 
_entity_poly_seq.mon_id 
_entity_poly_seq.hetero 
1 1   MET n 
1 2   GLY n 
1 3   SER n 
1 4   SER n 
1 5   HIS n 
1 6   HIS n 
1 7   HIS n 
1 8   HIS n 
1 9   HIS n 
1 10  HIS n 
1 11  SER n 
1 12  SER n 
1 13  GLY n 
1 14  LEU n 
1 15  VAL n 
1 16  PRO n 
1 17  ARG n 
1 18  GLY n 
1 19  SER n 
1 20  HIS n 
1 21  MET n 
1 22  ALA n 
1 23  MET n 
1 24  SER n 
1 25  THR n 
1 26  LEU n 
1 27  VAL n 
1 28  TYR n 
1 29  TYR n 
1 30  VAL n 
1 31  ALA n 
1 32  ALA n 
1 33  THR n 
1 34  LEU n 
1 35  ASP n 
1 36  GLY n 
1 37  TYR n 
1 38  ILE n 
1 39  ALA n 
1 40  THR n 
1 41  GLN n 
1 42  GLN n 
1 43  HIS n 
1 44  LYS n 
1 45  LEU n 
1 46  ASP n 
1 47  TRP n 
1 48  LEU n 
1 49  GLU n 
1 50  ASN n 
1 51  PHE n 
1 52  ALA n 
1 53  LEU n 
1 54  GLY n 
1 55  ASP n 
1 56  ASP n 
1 57  ALA n 
1 58  THR n 
1 59  ALA n 
1 60  TYR n 
1 61  ASP n 
1 62  ASP n 
1 63  PHE n 
1 64  TYR n 
1 65  GLN n 
1 66  THR n 
1 67  ILE n 
1 68  GLY n 
1 69  ALA n 
1 70  VAL n 
1 71  VAL n 
1 72  MET n 
1 73  GLY n 
1 74  SER n 
1 75  GLN n 
1 76  THR n 
1 77  TYR n 
1 78  GLU n 
1 79  TRP n 
1 80  ILE n 
1 81  MET n 
1 82  SER n 
1 83  ASN n 
1 84  ALA n 
1 85  PRO n 
1 86  ASP n 
1 87  ASP n 
1 88  TRP n 
1 89  PRO n 
1 90  TYR n 
1 91  GLN n 
1 92  ASP n 
1 93  VAL n 
1 94  PRO n 
1 95  ALA n 
1 96  PHE n 
1 97  VAL n 
1 98  MET n 
1 99  SER n 
1 100 ASN n 
1 101 ARG n 
1 102 ASP n 
1 103 LEU n 
1 104 SER n 
1 105 ALA n 
1 106 PRO n 
1 107 ALA n 
1 108 ASN n 
1 109 LEU n 
1 110 ASP n 
1 111 ILE n 
1 112 THR n 
1 113 PHE n 
1 114 LEU n 
1 115 ARG n 
1 116 GLY n 
1 117 ASP n 
1 118 ALA n 
1 119 SER n 
1 120 ALA n 
1 121 ILE n 
1 122 ALA n 
1 123 VAL n 
1 124 ARG n 
1 125 ALA n 
1 126 ARG n 
1 127 GLN n 
1 128 ALA n 
1 129 ALA n 
1 130 LYS n 
1 131 GLY n 
1 132 LYS n 
1 133 ASN n 
1 134 VAL n 
1 135 TRP n 
1 136 LEU n 
1 137 VAL n 
1 138 GLY n 
1 139 GLY n 
1 140 GLY n 
1 141 LYS n 
1 142 THR n 
1 143 ALA n 
1 144 ALA n 
1 145 CYS n 
1 146 PHE n 
1 147 ALA n 
1 148 ASN n 
1 149 ALA n 
1 150 GLY n 
1 151 GLU n 
1 152 LEU n 
1 153 GLN n 
1 154 GLN n 
1 155 LEU n 
1 156 PHE n 
1 157 ILE n 
1 158 THR n 
1 159 THR n 
1 160 ILE n 
1 161 PRO n 
1 162 THR n 
1 163 PHE n 
1 164 ILE n 
1 165 GLY n 
1 166 THR n 
1 167 GLY n 
1 168 VAL n 
1 169 PRO n 
1 170 VAL n 
1 171 LEU n 
1 172 PRO n 
1 173 VAL n 
1 174 ASP n 
1 175 ARG n 
1 176 ALA n 
1 177 LEU n 
1 178 GLU n 
1 179 VAL n 
1 180 VAL n 
1 181 LEU n 
1 182 ARG n 
1 183 GLU n 
1 184 GLN n 
1 185 ARG n 
1 186 THR n 
1 187 LEU n 
1 188 GLN n 
1 189 SER n 
1 190 GLY n 
1 191 ALA n 
1 192 MET n 
1 193 GLU n 
1 194 CYS n 
1 195 ILE n 
1 196 LEU n 
1 197 ASP n 
1 198 VAL n 
1 199 LYS n 
1 200 LYS n 
1 201 ALA n 
1 202 ASP n 
# 
_entity_src_gen.entity_id                          1 
_entity_src_gen.pdbx_src_id                        1 
_entity_src_gen.pdbx_alt_source_flag               sample 
_entity_src_gen.pdbx_seq_type                      'Biological sequence' 
_entity_src_gen.pdbx_beg_seq_num                   1 
_entity_src_gen.pdbx_end_seq_num                   202 
_entity_src_gen.gene_src_common_name               ? 
_entity_src_gen.gene_src_genus                     ? 
_entity_src_gen.pdbx_gene_src_gene                 ? 
_entity_src_gen.gene_src_species                   ? 
_entity_src_gen.gene_src_strain                    ? 
_entity_src_gen.gene_src_tissue                    ? 
_entity_src_gen.gene_src_tissue_fraction           ? 
_entity_src_gen.gene_src_details                   ? 
_entity_src_gen.pdbx_gene_src_fragment             ? 
_entity_src_gen.pdbx_gene_src_scientific_name      'Pseudomonas fluorescens' 
_entity_src_gen.pdbx_gene_src_ncbi_taxonomy_id     294 
_entity_src_gen.pdbx_gene_src_variant              ? 
_entity_src_gen.pdbx_gene_src_cell_line            ? 
_entity_src_gen.pdbx_gene_src_atcc                 ? 
_entity_src_gen.pdbx_gene_src_organ                ? 
_entity_src_gen.pdbx_gene_src_organelle            ? 
_entity_src_gen.pdbx_gene_src_cell                 ? 
_entity_src_gen.pdbx_gene_src_cellular_location    ? 
_entity_src_gen.host_org_common_name               ? 
_entity_src_gen.pdbx_host_org_scientific_name      
;Escherichia coli 'BL21-Gold(DE3)pLysS AG'
;
_entity_src_gen.pdbx_host_org_ncbi_taxonomy_id     866768 
_entity_src_gen.host_org_genus                     ? 
_entity_src_gen.pdbx_host_org_gene                 ? 
_entity_src_gen.pdbx_host_org_organ                ? 
_entity_src_gen.host_org_species                   ? 
_entity_src_gen.pdbx_host_org_tissue               ? 
_entity_src_gen.pdbx_host_org_tissue_fraction      ? 
_entity_src_gen.pdbx_host_org_strain               ? 
_entity_src_gen.pdbx_host_org_variant              ? 
_entity_src_gen.pdbx_host_org_cell_line            ? 
_entity_src_gen.pdbx_host_org_atcc                 ? 
_entity_src_gen.pdbx_host_org_culture_collection   ? 
_entity_src_gen.pdbx_host_org_cell                 ? 
_entity_src_gen.pdbx_host_org_organelle            ? 
_entity_src_gen.pdbx_host_org_cellular_location    ? 
_entity_src_gen.pdbx_host_org_vector_type          ? 
_entity_src_gen.pdbx_host_org_vector               ? 
_entity_src_gen.host_org_details                   ? 
_entity_src_gen.expression_system_id               ? 
_entity_src_gen.plasmid_name                       ? 
_entity_src_gen.plasmid_details                    ? 
_entity_src_gen.pdbx_description                   ? 
# 
_struct_ref.id                         1 
_struct_ref.db_name                    UNP 
_struct_ref.db_code                    Q5JCL3_PSEFL 
_struct_ref.pdbx_db_accession          Q5JCL3 
_struct_ref.pdbx_db_isoform            ? 
_struct_ref.entity_id                  1 
_struct_ref.pdbx_seq_one_letter_code   
;MSTLVYYVAATLDGYIATQQHKLDWLENFALGDDATAYDDFYQTIGAVVMGSQTYEWIMSNAPDDWPYQDVPAFVMSNRD
LSAPANLDITFLRGDASAIAVRARQAAKGKNVWLVGGGKTAACFANAGELQQLFITTIPTFIGTGVPVLPVDRALEVVLR
EQRTLQSGAMECILDVKKAD
;
_struct_ref.pdbx_align_begin           1 
# 
_struct_ref_seq.align_id                      1 
_struct_ref_seq.ref_id                        1 
_struct_ref_seq.pdbx_PDB_id_code              7XH4 
_struct_ref_seq.pdbx_strand_id                A 
_struct_ref_seq.seq_align_beg                 23 
_struct_ref_seq.pdbx_seq_align_beg_ins_code   ? 
_struct_ref_seq.seq_align_end                 202 
_struct_ref_seq.pdbx_seq_align_end_ins_code   ? 
_struct_ref_seq.pdbx_db_accession             Q5JCL3 
_struct_ref_seq.db_align_beg                  1 
_struct_ref_seq.pdbx_db_align_beg_ins_code    ? 
_struct_ref_seq.db_align_end                  180 
_struct_ref_seq.pdbx_db_align_end_ins_code    ? 
_struct_ref_seq.pdbx_auth_seq_align_beg       1 
_struct_ref_seq.pdbx_auth_seq_align_end       180 
# 
loop_
_struct_ref_seq_dif.align_id 
_struct_ref_seq_dif.pdbx_pdb_id_code 
_struct_ref_seq_dif.mon_id 
_struct_ref_seq_dif.pdbx_pdb_strand_id 
_struct_ref_seq_dif.seq_num 
_struct_ref_seq_dif.pdbx_pdb_ins_code 
_struct_ref_seq_dif.pdbx_seq_db_name 
_struct_ref_seq_dif.pdbx_seq_db_accession_code 
_struct_ref_seq_dif.db_mon_id 
_struct_ref_seq_dif.pdbx_seq_db_seq_num 
_struct_ref_seq_dif.details 
_struct_ref_seq_dif.pdbx_auth_seq_num 
_struct_ref_seq_dif.pdbx_ordinal 
1 7XH4 MET A 1  ? UNP Q5JCL3 ? ? 'initiating methionine' -21 1  
1 7XH4 GLY A 2  ? UNP Q5JCL3 ? ? 'expression tag'        -20 2  
1 7XH4 SER A 3  ? UNP Q5JCL3 ? ? 'expression tag'        -19 3  
1 7XH4 SER A 4  ? UNP Q5JCL3 ? ? 'expression tag'        -18 4  
1 7XH4 HIS A 5  ? UNP Q5JCL3 ? ? 'expression tag'        -17 5  
1 7XH4 HIS A 6  ? UNP Q5JCL3 ? ? 'expression tag'        -16 6  
1 7XH4 HIS A 7  ? UNP Q5JCL3 ? ? 'expression tag'        -15 7  
1 7XH4 HIS A 8  ? UNP Q5JCL3 ? ? 'expression tag'        -14 8  
1 7XH4 HIS A 9  ? UNP Q5JCL3 ? ? 'expression tag'        -13 9  
1 7XH4 HIS A 10 ? UNP Q5JCL3 ? ? 'expression tag'        -12 10 
1 7XH4 SER A 11 ? UNP Q5JCL3 ? ? 'expression tag'        -11 11 
1 7XH4 SER A 12 ? UNP Q5JCL3 ? ? 'expression tag'        -10 12 
1 7XH4 GLY A 13 ? UNP Q5JCL3 ? ? 'expression tag'        -9  13 
1 7XH4 LEU A 14 ? UNP Q5JCL3 ? ? 'expression tag'        -8  14 
1 7XH4 VAL A 15 ? UNP Q5JCL3 ? ? 'expression tag'        -7  15 
1 7XH4 PRO A 16 ? UNP Q5JCL3 ? ? 'expression tag'        -6  16 
1 7XH4 ARG A 17 ? UNP Q5JCL3 ? ? 'expression tag'        -5  17 
1 7XH4 GLY A 18 ? UNP Q5JCL3 ? ? 'expression tag'        -4  18 
1 7XH4 SER A 19 ? UNP Q5JCL3 ? ? 'expression tag'        -3  19 
1 7XH4 HIS A 20 ? UNP Q5JCL3 ? ? 'expression tag'        -2  20 
1 7XH4 MET A 21 ? UNP Q5JCL3 ? ? 'expression tag'        -1  21 
1 7XH4 ALA A 22 ? UNP Q5JCL3 ? ? 'expression tag'        0   22 
# 
loop_
_chem_comp.id 
_chem_comp.type 
_chem_comp.mon_nstd_flag 
_chem_comp.name 
_chem_comp.pdbx_synonyms 
_chem_comp.formula 
_chem_comp.formula_weight 
ALA 'L-peptide linking' y ALANINE                                                     ? 'C3 H7 N O2'        89.093  
ARG 'L-peptide linking' y ARGININE                                                    ? 'C6 H15 N4 O2 1'    175.209 
ASN 'L-peptide linking' y ASPARAGINE                                                  ? 'C4 H8 N2 O3'       132.118 
ASP 'L-peptide linking' y 'ASPARTIC ACID'                                             ? 'C4 H7 N O4'        133.103 
CYS 'L-peptide linking' y CYSTEINE                                                    ? 'C3 H7 N O2 S'      121.158 
EN7 non-polymer         . 'Safracin A'                                                ? 'C28 H36 N4 O6'     524.609 
GLN 'L-peptide linking' y GLUTAMINE                                                   ? 'C5 H10 N2 O3'      146.144 
GLU 'L-peptide linking' y 'GLUTAMIC ACID'                                             ? 'C5 H9 N O4'        147.129 
GLY 'peptide linking'   y GLYCINE                                                     ? 'C2 H5 N O2'        75.067  
HIS 'L-peptide linking' y HISTIDINE                                                   ? 'C6 H10 N3 O2 1'    156.162 
HOH non-polymer         . WATER                                                       ? 'H2 O'              18.015  
ILE 'L-peptide linking' y ISOLEUCINE                                                  ? 'C6 H13 N O2'       131.173 
LEU 'L-peptide linking' y LEUCINE                                                     ? 'C6 H13 N O2'       131.173 
LYS 'L-peptide linking' y LYSINE                                                      ? 'C6 H15 N2 O2 1'    147.195 
MET 'L-peptide linking' y METHIONINE                                                  ? 'C5 H11 N O2 S'     149.211 
NDP non-polymer         . 'NADPH DIHYDRO-NICOTINAMIDE-ADENINE-DINUCLEOTIDE PHOSPHATE' ? 'C21 H30 N7 O17 P3' 745.421 
PHE 'L-peptide linking' y PHENYLALANINE                                               ? 'C9 H11 N O2'       165.189 
PRO 'L-peptide linking' y PROLINE                                                     ? 'C5 H9 N O2'        115.130 
SER 'L-peptide linking' y SERINE                                                      ? 'C3 H7 N O3'        105.093 
THR 'L-peptide linking' y THREONINE                                                   ? 'C4 H9 N O3'        119.119 
TRP 'L-peptide linking' y TRYPTOPHAN                                                  ? 'C11 H12 N2 O2'     204.225 
TYR 'L-peptide linking' y TYROSINE                                                    ? 'C9 H11 N O3'       181.189 
VAL 'L-peptide linking' y VALINE                                                      ? 'C5 H11 N O2'       117.146 
# 
_exptl.absorpt_coefficient_mu     ? 
_exptl.absorpt_correction_T_max   ? 
_exptl.absorpt_correction_T_min   ? 
_exptl.absorpt_correction_type    ? 
_exptl.absorpt_process_details    ? 
_exptl.entry_id                   7XH4 
_exptl.crystals_number            1 
_exptl.details                    ? 
_exptl.method                     'X-RAY DIFFRACTION' 
_exptl.method_details             ? 
# 
_exptl_crystal.colour                       ? 
_exptl_crystal.density_diffrn               ? 
_exptl_crystal.density_Matthews             2.44 
_exptl_crystal.density_method               ? 
_exptl_crystal.density_percent_sol          49.49 
_exptl_crystal.description                  ? 
_exptl_crystal.F_000                        ? 
_exptl_crystal.id                           1 
_exptl_crystal.preparation                  ? 
_exptl_crystal.size_max                     ? 
_exptl_crystal.size_mid                     ? 
_exptl_crystal.size_min                     ? 
_exptl_crystal.size_rad                     ? 
_exptl_crystal.colour_lustre                ? 
_exptl_crystal.colour_modifier              ? 
_exptl_crystal.colour_primary               ? 
_exptl_crystal.density_meas                 ? 
_exptl_crystal.density_meas_esd             ? 
_exptl_crystal.density_meas_gt              ? 
_exptl_crystal.density_meas_lt              ? 
_exptl_crystal.density_meas_temp            ? 
_exptl_crystal.density_meas_temp_esd        ? 
_exptl_crystal.density_meas_temp_gt         ? 
_exptl_crystal.density_meas_temp_lt         ? 
_exptl_crystal.pdbx_crystal_image_url       ? 
_exptl_crystal.pdbx_crystal_image_format    ? 
_exptl_crystal.pdbx_mosaicity               ? 
_exptl_crystal.pdbx_mosaicity_esd           ? 
_exptl_crystal.pdbx_mosaic_method           ? 
_exptl_crystal.pdbx_mosaic_block_size       ? 
_exptl_crystal.pdbx_mosaic_block_size_esd   ? 
# 
_exptl_crystal_grow.apparatus       ? 
_exptl_crystal_grow.atmosphere      ? 
_exptl_crystal_grow.crystal_id      1 
_exptl_crystal_grow.details         ? 
_exptl_crystal_grow.method          'VAPOR DIFFUSION, HANGING DROP' 
_exptl_crystal_grow.method_ref      ? 
_exptl_crystal_grow.pH              ? 
_exptl_crystal_grow.pressure        ? 
_exptl_crystal_grow.pressure_esd    ? 
_exptl_crystal_grow.seeding         ? 
_exptl_crystal_grow.seeding_ref     ? 
_exptl_crystal_grow.temp            289 
_exptl_crystal_grow.temp_details    ? 
_exptl_crystal_grow.temp_esd        ? 
_exptl_crystal_grow.time            ? 
_exptl_crystal_grow.pdbx_details    '28% (w/v) PEG 1500, 100mM PCB buffer pH 7.0' 
_exptl_crystal_grow.pdbx_pH_range   ? 
# 
_diffrn.ambient_environment              ? 
_diffrn.ambient_temp                     100 
_diffrn.ambient_temp_details             ? 
_diffrn.ambient_temp_esd                 ? 
_diffrn.crystal_id                       1 
_diffrn.crystal_support                  ? 
_diffrn.crystal_treatment                ? 
_diffrn.details                          ? 
_diffrn.id                               1 
_diffrn.ambient_pressure                 ? 
_diffrn.ambient_pressure_esd             ? 
_diffrn.ambient_pressure_gt              ? 
_diffrn.ambient_pressure_lt              ? 
_diffrn.ambient_temp_gt                  ? 
_diffrn.ambient_temp_lt                  ? 
_diffrn.pdbx_serial_crystal_experiment   N 
# 
_diffrn_detector.details                      ? 
_diffrn_detector.detector                     PIXEL 
_diffrn_detector.diffrn_id                    1 
_diffrn_detector.type                         'RIGAKU HyPix-6000HE' 
_diffrn_detector.area_resol_mean              ? 
_diffrn_detector.dtime                        ? 
_diffrn_detector.pdbx_frames_total            ? 
_diffrn_detector.pdbx_collection_time_total   ? 
_diffrn_detector.pdbx_collection_date         2021-09-02 
_diffrn_detector.pdbx_frequency               ? 
# 
_diffrn_radiation.collimation                      ? 
_diffrn_radiation.diffrn_id                        1 
_diffrn_radiation.filter_edge                      ? 
_diffrn_radiation.inhomogeneity                    ? 
_diffrn_radiation.monochromator                    ? 
_diffrn_radiation.polarisn_norm                    ? 
_diffrn_radiation.polarisn_ratio                   ? 
_diffrn_radiation.probe                            ? 
_diffrn_radiation.type                             ? 
_diffrn_radiation.xray_symbol                      ? 
_diffrn_radiation.wavelength_id                    1 
_diffrn_radiation.pdbx_monochromatic_or_laue_m_l   M 
_diffrn_radiation.pdbx_wavelength_list             ? 
_diffrn_radiation.pdbx_wavelength                  ? 
_diffrn_radiation.pdbx_diffrn_protocol             'SINGLE WAVELENGTH' 
_diffrn_radiation.pdbx_analyzer                    ? 
_diffrn_radiation.pdbx_scattering_type             x-ray 
# 
_diffrn_radiation_wavelength.id           1 
_diffrn_radiation_wavelength.wavelength   1.54184 
_diffrn_radiation_wavelength.wt           1.0 
# 
_diffrn_source.current                     ? 
_diffrn_source.details                     ? 
_diffrn_source.diffrn_id                   1 
_diffrn_source.power                       ? 
_diffrn_source.size                        ? 
_diffrn_source.source                      'ROTATING ANODE' 
_diffrn_source.target                      ? 
_diffrn_source.type                        'RIGAKU PhotonJet-R' 
_diffrn_source.voltage                     ? 
_diffrn_source.take-off_angle              ? 
_diffrn_source.pdbx_wavelength_list        1.54184 
_diffrn_source.pdbx_wavelength             ? 
_diffrn_source.pdbx_synchrotron_beamline   ? 
_diffrn_source.pdbx_synchrotron_site       ? 
# 
_reflns.B_iso_Wilson_estimate                          ? 
_reflns.entry_id                                       7XH4 
_reflns.data_reduction_details                         ? 
_reflns.data_reduction_method                          ? 
_reflns.d_resolution_high                              2.20 
_reflns.d_resolution_low                               29.76 
_reflns.details                                        ? 
_reflns.limit_h_max                                    ? 
_reflns.limit_h_min                                    ? 
_reflns.limit_k_max                                    ? 
_reflns.limit_k_min                                    ? 
_reflns.limit_l_max                                    ? 
_reflns.limit_l_min                                    ? 
_reflns.number_all                                     ? 
_reflns.number_obs                                     11851 
_reflns.observed_criterion                             ? 
_reflns.observed_criterion_F_max                       ? 
_reflns.observed_criterion_F_min                       ? 
_reflns.observed_criterion_I_max                       ? 
_reflns.observed_criterion_I_min                       ? 
_reflns.observed_criterion_sigma_F                     ? 
_reflns.observed_criterion_sigma_I                     ? 
_reflns.percent_possible_obs                           99.7 
_reflns.R_free_details                                 ? 
_reflns.Rmerge_F_all                                   ? 
_reflns.Rmerge_F_obs                                   ? 
_reflns.Friedel_coverage                               ? 
_reflns.number_gt                                      ? 
_reflns.threshold_expression                           ? 
_reflns.pdbx_redundancy                                20 
_reflns.pdbx_Rmerge_I_obs                              0.078 
_reflns.pdbx_Rmerge_I_all                              ? 
_reflns.pdbx_Rsym_value                                ? 
_reflns.pdbx_netI_over_av_sigmaI                       ? 
_reflns.pdbx_netI_over_sigmaI                          55.28 
_reflns.pdbx_res_netI_over_av_sigmaI_2                 ? 
_reflns.pdbx_res_netI_over_sigmaI_2                    ? 
_reflns.pdbx_chi_squared                               ? 
_reflns.pdbx_scaling_rejects                           ? 
_reflns.pdbx_d_res_high_opt                            ? 
_reflns.pdbx_d_res_low_opt                             ? 
_reflns.pdbx_d_res_opt_method                          ? 
_reflns.phase_calculation_details                      ? 
_reflns.pdbx_Rrim_I_all                                ? 
_reflns.pdbx_Rpim_I_all                                ? 
_reflns.pdbx_d_opt                                     ? 
_reflns.pdbx_number_measured_all                       ? 
_reflns.pdbx_diffrn_id                                 1 
_reflns.pdbx_ordinal                                   1 
_reflns.pdbx_CC_half                                   ? 
_reflns.pdbx_CC_star                                   ? 
_reflns.pdbx_R_split                                   ? 
_reflns.pdbx_aniso_diffraction_limit_axis_1_ortho[1]   ? 
_reflns.pdbx_aniso_diffraction_limit_axis_1_ortho[2]   ? 
_reflns.pdbx_aniso_diffraction_limit_axis_1_ortho[3]   ? 
_reflns.pdbx_aniso_diffraction_limit_axis_2_ortho[1]   ? 
_reflns.pdbx_aniso_diffraction_limit_axis_2_ortho[2]   ? 
_reflns.pdbx_aniso_diffraction_limit_axis_2_ortho[3]   ? 
_reflns.pdbx_aniso_diffraction_limit_axis_3_ortho[1]   ? 
_reflns.pdbx_aniso_diffraction_limit_axis_3_ortho[2]   ? 
_reflns.pdbx_aniso_diffraction_limit_axis_3_ortho[3]   ? 
_reflns.pdbx_aniso_diffraction_limit_1                 ? 
_reflns.pdbx_aniso_diffraction_limit_2                 ? 
_reflns.pdbx_aniso_diffraction_limit_3                 ? 
_reflns.pdbx_aniso_B_tensor_eigenvector_1_ortho[1]     ? 
_reflns.pdbx_aniso_B_tensor_eigenvector_1_ortho[2]     ? 
_reflns.pdbx_aniso_B_tensor_eigenvector_1_ortho[3]     ? 
_reflns.pdbx_aniso_B_tensor_eigenvector_2_ortho[1]     ? 
_reflns.pdbx_aniso_B_tensor_eigenvector_2_ortho[2]     ? 
_reflns.pdbx_aniso_B_tensor_eigenvector_2_ortho[3]     ? 
_reflns.pdbx_aniso_B_tensor_eigenvector_3_ortho[1]     ? 
_reflns.pdbx_aniso_B_tensor_eigenvector_3_ortho[2]     ? 
_reflns.pdbx_aniso_B_tensor_eigenvector_3_ortho[3]     ? 
_reflns.pdbx_aniso_B_tensor_eigenvalue_1               ? 
_reflns.pdbx_aniso_B_tensor_eigenvalue_2               ? 
_reflns.pdbx_aniso_B_tensor_eigenvalue_3               ? 
_reflns.pdbx_orthogonalization_convention              ? 
_reflns.pdbx_percent_possible_ellipsoidal              ? 
_reflns.pdbx_percent_possible_spherical                ? 
_reflns.pdbx_percent_possible_ellipsoidal_anomalous    ? 
_reflns.pdbx_percent_possible_spherical_anomalous      ? 
_reflns.pdbx_redundancy_anomalous                      ? 
_reflns.pdbx_CC_half_anomalous                         ? 
_reflns.pdbx_absDiff_over_sigma_anomalous              ? 
_reflns.pdbx_percent_possible_anomalous                ? 
_reflns.pdbx_observed_signal_threshold                 ? 
_reflns.pdbx_signal_type                               ? 
_reflns.pdbx_signal_details                            ? 
_reflns.pdbx_signal_software_id                        ? 
_reflns.pdbx_CC_split_method                           ? 
# 
_reflns_shell.d_res_high                                    2.2 
_reflns_shell.d_res_low                                     2.28 
_reflns_shell.meanI_over_sigI_all                           ? 
_reflns_shell.meanI_over_sigI_obs                           ? 
_reflns_shell.number_measured_all                           ? 
_reflns_shell.number_measured_obs                           ? 
_reflns_shell.number_possible                               ? 
_reflns_shell.number_unique_all                             ? 
_reflns_shell.number_unique_obs                             1186 
_reflns_shell.percent_possible_all                          ? 
_reflns_shell.percent_possible_obs                          ? 
_reflns_shell.Rmerge_F_all                                  ? 
_reflns_shell.Rmerge_F_obs                                  ? 
_reflns_shell.Rmerge_I_all                                  ? 
_reflns_shell.Rmerge_I_obs                                  0.496 
_reflns_shell.meanI_over_sigI_gt                            ? 
_reflns_shell.meanI_over_uI_all                             ? 
_reflns_shell.meanI_over_uI_gt                              ? 
_reflns_shell.number_measured_gt                            ? 
_reflns_shell.number_unique_gt                              ? 
_reflns_shell.percent_possible_gt                           ? 
_reflns_shell.Rmerge_F_gt                                   ? 
_reflns_shell.Rmerge_I_gt                                   ? 
_reflns_shell.pdbx_redundancy                               ? 
_reflns_shell.pdbx_Rsym_value                               ? 
_reflns_shell.pdbx_chi_squared                              ? 
_reflns_shell.pdbx_netI_over_sigmaI_all                     ? 
_reflns_shell.pdbx_netI_over_sigmaI_obs                     ? 
_reflns_shell.pdbx_Rrim_I_all                               ? 
_reflns_shell.pdbx_Rpim_I_all                               ? 
_reflns_shell.pdbx_rejects                                  ? 
_reflns_shell.pdbx_ordinal                                  1 
_reflns_shell.pdbx_diffrn_id                                1 
_reflns_shell.pdbx_CC_half                                  ? 
_reflns_shell.pdbx_CC_star                                  ? 
_reflns_shell.pdbx_R_split                                  ? 
_reflns_shell.pdbx_percent_possible_ellipsoidal             ? 
_reflns_shell.pdbx_percent_possible_spherical               ? 
_reflns_shell.pdbx_percent_possible_ellipsoidal_anomalous   ? 
_reflns_shell.pdbx_percent_possible_spherical_anomalous     ? 
_reflns_shell.pdbx_redundancy_anomalous                     ? 
_reflns_shell.pdbx_CC_half_anomalous                        ? 
_reflns_shell.pdbx_absDiff_over_sigma_anomalous             ? 
_reflns_shell.pdbx_percent_possible_anomalous               ? 
# 
_refine.aniso_B[1][1]                            ? 
_refine.aniso_B[1][2]                            ? 
_refine.aniso_B[1][3]                            ? 
_refine.aniso_B[2][2]                            ? 
_refine.aniso_B[2][3]                            ? 
_refine.aniso_B[3][3]                            ? 
_refine.B_iso_max                                74.840 
_refine.B_iso_mean                               34.9333 
_refine.B_iso_min                                16.020 
_refine.correlation_coeff_Fo_to_Fc               ? 
_refine.correlation_coeff_Fo_to_Fc_free          ? 
_refine.details                                  ? 
_refine.diff_density_max                         ? 
_refine.diff_density_max_esd                     ? 
_refine.diff_density_min                         ? 
_refine.diff_density_min_esd                     ? 
_refine.diff_density_rms                         ? 
_refine.diff_density_rms_esd                     ? 
_refine.entry_id                                 7XH4 
_refine.pdbx_refine_id                           'X-RAY DIFFRACTION' 
_refine.ls_abs_structure_details                 ? 
_refine.ls_abs_structure_Flack                   ? 
_refine.ls_abs_structure_Flack_esd               ? 
_refine.ls_abs_structure_Rogers                  ? 
_refine.ls_abs_structure_Rogers_esd              ? 
_refine.ls_d_res_high                            2.2000 
_refine.ls_d_res_low                             29.7600 
_refine.ls_extinction_coef                       ? 
_refine.ls_extinction_coef_esd                   ? 
_refine.ls_extinction_expression                 ? 
_refine.ls_extinction_method                     ? 
_refine.ls_goodness_of_fit_all                   ? 
_refine.ls_goodness_of_fit_all_esd               ? 
_refine.ls_goodness_of_fit_obs                   ? 
_refine.ls_goodness_of_fit_obs_esd               ? 
_refine.ls_hydrogen_treatment                    ? 
_refine.ls_matrix_type                           ? 
_refine.ls_number_constraints                    ? 
_refine.ls_number_parameters                     ? 
_refine.ls_number_reflns_all                     ? 
_refine.ls_number_reflns_obs                     11790 
_refine.ls_number_reflns_R_free                  1177 
_refine.ls_number_reflns_R_work                  10613 
_refine.ls_number_restraints                     ? 
_refine.ls_percent_reflns_obs                    99.6900 
_refine.ls_percent_reflns_R_free                 9.9800 
_refine.ls_R_factor_all                          ? 
_refine.ls_R_factor_obs                          0.2390 
_refine.ls_R_factor_R_free                       0.2821 
_refine.ls_R_factor_R_free_error                 ? 
_refine.ls_R_factor_R_free_error_details         ? 
_refine.ls_R_factor_R_work                       0.2342 
_refine.ls_R_Fsqd_factor_obs                     ? 
_refine.ls_R_I_factor_obs                        ? 
_refine.ls_redundancy_reflns_all                 ? 
_refine.ls_redundancy_reflns_obs                 ? 
_refine.ls_restrained_S_all                      ? 
_refine.ls_restrained_S_obs                      ? 
_refine.ls_shift_over_esd_max                    ? 
_refine.ls_shift_over_esd_mean                   ? 
_refine.ls_structure_factor_coef                 ? 
_refine.ls_weighting_details                     ? 
_refine.ls_weighting_scheme                      ? 
_refine.ls_wR_factor_all                         ? 
_refine.ls_wR_factor_obs                         ? 
_refine.ls_wR_factor_R_free                      ? 
_refine.ls_wR_factor_R_work                      ? 
_refine.occupancy_max                            ? 
_refine.occupancy_min                            ? 
_refine.solvent_model_details                    'FLAT BULK SOLVENT MODEL' 
_refine.solvent_model_param_bsol                 ? 
_refine.solvent_model_param_ksol                 ? 
_refine.pdbx_R_complete                          ? 
_refine.ls_R_factor_gt                           ? 
_refine.ls_goodness_of_fit_gt                    ? 
_refine.ls_goodness_of_fit_ref                   ? 
_refine.ls_shift_over_su_max                     ? 
_refine.ls_shift_over_su_max_lt                  ? 
_refine.ls_shift_over_su_mean                    ? 
_refine.ls_shift_over_su_mean_lt                 ? 
_refine.pdbx_ls_sigma_I                          ? 
_refine.pdbx_ls_sigma_F                          1.340 
_refine.pdbx_ls_sigma_Fsqd                       ? 
_refine.pdbx_data_cutoff_high_absF               ? 
_refine.pdbx_data_cutoff_high_rms_absF           ? 
_refine.pdbx_data_cutoff_low_absF                ? 
_refine.pdbx_isotropic_thermal_model             ? 
_refine.pdbx_ls_cross_valid_method               THROUGHOUT 
_refine.pdbx_method_to_determine_struct          'MOLECULAR REPLACEMENT' 
_refine.pdbx_starting_model                      2XW7 
_refine.pdbx_stereochemistry_target_values       ML 
_refine.pdbx_R_Free_selection_details            ? 
_refine.pdbx_stereochem_target_val_spec_case     ? 
_refine.pdbx_overall_ESU_R                       ? 
_refine.pdbx_overall_ESU_R_Free                  ? 
_refine.pdbx_solvent_vdw_probe_radii             1.1100 
_refine.pdbx_solvent_ion_probe_radii             ? 
_refine.pdbx_solvent_shrinkage_radii             0.9000 
_refine.pdbx_real_space_R                        ? 
_refine.pdbx_density_correlation                 ? 
_refine.pdbx_pd_number_of_powder_patterns        ? 
_refine.pdbx_pd_number_of_points                 ? 
_refine.pdbx_pd_meas_number_of_points            ? 
_refine.pdbx_pd_proc_ls_prof_R_factor            ? 
_refine.pdbx_pd_proc_ls_prof_wR_factor           ? 
_refine.pdbx_pd_Marquardt_correlation_coeff      ? 
_refine.pdbx_pd_Fsqrd_R_factor                   ? 
_refine.pdbx_pd_ls_matrix_band_width             ? 
_refine.pdbx_overall_phase_error                 28.3200 
_refine.pdbx_overall_SU_R_free_Cruickshank_DPI   ? 
_refine.pdbx_overall_SU_R_free_Blow_DPI          ? 
_refine.pdbx_overall_SU_R_Blow_DPI               ? 
_refine.pdbx_TLS_residual_ADP_flag               ? 
_refine.pdbx_diffrn_id                           1 
_refine.overall_SU_B                             ? 
_refine.overall_SU_ML                            0.3400 
_refine.overall_SU_R_Cruickshank_DPI             ? 
_refine.overall_SU_R_free                        ? 
_refine.overall_FOM_free_R_set                   ? 
_refine.overall_FOM_work_R_set                   ? 
_refine.pdbx_average_fsc_overall                 ? 
_refine.pdbx_average_fsc_work                    ? 
_refine.pdbx_average_fsc_free                    ? 
# 
_refine_hist.pdbx_refine_id                   'X-RAY DIFFRACTION' 
_refine_hist.cycle_id                         final 
_refine_hist.details                          ? 
_refine_hist.d_res_high                       2.2000 
_refine_hist.d_res_low                        29.7600 
_refine_hist.number_atoms_solvent             69 
_refine_hist.number_atoms_total               1514 
_refine_hist.number_reflns_all                ? 
_refine_hist.number_reflns_obs                ? 
_refine_hist.number_reflns_R_free             ? 
_refine_hist.number_reflns_R_work             ? 
_refine_hist.R_factor_all                     ? 
_refine_hist.R_factor_obs                     ? 
_refine_hist.R_factor_R_free                  ? 
_refine_hist.R_factor_R_work                  ? 
_refine_hist.pdbx_number_residues_total       177 
_refine_hist.pdbx_B_iso_mean_ligand           36.60 
_refine_hist.pdbx_B_iso_mean_solvent          36.57 
_refine_hist.pdbx_number_atoms_protein        1359 
_refine_hist.pdbx_number_atoms_nucleic_acid   0 
_refine_hist.pdbx_number_atoms_ligand         86 
_refine_hist.pdbx_number_atoms_lipid          ? 
_refine_hist.pdbx_number_atoms_carb           ? 
_refine_hist.pdbx_pseudo_atom_details         ? 
# 
loop_
_refine_ls_shell.pdbx_refine_id 
_refine_ls_shell.d_res_high 
_refine_ls_shell.d_res_low 
_refine_ls_shell.number_reflns_all 
_refine_ls_shell.number_reflns_obs 
_refine_ls_shell.number_reflns_R_free 
_refine_ls_shell.number_reflns_R_work 
_refine_ls_shell.percent_reflns_obs 
_refine_ls_shell.percent_reflns_R_free 
_refine_ls_shell.R_factor_all 
_refine_ls_shell.R_factor_obs 
_refine_ls_shell.R_factor_R_free 
_refine_ls_shell.R_factor_R_free_error 
_refine_ls_shell.R_factor_R_work 
_refine_ls_shell.redundancy_reflns_all 
_refine_ls_shell.redundancy_reflns_obs 
_refine_ls_shell.wR_factor_all 
_refine_ls_shell.wR_factor_obs 
_refine_ls_shell.wR_factor_R_free 
_refine_ls_shell.wR_factor_R_work 
_refine_ls_shell.pdbx_R_complete 
_refine_ls_shell.pdbx_total_number_of_bins_used 
_refine_ls_shell.pdbx_phase_error 
_refine_ls_shell.pdbx_fsc_work 
_refine_ls_shell.pdbx_fsc_free 
'X-RAY DIFFRACTION' 2.2000 2.3000  1431 . 144 1287 100.0000 . . . 0.3578 0.0000 0.3074 . . . . . . . 8 . . . 
'X-RAY DIFFRACTION' 2.3000 2.4200  1419 . 141 1278 100.0000 . . . 0.4052 0.0000 0.3038 . . . . . . . 8 . . . 
'X-RAY DIFFRACTION' 2.4200 2.5700  1435 . 142 1293 100.0000 . . . 0.3702 0.0000 0.3041 . . . . . . . 8 . . . 
'X-RAY DIFFRACTION' 2.5700 2.7700  1444 . 144 1300 99.0000  . . . 0.3405 0.0000 0.3006 . . . . . . . 8 . . . 
'X-RAY DIFFRACTION' 2.7700 3.0500  1453 . 144 1309 100.0000 . . . 0.3227 0.0000 0.2751 . . . . . . . 8 . . . 
'X-RAY DIFFRACTION' 3.0500 3.4900  1478 . 148 1330 100.0000 . . . 0.3206 0.0000 0.2352 . . . . . . . 8 . . . 
'X-RAY DIFFRACTION' 3.4900 4.4000  1506 . 151 1355 100.0000 . . . 0.2362 0.0000 0.1973 . . . . . . . 8 . . . 
'X-RAY DIFFRACTION' 4.4000 29.7600 1624 . 163 1461 100.0000 . . . 0.2094 0.0000 0.1852 . . . . . . . 8 . . . 
# 
_struct.entry_id                     7XH4 
_struct.title                        'Dihydrofolate Reductase-like Protein SacH in safracin biosynthesis complex with safracin A' 
_struct.pdbx_model_details           ? 
_struct.pdbx_formula_weight          ? 
_struct.pdbx_formula_weight_method   ? 
_struct.pdbx_model_type_details      ? 
_struct.pdbx_CASP_flag               N 
# 
_struct_keywords.entry_id        7XH4 
_struct_keywords.text            'reductase, safracin biosynthesis, self-resistance, complex structure., OXIDOREDUCTASE' 
_struct_keywords.pdbx_keywords   OXIDOREDUCTASE 
# 
loop_
_struct_asym.id 
_struct_asym.pdbx_blank_PDB_chainid_flag 
_struct_asym.pdbx_modified 
_struct_asym.entity_id 
_struct_asym.details 
A N N 1 ? 
B N N 2 ? 
C N N 3 ? 
D N N 4 ? 
# 
loop_
_struct_conf.conf_type_id 
_struct_conf.id 
_struct_conf.pdbx_PDB_helix_id 
_struct_conf.beg_label_comp_id 
_struct_conf.beg_label_asym_id 
_struct_conf.beg_label_seq_id 
_struct_conf.pdbx_beg_PDB_ins_code 
_struct_conf.end_label_comp_id 
_struct_conf.end_label_asym_id 
_struct_conf.end_label_seq_id 
_struct_conf.pdbx_end_PDB_ins_code 
_struct_conf.beg_auth_comp_id 
_struct_conf.beg_auth_asym_id 
_struct_conf.beg_auth_seq_id 
_struct_conf.end_auth_comp_id 
_struct_conf.end_auth_asym_id 
_struct_conf.end_auth_seq_id 
_struct_conf.pdbx_PDB_helix_class 
_struct_conf.details 
_struct_conf.pdbx_PDB_helix_length 
HELX_P HELX_P1 AA1 LEU A 45  ? ASN A 50  ? LEU A 23  ASN A 28  1 ? 6  
HELX_P HELX_P2 AA2 ALA A 59  ? GLN A 65  ? ALA A 37  GLN A 43  1 ? 7  
HELX_P HELX_P3 AA3 SER A 74  ? ALA A 84  ? SER A 52  ALA A 62  1 ? 11 
HELX_P HELX_P4 AA4 ASP A 117 ? ALA A 129 ? ASP A 95  ALA A 107 1 ? 13 
HELX_P HELX_P5 AA5 GLY A 139 ? ALA A 149 ? GLY A 117 ALA A 127 1 ? 11 
# 
_struct_conf_type.id          HELX_P 
_struct_conf_type.criteria    ? 
_struct_conf_type.reference   ? 
# 
_struct_mon_prot_cis.pdbx_id                1 
_struct_mon_prot_cis.label_comp_id          GLY 
_struct_mon_prot_cis.label_seq_id           138 
_struct_mon_prot_cis.label_asym_id          A 
_struct_mon_prot_cis.label_alt_id           . 
_struct_mon_prot_cis.pdbx_PDB_ins_code      ? 
_struct_mon_prot_cis.auth_comp_id           GLY 
_struct_mon_prot_cis.auth_seq_id            116 
_struct_mon_prot_cis.auth_asym_id           A 
_struct_mon_prot_cis.pdbx_label_comp_id_2   GLY 
_struct_mon_prot_cis.pdbx_label_seq_id_2    139 
_struct_mon_prot_cis.pdbx_label_asym_id_2   A 
_struct_mon_prot_cis.pdbx_PDB_ins_code_2    ? 
_struct_mon_prot_cis.pdbx_auth_comp_id_2    GLY 
_struct_mon_prot_cis.pdbx_auth_seq_id_2     117 
_struct_mon_prot_cis.pdbx_auth_asym_id_2    A 
_struct_mon_prot_cis.pdbx_PDB_model_num     1 
_struct_mon_prot_cis.pdbx_omega_angle       1.32 
# 
loop_
_struct_sheet.id 
_struct_sheet.type 
_struct_sheet.number_strands 
_struct_sheet.details 
AA1 ? 8 ? 
AA2 ? 2 ? 
# 
loop_
_struct_sheet_order.sheet_id 
_struct_sheet_order.range_id_1 
_struct_sheet_order.range_id_2 
_struct_sheet_order.offset 
_struct_sheet_order.sense 
AA1 1 2 ? parallel      
AA1 2 3 ? parallel      
AA1 3 4 ? parallel      
AA1 4 5 ? parallel      
AA1 5 6 ? parallel      
AA1 6 7 ? anti-parallel 
AA1 7 8 ? anti-parallel 
AA2 1 2 ? anti-parallel 
# 
loop_
_struct_sheet_range.sheet_id 
_struct_sheet_range.id 
_struct_sheet_range.beg_label_comp_id 
_struct_sheet_range.beg_label_asym_id 
_struct_sheet_range.beg_label_seq_id 
_struct_sheet_range.pdbx_beg_PDB_ins_code 
_struct_sheet_range.end_label_comp_id 
_struct_sheet_range.end_label_asym_id 
_struct_sheet_range.end_label_seq_id 
_struct_sheet_range.pdbx_end_PDB_ins_code 
_struct_sheet_range.beg_auth_comp_id 
_struct_sheet_range.beg_auth_asym_id 
_struct_sheet_range.beg_auth_seq_id 
_struct_sheet_range.end_auth_comp_id 
_struct_sheet_range.end_auth_asym_id 
_struct_sheet_range.end_auth_seq_id 
AA1 1 ILE A 111 ? LEU A 114 ? ILE A 89  LEU A 92  
AA1 2 ALA A 95  ? MET A 98  ? ALA A 73  MET A 76  
AA1 3 ILE A 67  ? GLY A 73  ? ILE A 45  GLY A 51  
AA1 4 ASN A 133 ? GLY A 138 ? ASN A 111 GLY A 116 
AA1 5 LEU A 26  ? THR A 33  ? LEU A 4   THR A 11  
AA1 6 GLN A 154 ? ILE A 160 ? GLN A 132 ILE A 138 
AA1 7 MET A 192 ? VAL A 198 ? MET A 170 VAL A 176 
AA1 8 VAL A 179 ? THR A 186 ? VAL A 157 THR A 164 
AA2 1 TYR A 37  ? ALA A 39  ? TYR A 15  ALA A 17  
AA2 2 VAL A 168 ? PRO A 169 ? VAL A 146 PRO A 147 
# 
loop_
_pdbx_struct_sheet_hbond.sheet_id 
_pdbx_struct_sheet_hbond.range_id_1 
_pdbx_struct_sheet_hbond.range_id_2 
_pdbx_struct_sheet_hbond.range_1_label_atom_id 
_pdbx_struct_sheet_hbond.range_1_label_comp_id 
_pdbx_struct_sheet_hbond.range_1_label_asym_id 
_pdbx_struct_sheet_hbond.range_1_label_seq_id 
_pdbx_struct_sheet_hbond.range_1_PDB_ins_code 
_pdbx_struct_sheet_hbond.range_1_auth_atom_id 
_pdbx_struct_sheet_hbond.range_1_auth_comp_id 
_pdbx_struct_sheet_hbond.range_1_auth_asym_id 
_pdbx_struct_sheet_hbond.range_1_auth_seq_id 
_pdbx_struct_sheet_hbond.range_2_label_atom_id 
_pdbx_struct_sheet_hbond.range_2_label_comp_id 
_pdbx_struct_sheet_hbond.range_2_label_asym_id 
_pdbx_struct_sheet_hbond.range_2_label_seq_id 
_pdbx_struct_sheet_hbond.range_2_PDB_ins_code 
_pdbx_struct_sheet_hbond.range_2_auth_atom_id 
_pdbx_struct_sheet_hbond.range_2_auth_comp_id 
_pdbx_struct_sheet_hbond.range_2_auth_asym_id 
_pdbx_struct_sheet_hbond.range_2_auth_seq_id 
AA1 1 2 O THR A 112 ? O THR A 90  N VAL A 97  ? N VAL A 75  
AA1 2 3 O MET A 98  ? O MET A 76  N MET A 72  ? N MET A 50  
AA1 3 4 N GLY A 68  ? N GLY A 46  O ASN A 133 ? O ASN A 111 
AA1 4 5 O LEU A 136 ? O LEU A 114 N VAL A 27  ? N VAL A 5   
AA1 5 6 N ALA A 32  ? N ALA A 10  O THR A 158 ? O THR A 136 
AA1 6 7 N LEU A 155 ? N LEU A 133 O LEU A 196 ? O LEU A 174 
AA1 7 8 O ASP A 197 ? O ASP A 175 N VAL A 180 ? N VAL A 158 
AA2 1 2 N ALA A 39  ? N ALA A 17  O VAL A 168 ? O VAL A 146 
# 
_atom_sites.entry_id                    7XH4 
_atom_sites.Cartn_transf_matrix[1][1]   ? 
_atom_sites.Cartn_transf_matrix[1][2]   ? 
_atom_sites.Cartn_transf_matrix[1][3]   ? 
_atom_sites.Cartn_transf_matrix[2][1]   ? 
_atom_sites.Cartn_transf_matrix[2][2]   ? 
_atom_sites.Cartn_transf_matrix[2][3]   ? 
_atom_sites.Cartn_transf_matrix[3][1]   ? 
_atom_sites.Cartn_transf_matrix[3][2]   ? 
_atom_sites.Cartn_transf_matrix[3][3]   ? 
_atom_sites.Cartn_transf_vector[1]      ? 
_atom_sites.Cartn_transf_vector[2]      ? 
_atom_sites.Cartn_transf_vector[3]      ? 
_atom_sites.fract_transf_matrix[1][1]   -0.00466662 
_atom_sites.fract_transf_matrix[1][2]   -0.01174465 
_atom_sites.fract_transf_matrix[1][3]   0.01107092 
_atom_sites.fract_transf_matrix[2][1]   -0.01593868 
_atom_sites.fract_transf_matrix[2][2]   -0.00529749 
_atom_sites.fract_transf_matrix[2][3]   0.00041083 
_atom_sites.fract_transf_matrix[3][1]   0.00139988 
_atom_sites.fract_transf_matrix[3][2]   -0.00453956 
_atom_sites.fract_transf_matrix[3][3]   -0.00422574 
_atom_sites.fract_transf_vector[1]      0.214054 
_atom_sites.fract_transf_vector[2]      -0.261732 
_atom_sites.fract_transf_vector[3]      -0.076001 
_atom_sites.solution_primary            ? 
_atom_sites.solution_secondary          ? 
_atom_sites.solution_hydrogens          ? 
_atom_sites.special_details             ? 
# 
loop_
_atom_type.symbol 
C 
N 
O 
P 
S 
# 
loop_
_atom_site.group_PDB 
_atom_site.id 
_atom_site.type_symbol 
_atom_site.label_atom_id 
_atom_site.label_alt_id 
_atom_site.label_comp_id 
_atom_site.label_asym_id 
_atom_site.label_entity_id 
_atom_site.label_seq_id 
_atom_site.pdbx_PDB_ins_code 
_atom_site.Cartn_x 
_atom_site.Cartn_y 
_atom_site.Cartn_z 
_atom_site.occupancy 
_atom_site.B_iso_or_equiv 
_atom_site.pdbx_formal_charge 
_atom_site.auth_seq_id 
_atom_site.auth_comp_id 
_atom_site.auth_asym_id 
_atom_site.auth_atom_id 
_atom_site.pdbx_PDB_model_num 
ATOM   1    N N   . MET A 1 23  ? 6.890   -17.454 6.881   1.00 57.17 ? 1   MET A N   1 
ATOM   2    C CA  . MET A 1 23  ? 5.474   -17.331 7.224   1.00 54.86 ? 1   MET A CA  1 
ATOM   3    C C   . MET A 1 23  ? 4.708   -16.547 6.143   1.00 55.11 ? 1   MET A C   1 
ATOM   4    O O   . MET A 1 23  ? 4.969   -16.732 4.941   1.00 49.11 ? 1   MET A O   1 
ATOM   5    C CB  . MET A 1 23  ? 5.310   -16.691 8.627   1.00 55.92 ? 1   MET A CB  1 
ATOM   6    C CG  . MET A 1 23  ? 6.255   -15.504 8.958   1.00 57.18 ? 1   MET A CG  1 
ATOM   7    S SD  . MET A 1 23  ? 7.973   -15.885 9.499   1.00 74.84 ? 1   MET A SD  1 
ATOM   8    C CE  . MET A 1 23  ? 7.798   -16.446 11.199  1.00 61.42 ? 1   MET A CE  1 
ATOM   9    N N   . SER A 1 24  ? 3.764   -15.703 6.578   1.00 51.71 ? 2   SER A N   1 
ATOM   10   C CA  . SER A 1 24  ? 2.926   -14.896 5.691   1.00 47.46 ? 2   SER A CA  1 
ATOM   11   C C   . SER A 1 24  ? 3.507   -13.486 5.559   1.00 48.97 ? 2   SER A C   1 
ATOM   12   O O   . SER A 1 24  ? 3.898   -12.879 6.563   1.00 48.53 ? 2   SER A O   1 
ATOM   13   C CB  . SER A 1 24  ? 1.494   -14.843 6.235   1.00 48.29 ? 2   SER A CB  1 
ATOM   14   O OG  . SER A 1 24  ? 0.828   -13.610 5.956   1.00 46.37 ? 2   SER A OG  1 
ATOM   15   N N   . THR A 1 25  ? 3.539   -12.964 4.325   1.00 41.50 ? 3   THR A N   1 
ATOM   16   C CA  . THR A 1 25  ? 4.305   -11.759 3.984   1.00 38.23 ? 3   THR A CA  1 
ATOM   17   C C   . THR A 1 25  ? 3.475   -10.485 4.136   1.00 36.26 ? 3   THR A C   1 
ATOM   18   O O   . THR A 1 25  ? 2.360   -10.389 3.608   1.00 33.08 ? 3   THR A O   1 
ATOM   19   C CB  . THR A 1 25  ? 4.817   -11.851 2.545   1.00 36.31 ? 3   THR A CB  1 
ATOM   20   O OG1 . THR A 1 25  ? 5.287   -13.181 2.292   1.00 39.77 ? 3   THR A OG1 1 
ATOM   21   C CG2 . THR A 1 25  ? 5.942   -10.853 2.289   1.00 37.92 ? 3   THR A CG2 1 
ATOM   22   N N   . LEU A 1 26  ? 4.030   -9.494  4.834   1.00 35.63 ? 4   LEU A N   1 
ATOM   23   C CA  . LEU A 1 26  ? 3.453   -8.154  4.849   1.00 30.88 ? 4   LEU A CA  1 
ATOM   24   C C   . LEU A 1 26  ? 4.105   -7.381  3.710   1.00 33.03 ? 4   LEU A C   1 
ATOM   25   O O   . LEU A 1 26  ? 5.299   -7.056  3.779   1.00 33.39 ? 4   LEU A O   1 
ATOM   26   C CB  . LEU A 1 26  ? 3.668   -7.484  6.203   1.00 28.21 ? 4   LEU A CB  1 
ATOM   27   C CG  . LEU A 1 26  ? 3.232   -6.021  6.357   1.00 30.88 ? 4   LEU A CG  1 
ATOM   28   C CD1 . LEU A 1 26  ? 1.835   -5.793  5.840   1.00 29.05 ? 4   LEU A CD1 1 
ATOM   29   C CD2 . LEU A 1 26  ? 3.342   -5.559  7.805   1.00 30.46 ? 4   LEU A CD2 1 
ATOM   30   N N   . VAL A 1 27  ? 3.343   -7.135  2.641   1.00 25.65 ? 5   VAL A N   1 
ATOM   31   C CA  . VAL A 1 27  ? 3.870   -6.553  1.409   1.00 24.21 ? 5   VAL A CA  1 
ATOM   32   C C   . VAL A 1 27  ? 3.276   -5.163  1.216   1.00 26.53 ? 5   VAL A C   1 
ATOM   33   O O   . VAL A 1 27  ? 2.084   -4.946  1.462   1.00 29.19 ? 5   VAL A O   1 
ATOM   34   C CB  . VAL A 1 27  ? 3.589   -7.443  0.182   1.00 25.07 ? 5   VAL A CB  1 
ATOM   35   C CG1 . VAL A 1 27  ? 2.097   -7.713  0.008   1.00 26.53 ? 5   VAL A CG1 1 
ATOM   36   C CG2 . VAL A 1 27  ? 4.128   -6.789  -1.078  1.00 28.00 ? 5   VAL A CG2 1 
ATOM   37   N N   . TYR A 1 28  ? 4.113   -4.224  0.779   1.00 24.68 ? 6   TYR A N   1 
ATOM   38   C CA  . TYR A 1 28  ? 3.724   -2.847  0.479   1.00 23.83 ? 6   TYR A CA  1 
ATOM   39   C C   . TYR A 1 28  ? 3.704   -2.725  -1.040  1.00 21.96 ? 6   TYR A C   1 
ATOM   40   O O   . TYR A 1 28  ? 4.739   -2.515  -1.683  1.00 22.80 ? 6   TYR A O   1 
ATOM   41   C CB  . TYR A 1 28  ? 4.702   -1.869  1.133   1.00 27.40 ? 6   TYR A CB  1 
ATOM   42   C CG  . TYR A 1 28  ? 4.394   -0.391  1.011   1.00 22.41 ? 6   TYR A CG  1 
ATOM   43   C CD1 . TYR A 1 28  ? 3.127   0.066   0.654   1.00 23.74 ? 6   TYR A CD1 1 
ATOM   44   C CD2 . TYR A 1 28  ? 5.375   0.553   1.298   1.00 21.72 ? 6   TYR A CD2 1 
ATOM   45   C CE1 . TYR A 1 28  ? 2.852   1.423   0.568   1.00 26.99 ? 6   TYR A CE1 1 
ATOM   46   C CE2 . TYR A 1 28  ? 5.116   1.908   1.204   1.00 24.13 ? 6   TYR A CE2 1 
ATOM   47   C CZ  . TYR A 1 28  ? 3.856   2.345   0.840   1.00 25.35 ? 6   TYR A CZ  1 
ATOM   48   O OH  . TYR A 1 28  ? 3.599   3.701   0.763   1.00 22.13 ? 6   TYR A OH  1 
ATOM   49   N N   . TYR A 1 29  ? 2.523   -2.905  -1.620  1.00 16.88 ? 7   TYR A N   1 
ATOM   50   C CA  . TYR A 1 29  ? 2.357   -2.829  -3.064  1.00 22.35 ? 7   TYR A CA  1 
ATOM   51   C C   . TYR A 1 29  ? 1.766   -1.463  -3.365  1.00 24.51 ? 7   TYR A C   1 
ATOM   52   O O   . TYR A 1 29  ? 0.672   -1.136  -2.883  1.00 19.86 ? 7   TYR A O   1 
ATOM   53   C CB  . TYR A 1 29  ? 1.471   -3.968  -3.561  1.00 22.64 ? 7   TYR A CB  1 
ATOM   54   C CG  . TYR A 1 29  ? 0.992   -3.925  -5.003  1.00 20.90 ? 7   TYR A CG  1 
ATOM   55   C CD1 . TYR A 1 29  ? -0.109  -3.160  -5.364  1.00 24.21 ? 7   TYR A CD1 1 
ATOM   56   C CD2 . TYR A 1 29  ? 1.592   -4.711  -5.986  1.00 20.43 ? 7   TYR A CD2 1 
ATOM   57   C CE1 . TYR A 1 29  ? -0.584  -3.142  -6.687  1.00 25.32 ? 7   TYR A CE1 1 
ATOM   58   C CE2 . TYR A 1 29  ? 1.127   -4.716  -7.302  1.00 22.30 ? 7   TYR A CE2 1 
ATOM   59   C CZ  . TYR A 1 29  ? 0.034   -3.922  -7.651  1.00 25.82 ? 7   TYR A CZ  1 
ATOM   60   O OH  . TYR A 1 29  ? -0.449  -3.891  -8.950  1.00 22.78 ? 7   TYR A OH  1 
ATOM   61   N N   . VAL A 1 30  ? 2.509   -0.651  -4.115  1.00 22.80 ? 8   VAL A N   1 
ATOM   62   C CA  . VAL A 1 30  ? 2.208   0.774   -4.238  1.00 24.93 ? 8   VAL A CA  1 
ATOM   63   C C   . VAL A 1 30  ? 2.718   1.268   -5.585  1.00 22.14 ? 8   VAL A C   1 
ATOM   64   O O   . VAL A 1 30  ? 3.582   0.649   -6.207  1.00 22.79 ? 8   VAL A O   1 
ATOM   65   C CB  . VAL A 1 30  ? 2.828   1.569   -3.049  1.00 25.36 ? 8   VAL A CB  1 
ATOM   66   C CG1 . VAL A 1 30  ? 4.361   1.615   -3.136  1.00 23.39 ? 8   VAL A CG1 1 
ATOM   67   C CG2 . VAL A 1 30  ? 2.233   2.973   -2.931  1.00 25.52 ? 8   VAL A CG2 1 
ATOM   68   N N   . ALA A 1 31  ? 2.152   2.382   -6.050  1.00 18.68 ? 9   ALA A N   1 
ATOM   69   C CA  . ALA A 1 31  ? 2.633   3.100   -7.225  1.00 22.05 ? 9   ALA A CA  1 
ATOM   70   C C   . ALA A 1 31  ? 3.201   4.450   -6.799  1.00 23.36 ? 9   ALA A C   1 
ATOM   71   O O   . ALA A 1 31  ? 2.580   5.161   -5.999  1.00 20.42 ? 9   ALA A O   1 
ATOM   72   C CB  . ALA A 1 31  ? 1.509   3.322   -8.247  1.00 22.60 ? 9   ALA A CB  1 
ATOM   73   N N   . ALA A 1 32  ? 4.370   4.817   -7.341  1.00 23.44 ? 10  ALA A N   1 
ATOM   74   C CA  . ALA A 1 32  ? 5.078   6.012   -6.875  1.00 20.75 ? 10  ALA A CA  1 
ATOM   75   C C   . ALA A 1 32  ? 5.721   6.773   -8.033  1.00 24.32 ? 10  ALA A C   1 
ATOM   76   O O   . ALA A 1 32  ? 5.963   6.228   -9.112  1.00 21.43 ? 10  ALA A O   1 
ATOM   77   C CB  . ALA A 1 32  ? 6.142   5.637   -5.825  1.00 20.72 ? 10  ALA A CB  1 
ATOM   78   N N   . THR A 1 33  ? 6.008   8.053   -7.797  1.00 22.49 ? 11  THR A N   1 
ATOM   79   C CA  . THR A 1 33  ? 6.692   8.856   -8.801  1.00 22.03 ? 11  THR A CA  1 
ATOM   80   C C   . THR A 1 33  ? 8.185   8.522   -8.835  1.00 21.79 ? 11  THR A C   1 
ATOM   81   O O   . THR A 1 33  ? 8.693   7.713   -8.055  1.00 21.08 ? 11  THR A O   1 
ATOM   82   C CB  . THR A 1 33  ? 6.507   10.338  -8.512  1.00 23.80 ? 11  THR A CB  1 
ATOM   83   O OG1 . THR A 1 33  ? 7.112   10.624  -7.251  1.00 23.50 ? 11  THR A OG1 1 
ATOM   84   C CG2 . THR A 1 33  ? 5.016   10.704  -8.476  1.00 23.66 ? 11  THR A CG2 1 
ATOM   85   N N   . LEU A 1 34  ? 8.912   9.161   -9.751  1.00 23.78 ? 12  LEU A N   1 
ATOM   86   C CA  . LEU A 1 34  ? 10.346  8.918   -9.797  1.00 18.44 ? 12  LEU A CA  1 
ATOM   87   C C   . LEU A 1 34  ? 11.056  9.579   -8.625  1.00 20.43 ? 12  LEU A C   1 
ATOM   88   O O   . LEU A 1 34  ? 12.141  9.129   -8.244  1.00 23.48 ? 12  LEU A O   1 
ATOM   89   C CB  . LEU A 1 34  ? 10.930  9.403   -11.128 1.00 21.98 ? 12  LEU A CB  1 
ATOM   90   C CG  . LEU A 1 34  ? 10.895  8.377   -12.262 1.00 20.68 ? 12  LEU A CG  1 
ATOM   91   C CD1 . LEU A 1 34  ? 11.180  9.065   -13.561 1.00 24.94 ? 12  LEU A CD1 1 
ATOM   92   C CD2 . LEU A 1 34  ? 11.939  7.305   -11.991 1.00 20.96 ? 12  LEU A CD2 1 
ATOM   93   N N   . ASP A 1 35  ? 10.469  10.619  -8.026  1.00 16.97 ? 13  ASP A N   1 
ATOM   94   C CA  . ASP A 1 35  ? 11.000  11.170  -6.789  1.00 23.79 ? 13  ASP A CA  1 
ATOM   95   C C   . ASP A 1 35  ? 10.275  10.633  -5.549  1.00 20.17 ? 13  ASP A C   1 
ATOM   96   O O   . ASP A 1 35  ? 10.254  11.298  -4.508  1.00 24.47 ? 13  ASP A O   1 
ATOM   97   C CB  . ASP A 1 35  ? 10.996  12.713  -6.812  1.00 22.69 ? 13  ASP A CB  1 
ATOM   98   C CG  . ASP A 1 35  ? 9.687   13.329  -7.355  1.00 24.47 ? 13  ASP A CG  1 
ATOM   99   O OD1 . ASP A 1 35  ? 8.693   12.618  -7.662  1.00 23.92 ? 13  ASP A OD1 1 
ATOM   100  O OD2 . ASP A 1 35  ? 9.647   14.575  -7.424  1.00 22.36 ? 13  ASP A OD2 1 
ATOM   101  N N   . GLY A 1 36  ? 9.700   9.440   -5.631  1.00 18.99 ? 14  GLY A N   1 
ATOM   102  C CA  . GLY A 1 36  ? 9.302   8.719   -4.424  1.00 17.98 ? 14  GLY A CA  1 
ATOM   103  C C   . GLY A 1 36  ? 8.090   9.258   -3.703  1.00 22.74 ? 14  GLY A C   1 
ATOM   104  O O   . GLY A 1 36  ? 8.057   9.243   -2.463  1.00 22.86 ? 14  GLY A O   1 
ATOM   105  N N   . TYR A 1 37  ? 7.085   9.722   -4.451  1.00 24.19 ? 15  TYR A N   1 
ATOM   106  C CA  . TYR A 1 37  ? 5.850   10.267  -3.904  1.00 26.06 ? 15  TYR A CA  1 
ATOM   107  C C   . TYR A 1 37  ? 4.666   9.424   -4.360  1.00 24.42 ? 15  TYR A C   1 
ATOM   108  O O   . TYR A 1 37  ? 4.583   9.036   -5.532  1.00 22.45 ? 15  TYR A O   1 
ATOM   109  C CB  . TYR A 1 37  ? 5.658   11.730  -4.328  1.00 21.24 ? 15  TYR A CB  1 
ATOM   110  C CG  . TYR A 1 37  ? 6.726   12.612  -3.762  1.00 24.97 ? 15  TYR A CG  1 
ATOM   111  C CD1 . TYR A 1 37  ? 6.862   12.756  -2.392  1.00 25.69 ? 15  TYR A CD1 1 
ATOM   112  C CD2 . TYR A 1 37  ? 7.649   13.255  -4.593  1.00 27.04 ? 15  TYR A CD2 1 
ATOM   113  C CE1 . TYR A 1 37  ? 7.868   13.548  -1.838  1.00 28.01 ? 15  TYR A CE1 1 
ATOM   114  C CE2 . TYR A 1 37  ? 8.672   14.050  -4.050  1.00 30.15 ? 15  TYR A CE2 1 
ATOM   115  C CZ  . TYR A 1 37  ? 8.779   14.183  -2.668  1.00 28.80 ? 15  TYR A CZ  1 
ATOM   116  O OH  . TYR A 1 37  ? 9.787   14.960  -2.124  1.00 24.27 ? 15  TYR A OH  1 
ATOM   117  N N   . ILE A 1 38  ? 3.745   9.144   -3.432  1.00 26.89 ? 16  ILE A N   1 
ATOM   118  C CA  . ILE A 1 38  ? 2.584   8.321   -3.757  1.00 24.29 ? 16  ILE A CA  1 
ATOM   119  C C   . ILE A 1 38  ? 1.324   9.145   -3.924  1.00 26.75 ? 16  ILE A C   1 
ATOM   120  O O   . ILE A 1 38  ? 0.268   8.586   -4.274  1.00 27.66 ? 16  ILE A O   1 
ATOM   121  C CB  . ILE A 1 38  ? 2.368   7.207   -2.717  1.00 24.38 ? 16  ILE A CB  1 
ATOM   122  C CG1 . ILE A 1 38  ? 1.884   7.772   -1.386  1.00 23.78 ? 16  ILE A CG1 1 
ATOM   123  C CG2 . ILE A 1 38  ? 3.651   6.394   -2.538  1.00 20.44 ? 16  ILE A CG2 1 
ATOM   124  C CD1 . ILE A 1 38  ? 1.930   6.761   -0.242  1.00 25.69 ? 16  ILE A CD1 1 
ATOM   125  N N   . ALA A 1 39  ? 1.409   10.462  -3.723  1.00 25.41 ? 17  ALA A N   1 
ATOM   126  C CA  . ALA A 1 39  ? 0.349   11.406  -4.081  1.00 27.40 ? 17  ALA A CA  1 
ATOM   127  C C   . ALA A 1 39  ? 0.919   12.814  -4.045  1.00 23.45 ? 17  ALA A C   1 
ATOM   128  O O   . ALA A 1 39  ? 1.889   13.088  -3.332  1.00 22.33 ? 17  ALA A O   1 
ATOM   129  C CB  . ALA A 1 39  ? -0.858  11.313  -3.135  1.00 21.81 ? 17  ALA A CB  1 
ATOM   130  N N   . THR A 1 40  ? 0.286   13.711  -4.800  1.00 27.55 ? 18  THR A N   1 
ATOM   131  C CA  . THR A 1 40  ? 0.598   15.121  -4.627  1.00 29.70 ? 18  THR A CA  1 
ATOM   132  C C   . THR A 1 40  ? 0.332   15.554  -3.181  1.00 37.01 ? 18  THR A C   1 
ATOM   133  O O   . THR A 1 40  ? -0.339  14.873  -2.393  1.00 31.39 ? 18  THR A O   1 
ATOM   134  C CB  . THR A 1 40  ? -0.237  16.003  -5.544  1.00 28.77 ? 18  THR A CB  1 
ATOM   135  O OG1 . THR A 1 40  ? -1.568  16.069  -5.022  1.00 30.19 ? 18  THR A OG1 1 
ATOM   136  C CG2 . THR A 1 40  ? -0.243  15.492  -6.982  1.00 31.77 ? 18  THR A CG2 1 
ATOM   137  N N   . GLN A 1 41  ? 0.868   16.722  -2.845  1.00 33.32 ? 19  GLN A N   1 
ATOM   138  C CA  . GLN A 1 41  ? 0.690   17.302  -1.526  1.00 34.52 ? 19  GLN A CA  1 
ATOM   139  C C   . GLN A 1 41  ? -0.789  17.538  -1.212  1.00 36.34 ? 19  GLN A C   1 
ATOM   140  O O   . GLN A 1 41  ? -1.182  17.557  -0.035  1.00 29.63 ? 19  GLN A O   1 
ATOM   141  C CB  . GLN A 1 41  ? 1.536   18.579  -1.510  1.00 41.02 ? 19  GLN A CB  1 
ATOM   142  C CG  . GLN A 1 41  ? 1.763   19.268  -0.216  1.00 43.34 ? 19  GLN A CG  1 
ATOM   143  C CD  . GLN A 1 41  ? 2.055   20.751  -0.438  1.00 47.84 ? 19  GLN A CD  1 
ATOM   144  O OE1 . GLN A 1 41  ? 1.436   21.621  0.189   1.00 43.02 ? 19  GLN A OE1 1 
ATOM   145  N NE2 . GLN A 1 41  ? 2.992   21.043  -1.346  1.00 46.20 ? 19  GLN A NE2 1 
ATOM   146  N N   . GLN A 1 42  ? -1.619  17.674  -2.244  1.00 32.38 ? 20  GLN A N   1 
ATOM   147  C CA  . GLN A 1 42  ? -3.068  17.803  -2.122  1.00 37.09 ? 20  GLN A CA  1 
ATOM   148  C C   . GLN A 1 42  ? -3.793  16.457  -2.207  1.00 36.29 ? 20  GLN A C   1 
ATOM   149  O O   . GLN A 1 42  ? -5.010  16.436  -2.428  1.00 32.67 ? 20  GLN A O   1 
ATOM   150  C CB  . GLN A 1 42  ? -3.599  18.749  -3.209  1.00 36.10 ? 20  GLN A CB  1 
ATOM   151  C CG  . GLN A 1 42  ? -3.210  20.225  -3.018  1.00 37.05 ? 20  GLN A CG  1 
ATOM   152  C CD  . GLN A 1 42  ? -2.040  20.667  -3.908  1.00 49.03 ? 20  GLN A CD  1 
ATOM   153  O OE1 . GLN A 1 42  ? -1.005  19.984  -4.004  1.00 39.72 ? 20  GLN A OE1 1 
ATOM   154  N NE2 . GLN A 1 42  ? -2.214  21.810  -4.587  1.00 47.20 ? 20  GLN A NE2 1 
ATOM   155  N N   . HIS A 1 43  ? -3.069  15.343  -2.065  1.00 32.96 ? 21  HIS A N   1 
ATOM   156  C CA  . HIS A 1 43  ? -3.654  13.994  -2.063  1.00 31.18 ? 21  HIS A CA  1 
ATOM   157  C C   . HIS A 1 43  ? -4.400  13.689  -3.366  1.00 32.65 ? 21  HIS A C   1 
ATOM   158  O O   . HIS A 1 43  ? -5.512  13.161  -3.366  1.00 32.94 ? 21  HIS A O   1 
ATOM   159  C CB  . HIS A 1 43  ? -4.540  13.788  -0.828  1.00 28.16 ? 21  HIS A CB  1 
ATOM   160  C CG  . HIS A 1 43  ? -3.758  13.764  0.451   1.00 33.29 ? 21  HIS A CG  1 
ATOM   161  N ND1 . HIS A 1 43  ? -3.468  12.599  1.125   1.00 40.90 ? 21  HIS A ND1 1 
ATOM   162  C CD2 . HIS A 1 43  ? -3.183  14.760  1.166   1.00 35.87 ? 21  HIS A CD2 1 
ATOM   163  C CE1 . HIS A 1 43  ? -2.741  12.876  2.195   1.00 39.33 ? 21  HIS A CE1 1 
ATOM   164  N NE2 . HIS A 1 43  ? -2.551  14.179  2.241   1.00 40.25 ? 21  HIS A NE2 1 
ATOM   165  N N   . LYS A 1 44  ? -3.777  14.013  -4.493  1.00 30.30 ? 22  LYS A N   1 
ATOM   166  C CA  . LYS A 1 44  ? -4.340  13.745  -5.807  1.00 32.38 ? 22  LYS A CA  1 
ATOM   167  C C   . LYS A 1 44  ? -3.453  12.751  -6.546  1.00 32.79 ? 22  LYS A C   1 
ATOM   168  O O   . LYS A 1 44  ? -2.250  12.662  -6.287  1.00 31.01 ? 22  LYS A O   1 
ATOM   169  C CB  . LYS A 1 44  ? -4.474  15.036  -6.623  1.00 39.33 ? 22  LYS A CB  1 
ATOM   170  C CG  . LYS A 1 44  ? -5.549  16.003  -6.120  1.00 39.94 ? 22  LYS A CG  1 
ATOM   171  C CD  . LYS A 1 44  ? -6.888  15.721  -6.763  1.00 44.11 ? 22  LYS A CD  1 
ATOM   172  C CE  . LYS A 1 44  ? -7.802  16.943  -6.674  1.00 53.66 ? 22  LYS A CE  1 
ATOM   173  N NZ  . LYS A 1 44  ? -9.043  16.807  -7.506  1.00 55.15 ? 22  LYS A NZ  1 
ATOM   174  N N   . LEU A 1 45  ? -4.054  12.001  -7.470  1.00 27.92 ? 23  LEU A N   1 
ATOM   175  C CA  . LEU A 1 45  ? -3.335  10.972  -8.215  1.00 30.56 ? 23  LEU A CA  1 
ATOM   176  C C   . LEU A 1 45  ? -3.463  11.154  -9.717  1.00 32.25 ? 23  LEU A C   1 
ATOM   177  O O   . LEU A 1 45  ? -3.402  10.170  -10.463 1.00 31.36 ? 23  LEU A O   1 
ATOM   178  C CB  . LEU A 1 45  ? -3.805  9.569   -7.840  1.00 26.51 ? 23  LEU A CB  1 
ATOM   179  C CG  . LEU A 1 45  ? -3.933  9.260   -6.364  1.00 29.92 ? 23  LEU A CG  1 
ATOM   180  C CD1 . LEU A 1 45  ? -4.667  7.940   -6.183  1.00 36.57 ? 23  LEU A CD1 1 
ATOM   181  C CD2 . LEU A 1 45  ? -2.557  9.201   -5.748  1.00 24.40 ? 23  LEU A CD2 1 
ATOM   182  N N   . ASP A 1 46  ? -3.603  12.405  -10.174 1.00 30.65 ? 24  ASP A N   1 
ATOM   183  C CA  . ASP A 1 46  ? -3.692  12.670  -11.608 1.00 34.46 ? 24  ASP A CA  1 
ATOM   184  C C   . ASP A 1 46  ? -2.481  12.103  -12.352 1.00 34.53 ? 24  ASP A C   1 
ATOM   185  O O   . ASP A 1 46  ? -2.636  11.411  -13.369 1.00 34.94 ? 24  ASP A O   1 
ATOM   186  C CB  . ASP A 1 46  ? -3.848  14.178  -11.854 1.00 34.26 ? 24  ASP A CB  1 
ATOM   187  C CG  . ASP A 1 46  ? -2.948  15.019  -10.942 1.00 44.73 ? 24  ASP A CG  1 
ATOM   188  O OD1 . ASP A 1 46  ? -1.759  14.643  -10.798 1.00 44.73 ? 24  ASP A OD1 1 
ATOM   189  O OD2 . ASP A 1 46  ? -3.421  16.026  -10.340 1.00 48.11 ? 24  ASP A OD2 1 
ATOM   190  N N   . TRP A 1 47  ? -1.266  12.349  -11.839 1.00 30.15 ? 25  TRP A N   1 
ATOM   191  C CA  . TRP A 1 47  ? -0.054  11.782  -12.437 1.00 33.09 ? 25  TRP A CA  1 
ATOM   192  C C   . TRP A 1 47  ? -0.127  10.258  -12.550 1.00 30.99 ? 25  TRP A C   1 
ATOM   193  O O   . TRP A 1 47  ? 0.446   9.673   -13.471 1.00 31.36 ? 25  TRP A O   1 
ATOM   194  C CB  . TRP A 1 47  ? 1.158   12.183  -11.599 1.00 32.40 ? 25  TRP A CB  1 
ATOM   195  C CG  . TRP A 1 47  ? 0.995   11.753  -10.167 1.00 30.34 ? 25  TRP A CG  1 
ATOM   196  C CD1 . TRP A 1 47  ? 0.422   12.463  -9.149  1.00 30.30 ? 25  TRP A CD1 1 
ATOM   197  C CD2 . TRP A 1 47  ? 1.404   10.505  -9.604  1.00 23.54 ? 25  TRP A CD2 1 
ATOM   198  N NE1 . TRP A 1 47  ? 0.466   11.735  -7.978  1.00 24.43 ? 25  TRP A NE1 1 
ATOM   199  C CE2 . TRP A 1 47  ? 1.059   10.528  -8.236  1.00 26.57 ? 25  TRP A CE2 1 
ATOM   200  C CE3 . TRP A 1 47  ? 2.038   9.374   -10.118 1.00 25.02 ? 25  TRP A CE3 1 
ATOM   201  C CZ2 . TRP A 1 47  ? 1.323   9.453   -7.379  1.00 23.04 ? 25  TRP A CZ2 1 
ATOM   202  C CZ3 . TRP A 1 47  ? 2.298   8.310   -9.265  1.00 25.99 ? 25  TRP A CZ3 1 
ATOM   203  C CH2 . TRP A 1 47  ? 1.933   8.356   -7.913  1.00 21.05 ? 25  TRP A CH2 1 
ATOM   204  N N   . LEU A 1 48  ? -0.819  9.601   -11.621 1.00 32.41 ? 26  LEU A N   1 
ATOM   205  C CA  . LEU A 1 48  ? -0.995  8.152   -11.682 1.00 31.74 ? 26  LEU A CA  1 
ATOM   206  C C   . LEU A 1 48  ? -2.123  7.764   -12.642 1.00 34.58 ? 26  LEU A C   1 
ATOM   207  O O   . LEU A 1 48  ? -1.879  7.161   -13.695 1.00 34.14 ? 26  LEU A O   1 
ATOM   208  C CB  . LEU A 1 48  ? -1.277  7.616   -10.271 1.00 32.70 ? 26  LEU A CB  1 
ATOM   209  C CG  . LEU A 1 48  ? -1.376  6.105   -10.102 1.00 28.75 ? 26  LEU A CG  1 
ATOM   210  C CD1 . LEU A 1 48  ? -0.151  5.437   -10.710 1.00 23.34 ? 26  LEU A CD1 1 
ATOM   211  C CD2 . LEU A 1 48  ? -1.532  5.742   -8.620  1.00 25.14 ? 26  LEU A CD2 1 
ATOM   212  N N   . GLU A 1 49  ? -3.365  8.130   -12.301 1.00 32.72 ? 27  GLU A N   1 
ATOM   213  C CA  . GLU A 1 49  ? -4.536  7.661   -13.047 1.00 40.83 ? 27  GLU A CA  1 
ATOM   214  C C   . GLU A 1 49  ? -4.532  8.079   -14.514 1.00 39.54 ? 27  GLU A C   1 
ATOM   215  O O   . GLU A 1 49  ? -5.187  7.413   -15.325 1.00 45.95 ? 27  GLU A O   1 
ATOM   216  C CB  . GLU A 1 49  ? -5.824  8.146   -12.368 1.00 41.72 ? 27  GLU A CB  1 
ATOM   217  C CG  . GLU A 1 49  ? -5.838  7.867   -10.844 1.00 47.64 ? 27  GLU A CG  1 
ATOM   218  C CD  . GLU A 1 49  ? -7.179  8.176   -10.167 1.00 55.75 ? 27  GLU A CD  1 
ATOM   219  O OE1 . GLU A 1 49  ? -7.739  7.257   -9.510  1.00 52.24 ? 27  GLU A OE1 1 
ATOM   220  O OE2 . GLU A 1 49  ? -7.659  9.338   -10.288 1.00 56.71 ? 27  GLU A OE2 1 
ATOM   221  N N   . ASN A 1 50  ? -3.814  9.144   -14.882 1.00 37.60 ? 28  ASN A N   1 
ATOM   222  C CA  . ASN A 1 50  ? -3.771  9.611   -16.266 1.00 42.72 ? 28  ASN A CA  1 
ATOM   223  C C   . ASN A 1 50  ? -2.674  8.938   -17.088 1.00 42.44 ? 28  ASN A C   1 
ATOM   224  O O   . ASN A 1 50  ? -2.439  9.334   -18.235 1.00 41.23 ? 28  ASN A O   1 
ATOM   225  C CB  . ASN A 1 50  ? -3.572  11.135  -16.325 1.00 44.66 ? 28  ASN A CB  1 
ATOM   226  C CG  . ASN A 1 50  ? -4.744  11.914  -15.733 1.00 44.25 ? 28  ASN A CG  1 
ATOM   227  O OD1 . ASN A 1 50  ? -5.846  11.386  -15.595 1.00 42.98 ? 28  ASN A OD1 1 
ATOM   228  N ND2 . ASN A 1 50  ? -4.506  13.193  -15.393 1.00 39.75 ? 28  ASN A ND2 1 
ATOM   229  N N   . PHE A 1 51  ? -1.992  7.948   -16.526 1.00 40.70 ? 29  PHE A N   1 
ATOM   230  C CA  . PHE A 1 51  ? -0.858  7.310   -17.173 1.00 37.50 ? 29  PHE A CA  1 
ATOM   231  C C   . PHE A 1 51  ? -1.222  5.881   -17.563 1.00 36.86 ? 29  PHE A C   1 
ATOM   232  O O   . PHE A 1 51  ? -1.733  5.114   -16.738 1.00 33.65 ? 29  PHE A O   1 
ATOM   233  C CB  . PHE A 1 51  ? 0.363   7.333   -16.250 1.00 38.86 ? 29  PHE A CB  1 
ATOM   234  C CG  . PHE A 1 51  ? 1.597   6.776   -16.885 1.00 40.88 ? 29  PHE A CG  1 
ATOM   235  C CD1 . PHE A 1 51  ? 2.444   7.603   -17.619 1.00 35.13 ? 29  PHE A CD1 1 
ATOM   236  C CD2 . PHE A 1 51  ? 1.893   5.412   -16.792 1.00 34.09 ? 29  PHE A CD2 1 
ATOM   237  C CE1 . PHE A 1 51  ? 3.568   7.084   -18.229 1.00 34.12 ? 29  PHE A CE1 1 
ATOM   238  C CE2 . PHE A 1 51  ? 3.024   4.896   -17.401 1.00 31.86 ? 29  PHE A CE2 1 
ATOM   239  C CZ  . PHE A 1 51  ? 3.861   5.731   -18.118 1.00 34.23 ? 29  PHE A CZ  1 
ATOM   240  N N   . ALA A 1 52  ? -0.949  5.522   -18.818 1.00 34.79 ? 30  ALA A N   1 
ATOM   241  C CA  . ALA A 1 52  ? -1.285  4.199   -19.343 1.00 34.96 ? 30  ALA A CA  1 
ATOM   242  C C   . ALA A 1 52  ? -0.093  3.274   -19.110 1.00 35.47 ? 30  ALA A C   1 
ATOM   243  O O   . ALA A 1 52  ? 0.940   3.396   -19.775 1.00 31.97 ? 30  ALA A O   1 
ATOM   244  C CB  . ALA A 1 52  ? -1.656  4.291   -20.820 1.00 38.11 ? 30  ALA A CB  1 
ATOM   245  N N   . LEU A 1 53  ? -0.225  2.361   -18.136 1.00 27.77 ? 31  LEU A N   1 
ATOM   246  C CA  . LEU A 1 53  ? 0.884   1.470   -17.811 1.00 33.57 ? 31  LEU A CA  1 
ATOM   247  C C   . LEU A 1 53  ? 1.293   0.647   -19.016 1.00 34.63 ? 31  LEU A C   1 
ATOM   248  O O   . LEU A 1 53  ? 2.492   0.458   -19.274 1.00 32.53 ? 31  LEU A O   1 
ATOM   249  C CB  . LEU A 1 53  ? 0.516   0.543   -16.652 1.00 29.52 ? 31  LEU A CB  1 
ATOM   250  C CG  . LEU A 1 53  ? 0.545   1.180   -15.281 1.00 29.05 ? 31  LEU A CG  1 
ATOM   251  C CD1 . LEU A 1 53  ? 0.080   0.181   -14.208 1.00 31.12 ? 31  LEU A CD1 1 
ATOM   252  C CD2 . LEU A 1 53  ? 1.961   1.672   -15.012 1.00 30.40 ? 31  LEU A CD2 1 
ATOM   253  N N   . GLY A 1 54  ? 0.320   0.131   -19.753 1.00 26.75 ? 32  GLY A N   1 
ATOM   254  C CA  . GLY A 1 54  ? 0.577   -0.721  -20.882 1.00 33.84 ? 32  GLY A CA  1 
ATOM   255  C C   . GLY A 1 54  ? 0.210   -2.180  -20.615 1.00 41.91 ? 32  GLY A C   1 
ATOM   256  O O   . GLY A 1 54  ? 0.123   -2.626  -19.460 1.00 38.10 ? 32  GLY A O   1 
ATOM   257  N N   . ASP A 1 55  ? 0.020   -2.911  -21.711 1.00 43.10 ? 33  ASP A N   1 
ATOM   258  C CA  . ASP A 1 55  ? -0.365  -4.323  -21.662 1.00 45.95 ? 33  ASP A CA  1 
ATOM   259  C C   . ASP A 1 55  ? 0.684   -5.194  -20.986 1.00 43.35 ? 33  ASP A C   1 
ATOM   260  O O   . ASP A 1 55  ? 0.347   -6.245  -20.425 1.00 42.55 ? 33  ASP A O   1 
ATOM   261  C CB  . ASP A 1 55  ? -0.608  -4.838  -23.080 1.00 49.22 ? 33  ASP A CB  1 
ATOM   262  C CG  . ASP A 1 55  ? -1.846  -4.249  -23.703 1.00 58.93 ? 33  ASP A CG  1 
ATOM   263  O OD1 . ASP A 1 55  ? -2.760  -3.874  -22.935 1.00 62.66 ? 33  ASP A OD1 1 
ATOM   264  O OD2 . ASP A 1 55  ? -1.911  -4.197  -24.953 1.00 60.06 ? 33  ASP A OD2 1 
ATOM   265  N N   . ASP A 1 56  ? 1.957   -4.804  -21.056 1.00 38.79 ? 34  ASP A N   1 
ATOM   266  C CA  . ASP A 1 56  ? 3.022   -5.642  -20.530 1.00 37.81 ? 34  ASP A CA  1 
ATOM   267  C C   . ASP A 1 56  ? 3.213   -5.485  -19.025 1.00 35.35 ? 34  ASP A C   1 
ATOM   268  O O   . ASP A 1 56  ? 4.180   -6.035  -18.485 1.00 30.95 ? 34  ASP A O   1 
ATOM   269  C CB  . ASP A 1 56  ? 4.337   -5.351  -21.266 1.00 38.95 ? 34  ASP A CB  1 
ATOM   270  C CG  . ASP A 1 56  ? 4.680   -3.877  -21.305 1.00 39.39 ? 34  ASP A CG  1 
ATOM   271  O OD1 . ASP A 1 56  ? 3.827   -3.044  -20.929 1.00 42.12 ? 34  ASP A OD1 1 
ATOM   272  O OD2 . ASP A 1 56  ? 5.826   -3.550  -21.696 1.00 44.93 ? 34  ASP A OD2 1 
ATOM   273  N N   . ALA A 1 57  ? 2.319   -4.769  -18.341 1.00 35.13 ? 35  ALA A N   1 
ATOM   274  C CA  . ALA A 1 57  ? 2.423   -4.619  -16.897 1.00 33.30 ? 35  ALA A CA  1 
ATOM   275  C C   . ALA A 1 57  ? 1.994   -5.903  -16.195 1.00 31.71 ? 35  ALA A C   1 
ATOM   276  O O   . ALA A 1 57  ? 1.250   -6.719  -16.740 1.00 38.01 ? 35  ALA A O   1 
ATOM   277  C CB  . ALA A 1 57  ? 1.570   -3.449  -16.409 1.00 28.79 ? 35  ALA A CB  1 
ATOM   278  N N   . THR A 1 58  ? 2.486   -6.087  -14.974 1.00 31.48 ? 36  THR A N   1 
ATOM   279  C CA  . THR A 1 58  ? 2.006   -7.191  -14.152 1.00 34.50 ? 36  THR A CA  1 
ATOM   280  C C   . THR A 1 58  ? 0.543   -6.951  -13.797 1.00 33.88 ? 36  THR A C   1 
ATOM   281  O O   . THR A 1 58  ? 0.192   -5.883  -13.285 1.00 33.24 ? 36  THR A O   1 
ATOM   282  C CB  . THR A 1 58  ? 2.832   -7.329  -12.874 1.00 34.12 ? 36  THR A CB  1 
ATOM   283  O OG1 . THR A 1 58  ? 4.163   -7.763  -13.192 1.00 33.54 ? 36  THR A OG1 1 
ATOM   284  C CG2 . THR A 1 58  ? 2.167   -8.342  -11.923 1.00 32.68 ? 36  THR A CG2 1 
ATOM   285  N N   . ALA A 1 59  ? -0.308  -7.941  -14.075 1.00 36.46 ? 37  ALA A N   1 
ATOM   286  C CA  . ALA A 1 59  ? -1.749  -7.780  -13.874 1.00 36.81 ? 37  ALA A CA  1 
ATOM   287  C C   . ALA A 1 59  ? -2.077  -7.523  -12.409 1.00 29.61 ? 37  ALA A C   1 
ATOM   288  O O   . ALA A 1 59  ? -1.531  -8.158  -11.505 1.00 30.83 ? 37  ALA A O   1 
ATOM   289  C CB  . ALA A 1 59  ? -2.507  -9.017  -14.365 1.00 33.43 ? 37  ALA A CB  1 
ATOM   290  N N   . TYR A 1 60  ? -2.976  -6.569  -12.180 1.00 33.89 ? 38  TYR A N   1 
ATOM   291  C CA  . TYR A 1 60  ? -3.432  -6.305  -10.821 1.00 35.76 ? 38  TYR A CA  1 
ATOM   292  C C   . TYR A 1 60  ? -3.998  -7.572  -10.168 1.00 30.38 ? 38  TYR A C   1 
ATOM   293  O O   . TYR A 1 60  ? -3.656  -7.893  -9.025  1.00 28.42 ? 38  TYR A O   1 
ATOM   294  C CB  . TYR A 1 60  ? -4.465  -5.168  -10.830 1.00 27.41 ? 38  TYR A CB  1 
ATOM   295  C CG  . TYR A 1 60  ? -5.063  -4.924  -9.473  1.00 28.23 ? 38  TYR A CG  1 
ATOM   296  C CD1 . TYR A 1 60  ? -4.289  -4.453  -8.422  1.00 29.98 ? 38  TYR A CD1 1 
ATOM   297  C CD2 . TYR A 1 60  ? -6.401  -5.192  -9.228  1.00 31.14 ? 38  TYR A CD2 1 
ATOM   298  C CE1 . TYR A 1 60  ? -4.848  -4.253  -7.152  1.00 33.72 ? 38  TYR A CE1 1 
ATOM   299  C CE2 . TYR A 1 60  ? -6.964  -4.988  -7.972  1.00 30.52 ? 38  TYR A CE2 1 
ATOM   300  C CZ  . TYR A 1 60  ? -6.190  -4.521  -6.937  1.00 33.05 ? 38  TYR A CZ  1 
ATOM   301  O OH  . TYR A 1 60  ? -6.760  -4.327  -5.692  1.00 28.43 ? 38  TYR A OH  1 
ATOM   302  N N   . ASP A 1 61  ? -4.849  -8.315  -10.897 1.00 35.35 ? 39  ASP A N   1 
ATOM   303  C CA  . ASP A 1 61  ? -5.480  -9.522  -10.350 1.00 31.73 ? 39  ASP A CA  1 
ATOM   304  C C   . ASP A 1 61  ? -4.445  -10.505 -9.826  1.00 33.96 ? 39  ASP A C   1 
ATOM   305  O O   . ASP A 1 61  ? -4.619  -11.080 -8.739  1.00 35.81 ? 39  ASP A O   1 
ATOM   306  C CB  . ASP A 1 61  ? -6.334  -10.222 -11.415 1.00 35.09 ? 39  ASP A CB  1 
ATOM   307  C CG  . ASP A 1 61  ? -7.508  -9.377  -11.891 1.00 43.58 ? 39  ASP A CG  1 
ATOM   308  O OD1 . ASP A 1 61  ? -8.164  -8.725  -11.043 1.00 41.64 ? 39  ASP A OD1 1 
ATOM   309  O OD2 . ASP A 1 61  ? -7.754  -9.344  -13.120 1.00 42.88 ? 39  ASP A OD2 1 
ATOM   310  N N   . ASP A 1 62  ? -3.368  -10.729 -10.595 1.00 33.01 ? 40  ASP A N   1 
ATOM   311  C CA  . ASP A 1 62  ? -2.378  -11.736 -10.213 1.00 29.36 ? 40  ASP A CA  1 
ATOM   312  C C   . ASP A 1 62  ? -1.720  -11.382 -8.888  1.00 31.04 ? 40  ASP A C   1 
ATOM   313  O O   . ASP A 1 62  ? -1.391  -12.277 -8.104  1.00 36.13 ? 40  ASP A O   1 
ATOM   314  C CB  . ASP A 1 62  ? -1.310  -11.895 -11.303 1.00 33.25 ? 40  ASP A CB  1 
ATOM   315  C CG  . ASP A 1 62  ? -1.901  -12.274 -12.655 1.00 40.60 ? 40  ASP A CG  1 
ATOM   316  O OD1 . ASP A 1 62  ? -3.052  -12.756 -12.697 1.00 39.79 ? 40  ASP A OD1 1 
ATOM   317  O OD2 . ASP A 1 62  ? -1.210  -12.100 -13.683 1.00 47.28 ? 40  ASP A OD2 1 
ATOM   318  N N   . PHE A 1 63  ? -1.516  -10.085 -8.614  1.00 33.64 ? 41  PHE A N   1 
ATOM   319  C CA  . PHE A 1 63  ? -1.023  -9.705  -7.292  1.00 30.58 ? 41  PHE A CA  1 
ATOM   320  C C   . PHE A 1 63  ? -2.118  -9.838  -6.241  1.00 29.03 ? 41  PHE A C   1 
ATOM   321  O O   . PHE A 1 63  ? -1.872  -10.349 -5.136  1.00 26.90 ? 41  PHE A O   1 
ATOM   322  C CB  . PHE A 1 63  ? -0.482  -8.269  -7.280  1.00 27.60 ? 41  PHE A CB  1 
ATOM   323  C CG  . PHE A 1 63  ? -0.413  -7.696  -5.889  1.00 27.36 ? 41  PHE A CG  1 
ATOM   324  C CD1 . PHE A 1 63  ? 0.578   -8.109  -5.017  1.00 25.33 ? 41  PHE A CD1 1 
ATOM   325  C CD2 . PHE A 1 63  ? -1.368  -6.806  -5.432  1.00 28.04 ? 41  PHE A CD2 1 
ATOM   326  C CE1 . PHE A 1 63  ? 0.628   -7.636  -3.737  1.00 27.90 ? 41  PHE A CE1 1 
ATOM   327  C CE2 . PHE A 1 63  ? -1.320  -6.320  -4.136  1.00 27.85 ? 41  PHE A CE2 1 
ATOM   328  C CZ  . PHE A 1 63  ? -0.324  -6.731  -3.292  1.00 25.50 ? 41  PHE A CZ  1 
ATOM   329  N N   . TYR A 1 64  ? -3.328  -9.360  -6.560  1.00 27.31 ? 42  TYR A N   1 
ATOM   330  C CA  . TYR A 1 64  ? -4.400  -9.337  -5.565  1.00 33.62 ? 42  TYR A CA  1 
ATOM   331  C C   . TYR A 1 64  ? -4.822  -10.750 -5.163  1.00 23.02 ? 42  TYR A C   1 
ATOM   332  O O   . TYR A 1 64  ? -5.156  -10.988 -4.001  1.00 24.48 ? 42  TYR A O   1 
ATOM   333  C CB  . TYR A 1 64  ? -5.598  -8.544  -6.098  1.00 28.78 ? 42  TYR A CB  1 
ATOM   334  C CG  . TYR A 1 64  ? -6.665  -8.244  -5.063  1.00 26.88 ? 42  TYR A CG  1 
ATOM   335  C CD1 . TYR A 1 64  ? -6.350  -7.619  -3.870  1.00 23.32 ? 42  TYR A CD1 1 
ATOM   336  C CD2 . TYR A 1 64  ? -8.002  -8.556  -5.307  1.00 32.21 ? 42  TYR A CD2 1 
ATOM   337  C CE1 . TYR A 1 64  ? -7.333  -7.316  -2.933  1.00 24.96 ? 42  TYR A CE1 1 
ATOM   338  C CE2 . TYR A 1 64  ? -8.993  -8.261  -4.380  1.00 29.87 ? 42  TYR A CE2 1 
ATOM   339  C CZ  . TYR A 1 64  ? -8.650  -7.645  -3.197  1.00 29.70 ? 42  TYR A CZ  1 
ATOM   340  O OH  . TYR A 1 64  ? -9.630  -7.366  -2.283  1.00 34.96 ? 42  TYR A OH  1 
ATOM   341  N N   . GLN A 1 65  ? -4.787  -11.701 -6.106  1.00 25.61 ? 43  GLN A N   1 
ATOM   342  C CA  . GLN A 1 65  ? -5.001  -13.112 -5.769  1.00 30.84 ? 43  GLN A CA  1 
ATOM   343  C C   . GLN A 1 65  ? -4.144  -13.579 -4.584  1.00 33.46 ? 43  GLN A C   1 
ATOM   344  O O   . GLN A 1 65  ? -4.596  -14.419 -3.801  1.00 30.12 ? 43  GLN A O   1 
ATOM   345  C CB  . GLN A 1 65  ? -4.713  -13.998 -6.992  1.00 32.61 ? 43  GLN A CB  1 
ATOM   346  C CG  . GLN A 1 65  ? -5.415  -15.360 -6.965  1.00 40.78 ? 43  GLN A CG  1 
ATOM   347  C CD  . GLN A 1 65  ? -5.193  -16.185 -8.239  1.00 40.20 ? 43  GLN A CD  1 
ATOM   348  O OE1 . GLN A 1 65  ? -4.262  -15.935 -9.007  1.00 37.45 ? 43  GLN A OE1 1 
ATOM   349  N NE2 . GLN A 1 65  ? -6.053  -17.176 -8.457  1.00 42.70 ? 43  GLN A NE2 1 
ATOM   350  N N   . THR A 1 66  ? -2.911  -13.057 -4.428  1.00 26.88 ? 44  THR A N   1 
ATOM   351  C CA  . THR A 1 66  ? -2.055  -13.509 -3.326  1.00 23.64 ? 44  THR A CA  1 
ATOM   352  C C   . THR A 1 66  ? -2.408  -12.864 -1.986  1.00 26.22 ? 44  THR A C   1 
ATOM   353  O O   . THR A 1 66  ? -1.800  -13.207 -0.974  1.00 28.54 ? 44  THR A O   1 
ATOM   354  C CB  . THR A 1 66  ? -0.554  -13.260 -3.634  1.00 31.25 ? 44  THR A CB  1 
ATOM   355  O OG1 . THR A 1 66  ? -0.259  -11.863 -3.601  1.00 25.36 ? 44  THR A OG1 1 
ATOM   356  C CG2 . THR A 1 66  ? -0.137  -13.812 -4.989  1.00 30.57 ? 44  THR A CG2 1 
ATOM   357  N N   . ILE A 1 67  ? -3.399  -11.972 -1.941  1.00 28.70 ? 45  ILE A N   1 
ATOM   358  C CA  . ILE A 1 67  ? -3.687  -11.154 -0.766  1.00 26.66 ? 45  ILE A CA  1 
ATOM   359  C C   . ILE A 1 67  ? -4.860  -11.765 0.001   1.00 31.67 ? 45  ILE A C   1 
ATOM   360  O O   . ILE A 1 67  ? -5.854  -12.196 -0.600  1.00 34.21 ? 45  ILE A O   1 
ATOM   361  C CB  . ILE A 1 67  ? -3.993  -9.699  -1.180  1.00 26.01 ? 45  ILE A CB  1 
ATOM   362  C CG1 . ILE A 1 67  ? -2.781  -9.080  -1.878  1.00 26.94 ? 45  ILE A CG1 1 
ATOM   363  C CG2 . ILE A 1 67  ? -4.393  -8.858  0.031   1.00 22.95 ? 45  ILE A CG2 1 
ATOM   364  C CD1 . ILE A 1 67  ? -1.484  -9.238  -1.085  1.00 24.06 ? 45  ILE A CD1 1 
ATOM   365  N N   . GLY A 1 68  ? -4.763  -11.777 1.333   1.00 30.18 ? 46  GLY A N   1 
ATOM   366  C CA  . GLY A 1 68  ? -5.820  -12.302 2.175   1.00 25.66 ? 46  GLY A CA  1 
ATOM   367  C C   . GLY A 1 68  ? -6.369  -11.288 3.156   1.00 32.69 ? 46  GLY A C   1 
ATOM   368  O O   . GLY A 1 68  ? -7.463  -11.455 3.717   1.00 32.59 ? 46  GLY A O   1 
ATOM   369  N N   . ALA A 1 69  ? -5.610  -10.216 3.362   1.00 28.12 ? 47  ALA A N   1 
ATOM   370  C CA  . ALA A 1 69  ? -6.071  -9.080  4.143   1.00 29.40 ? 47  ALA A CA  1 
ATOM   371  C C   . ALA A 1 69  ? -5.425  -7.813  3.581   1.00 32.62 ? 47  ALA A C   1 
ATOM   372  O O   . ALA A 1 69  ? -4.402  -7.870  2.890   1.00 26.40 ? 47  ALA A O   1 
ATOM   373  C CB  . ALA A 1 69  ? -5.753  -9.274  5.632   1.00 25.52 ? 47  ALA A CB  1 
ATOM   374  N N   . VAL A 1 70  ? -6.044  -6.661  3.862   1.00 32.92 ? 48  VAL A N   1 
ATOM   375  C CA  . VAL A 1 70  ? -5.446  -5.362  3.555   1.00 26.75 ? 48  VAL A CA  1 
ATOM   376  C C   . VAL A 1 70  ? -5.345  -4.573  4.851   1.00 29.77 ? 48  VAL A C   1 
ATOM   377  O O   . VAL A 1 70  ? -6.179  -4.742  5.750   1.00 32.46 ? 48  VAL A O   1 
ATOM   378  C CB  . VAL A 1 70  ? -6.229  -4.576  2.475   1.00 28.09 ? 48  VAL A CB  1 
ATOM   379  C CG1 . VAL A 1 70  ? -6.191  -5.305  1.138   1.00 27.74 ? 48  VAL A CG1 1 
ATOM   380  C CG2 . VAL A 1 70  ? -7.685  -4.289  2.905   1.00 28.34 ? 48  VAL A CG2 1 
ATOM   381  N N   . VAL A 1 71  ? -4.268  -3.777  4.974   1.00 31.18 ? 49  VAL A N   1 
ATOM   382  C CA  . VAL A 1 71  ? -4.070  -2.793  6.037   1.00 29.49 ? 49  VAL A CA  1 
ATOM   383  C C   . VAL A 1 71  ? -3.842  -1.413  5.414   1.00 33.06 ? 49  VAL A C   1 
ATOM   384  O O   . VAL A 1 71  ? -3.282  -1.285  4.320   1.00 30.85 ? 49  VAL A O   1 
ATOM   385  C CB  . VAL A 1 71  ? -2.906  -3.152  6.975   1.00 25.35 ? 49  VAL A CB  1 
ATOM   386  C CG1 . VAL A 1 71  ? -3.003  -2.348  8.243   1.00 32.17 ? 49  VAL A CG1 1 
ATOM   387  C CG2 . VAL A 1 71  ? -2.914  -4.626  7.296   1.00 29.99 ? 49  VAL A CG2 1 
ATOM   388  N N   . MET A 1 72  ? -4.266  -0.377  6.142   1.00 30.91 ? 50  MET A N   1 
ATOM   389  C CA  . MET A 1 72  ? -4.390  0.996   5.667   1.00 29.07 ? 50  MET A CA  1 
ATOM   390  C C   . MET A 1 72  ? -4.290  1.942   6.841   1.00 33.39 ? 50  MET A C   1 
ATOM   391  O O   . MET A 1 72  ? -4.741  1.619   7.946   1.00 33.84 ? 50  MET A O   1 
ATOM   392  C CB  . MET A 1 72  ? -5.747  1.284   5.058   1.00 32.23 ? 50  MET A CB  1 
ATOM   393  C CG  . MET A 1 72  ? -5.956  0.945   3.681   1.00 34.60 ? 50  MET A CG  1 
ATOM   394  S SD  . MET A 1 72  ? -7.673  1.448   3.521   1.00 27.54 ? 50  MET A SD  1 
ATOM   395  C CE  . MET A 1 72  ? -8.107  0.337   2.207   1.00 31.47 ? 50  MET A CE  1 
ATOM   396  N N   . GLY A 1 73  ? -3.786  3.159   6.556   1.00 33.56 ? 51  GLY A N   1 
ATOM   397  C CA  . GLY A 1 73  ? -3.989  4.288   7.441   1.00 33.40 ? 51  GLY A CA  1 
ATOM   398  C C   . GLY A 1 73  ? -5.281  5.046   7.120   1.00 31.25 ? 51  GLY A C   1 
ATOM   399  O O   . GLY A 1 73  ? -5.886  4.877   6.062   1.00 26.27 ? 51  GLY A O   1 
ATOM   400  N N   . SER A 1 74  ? -5.681  5.911   8.061   1.00 35.26 ? 52  SER A N   1 
ATOM   401  C CA  . SER A 1 74  ? -6.986  6.560   7.971   1.00 35.61 ? 52  SER A CA  1 
ATOM   402  C C   . SER A 1 74  ? -7.070  7.515   6.791   1.00 35.49 ? 52  SER A C   1 
ATOM   403  O O   . SER A 1 74  ? -8.148  7.670   6.196   1.00 35.86 ? 52  SER A O   1 
ATOM   404  C CB  . SER A 1 74  ? -7.314  7.286   9.284   1.00 38.31 ? 52  SER A CB  1 
ATOM   405  O OG  . SER A 1 74  ? -6.333  8.238   9.655   1.00 33.49 ? 52  SER A OG  1 
ATOM   406  N N   . GLN A 1 75  ? -5.949  8.145   6.417   1.00 35.28 ? 53  GLN A N   1 
ATOM   407  C CA  . GLN A 1 75  ? -5.978  9.074   5.291   1.00 31.27 ? 53  GLN A CA  1 
ATOM   408  C C   . GLN A 1 75  ? -6.248  8.348   3.983   1.00 31.17 ? 53  GLN A C   1 
ATOM   409  O O   . GLN A 1 75  ? -6.993  8.850   3.131   1.00 32.22 ? 53  GLN A O   1 
ATOM   410  C CB  . GLN A 1 75  ? -4.663  9.844   5.197   1.00 32.65 ? 53  GLN A CB  1 
ATOM   411  C CG  . GLN A 1 75  ? -4.736  11.053  4.270   1.00 36.95 ? 53  GLN A CG  1 
ATOM   412  C CD  . GLN A 1 75  ? -5.636  12.153  4.814   1.00 40.11 ? 53  GLN A CD  1 
ATOM   413  O OE1 . GLN A 1 75  ? -6.606  12.576  4.169   1.00 39.66 ? 53  GLN A OE1 1 
ATOM   414  N NE2 . GLN A 1 75  ? -5.307  12.630  6.007   1.00 37.92 ? 53  GLN A NE2 1 
ATOM   415  N N   . THR A 1 76  ? -5.629  7.175   3.788   1.00 30.01 ? 54  THR A N   1 
ATOM   416  C CA  . THR A 1 76  ? -5.914  6.383   2.591   1.00 29.65 ? 54  THR A CA  1 
ATOM   417  C C   . THR A 1 76  ? -7.344  5.841   2.610   1.00 30.46 ? 54  THR A C   1 
ATOM   418  O O   . THR A 1 76  ? -8.009  5.787   1.568   1.00 28.97 ? 54  THR A O   1 
ATOM   419  C CB  . THR A 1 76  ? -4.901  5.239   2.450   1.00 27.28 ? 54  THR A CB  1 
ATOM   420  O OG1 . THR A 1 76  ? -3.567  5.779   2.396   1.00 31.67 ? 54  THR A OG1 1 
ATOM   421  C CG2 . THR A 1 76  ? -5.173  4.425   1.174   1.00 26.55 ? 54  THR A CG2 1 
ATOM   422  N N   . TYR A 1 77  ? -7.830  5.427   3.787   1.00 28.73 ? 55  TYR A N   1 
ATOM   423  C CA  . TYR A 1 77  ? -9.223  5.001   3.915   1.00 36.39 ? 55  TYR A CA  1 
ATOM   424  C C   . TYR A 1 77  ? -10.176 6.102   3.466   1.00 35.13 ? 55  TYR A C   1 
ATOM   425  O O   . TYR A 1 77  ? -11.094 5.859   2.670   1.00 36.15 ? 55  TYR A O   1 
ATOM   426  C CB  . TYR A 1 77  ? -9.514  4.600   5.365   1.00 35.65 ? 55  TYR A CB  1 
ATOM   427  C CG  . TYR A 1 77  ? -10.989 4.444   5.695   1.00 35.77 ? 55  TYR A CG  1 
ATOM   428  C CD1 . TYR A 1 77  ? -11.731 3.370   5.195   1.00 40.15 ? 55  TYR A CD1 1 
ATOM   429  C CD2 . TYR A 1 77  ? -11.646 5.375   6.499   1.00 41.60 ? 55  TYR A CD2 1 
ATOM   430  C CE1 . TYR A 1 77  ? -13.089 3.222   5.499   1.00 44.02 ? 55  TYR A CE1 1 
ATOM   431  C CE2 . TYR A 1 77  ? -13.003 5.240   6.808   1.00 43.56 ? 55  TYR A CE2 1 
ATOM   432  C CZ  . TYR A 1 77  ? -13.717 4.160   6.302   1.00 46.58 ? 55  TYR A CZ  1 
ATOM   433  O OH  . TYR A 1 77  ? -15.054 4.020   6.603   1.00 51.80 ? 55  TYR A OH  1 
ATOM   434  N N   . GLU A 1 78  ? -9.972  7.327   3.969   1.00 34.61 ? 56  GLU A N   1 
ATOM   435  C CA  . GLU A 1 78  ? -10.877 8.421   3.626   1.00 33.39 ? 56  GLU A CA  1 
ATOM   436  C C   . GLU A 1 78  ? -10.784 8.779   2.154   1.00 34.73 ? 56  GLU A C   1 
ATOM   437  O O   . GLU A 1 78  ? -11.792 9.162   1.546   1.00 36.50 ? 56  GLU A O   1 
ATOM   438  C CB  . GLU A 1 78  ? -10.588 9.644   4.495   1.00 33.82 ? 56  GLU A CB  1 
ATOM   439  C CG  . GLU A 1 78  ? -10.893 9.438   5.978   1.00 40.51 ? 56  GLU A CG  1 
ATOM   440  C CD  . GLU A 1 78  ? -10.181 10.443  6.881   1.00 44.72 ? 56  GLU A CD  1 
ATOM   441  O OE1 . GLU A 1 78  ? -9.649  11.449  6.348   1.00 44.73 ? 56  GLU A OE1 1 
ATOM   442  O OE2 . GLU A 1 78  ? -10.157 10.230  8.120   1.00 45.95 ? 56  GLU A OE2 1 
ATOM   443  N N   . TRP A 1 79  ? -9.598  8.634   1.556   1.00 31.52 ? 57  TRP A N   1 
ATOM   444  C CA  . TRP A 1 79  ? -9.473  8.871   0.124   1.00 31.29 ? 57  TRP A CA  1 
ATOM   445  C C   . TRP A 1 79  ? -10.345 7.910   -0.671  1.00 35.63 ? 57  TRP A C   1 
ATOM   446  O O   . TRP A 1 79  ? -10.977 8.304   -1.661  1.00 35.97 ? 57  TRP A O   1 
ATOM   447  C CB  . TRP A 1 79  ? -8.009  8.749   -0.299  1.00 33.96 ? 57  TRP A CB  1 
ATOM   448  C CG  . TRP A 1 79  ? -7.722  9.295   -1.642  1.00 31.60 ? 57  TRP A CG  1 
ATOM   449  C CD1 . TRP A 1 79  ? -7.168  10.503  -1.923  1.00 30.31 ? 57  TRP A CD1 1 
ATOM   450  C CD2 . TRP A 1 79  ? -7.958  8.655   -2.905  1.00 35.32 ? 57  TRP A CD2 1 
ATOM   451  N NE1 . TRP A 1 79  ? -7.044  10.664  -3.282  1.00 30.88 ? 57  TRP A NE1 1 
ATOM   452  C CE2 . TRP A 1 79  ? -7.514  9.543   -3.908  1.00 29.52 ? 57  TRP A CE2 1 
ATOM   453  C CE3 . TRP A 1 79  ? -8.493  7.416   -3.284  1.00 34.47 ? 57  TRP A CE3 1 
ATOM   454  C CZ2 . TRP A 1 79  ? -7.610  9.248   -5.262  1.00 32.72 ? 57  TRP A CZ2 1 
ATOM   455  C CZ3 . TRP A 1 79  ? -8.580  7.118   -4.630  1.00 32.97 ? 57  TRP A CZ3 1 
ATOM   456  C CH2 . TRP A 1 79  ? -8.139  8.034   -5.607  1.00 39.69 ? 57  TRP A CH2 1 
ATOM   457  N N   . ILE A 1 80  ? -10.382 6.637   -0.272  1.00 36.48 ? 58  ILE A N   1 
ATOM   458  C CA  . ILE A 1 80  ? -11.123 5.662   -1.067  1.00 34.70 ? 58  ILE A CA  1 
ATOM   459  C C   . ILE A 1 80  ? -12.621 5.890   -0.912  1.00 40.40 ? 58  ILE A C   1 
ATOM   460  O O   . ILE A 1 80  ? -13.384 5.821   -1.887  1.00 32.30 ? 58  ILE A O   1 
ATOM   461  C CB  . ILE A 1 80  ? -10.719 4.228   -0.680  1.00 35.97 ? 58  ILE A CB  1 
ATOM   462  C CG1 . ILE A 1 80  ? -9.205  4.041   -0.858  1.00 30.58 ? 58  ILE A CG1 1 
ATOM   463  C CG2 . ILE A 1 80  ? -11.507 3.219   -1.518  1.00 26.76 ? 58  ILE A CG2 1 
ATOM   464  C CD1 . ILE A 1 80  ? -8.670  2.719   -0.350  1.00 24.99 ? 58  ILE A CD1 1 
ATOM   465  N N   . MET A 1 81  ? -13.060 6.202   0.311   1.00 39.60 ? 59  MET A N   1 
ATOM   466  C CA  . MET A 1 81  ? -14.482 6.404   0.557   1.00 37.86 ? 59  MET A CA  1 
ATOM   467  C C   . MET A 1 81  ? -14.984 7.685   -0.097  1.00 39.81 ? 59  MET A C   1 
ATOM   468  O O   . MET A 1 81  ? -16.089 7.711   -0.648  1.00 39.51 ? 59  MET A O   1 
ATOM   469  C CB  . MET A 1 81  ? -14.739 6.394   2.061   1.00 35.71 ? 59  MET A CB  1 
ATOM   470  C CG  . MET A 1 81  ? -14.495 5.046   2.734   1.00 37.76 ? 59  MET A CG  1 
ATOM   471  S SD  . MET A 1 81  ? -15.788 3.814   2.518   1.00 47.75 ? 59  MET A SD  1 
ATOM   472  C CE  . MET A 1 81  ? -15.705 3.264   0.800   1.00 36.47 ? 59  MET A CE  1 
ATOM   473  N N   . SER A 1 82  ? -14.170 8.747   -0.094  1.00 39.30 ? 60  SER A N   1 
ATOM   474  C CA  . SER A 1 82  ? -14.578 9.960   -0.795  1.00 38.33 ? 60  SER A CA  1 
ATOM   475  C C   . SER A 1 82  ? -14.500 9.796   -2.318  1.00 41.13 ? 60  SER A C   1 
ATOM   476  O O   . SER A 1 82  ? -15.319 10.383  -3.039  1.00 42.66 ? 60  SER A O   1 
ATOM   477  C CB  . SER A 1 82  ? -13.745 11.146  -0.308  1.00 36.75 ? 60  SER A CB  1 
ATOM   478  O OG  . SER A 1 82  ? -12.610 11.332  -1.125  1.00 51.32 ? 60  SER A OG  1 
ATOM   479  N N   . ASN A 1 83  ? -13.578 8.968   -2.830  1.00 37.23 ? 61  ASN A N   1 
ATOM   480  C CA  . ASN A 1 83  ? -13.397 8.851   -4.276  1.00 35.00 ? 61  ASN A CA  1 
ATOM   481  C C   . ASN A 1 83  ? -14.132 7.680   -4.917  1.00 44.08 ? 61  ASN A C   1 
ATOM   482  O O   . ASN A 1 83  ? -14.405 7.732   -6.123  1.00 49.76 ? 61  ASN A O   1 
ATOM   483  C CB  . ASN A 1 83  ? -11.914 8.748   -4.619  1.00 40.87 ? 61  ASN A CB  1 
ATOM   484  C CG  . ASN A 1 83  ? -11.281 10.108  -4.839  1.00 44.46 ? 61  ASN A CG  1 
ATOM   485  O OD1 . ASN A 1 83  ? -10.611 10.636  -3.942  1.00 39.71 ? 61  ASN A OD1 1 
ATOM   486  N ND2 . ASN A 1 83  ? -11.481 10.684  -6.036  1.00 39.15 ? 61  ASN A ND2 1 
ATOM   487  N N   . ALA A 1 84  ? -14.435 6.625   -4.166  1.00 39.67 ? 62  ALA A N   1 
ATOM   488  C CA  . ALA A 1 84  ? -15.321 5.554   -4.627  1.00 43.30 ? 62  ALA A CA  1 
ATOM   489  C C   . ALA A 1 84  ? -16.259 5.216   -3.473  1.00 46.52 ? 62  ALA A C   1 
ATOM   490  O O   . ALA A 1 84  ? -16.074 4.222   -2.755  1.00 44.98 ? 62  ALA A O   1 
ATOM   491  C CB  . ALA A 1 84  ? -14.527 4.336   -5.107  1.00 38.09 ? 62  ALA A CB  1 
ATOM   492  N N   . PRO A 1 85  ? -17.278 6.049   -3.241  1.00 49.26 ? 63  PRO A N   1 
ATOM   493  C CA  . PRO A 1 85  ? -18.126 5.835   -2.056  1.00 47.97 ? 63  PRO A CA  1 
ATOM   494  C C   . PRO A 1 85  ? -19.002 4.600   -2.150  1.00 48.29 ? 63  PRO A C   1 
ATOM   495  O O   . PRO A 1 85  ? -19.294 3.996   -1.109  1.00 53.72 ? 63  PRO A O   1 
ATOM   496  C CB  . PRO A 1 85  ? -18.958 7.124   -1.967  1.00 49.70 ? 63  PRO A CB  1 
ATOM   497  C CG  . PRO A 1 85  ? -18.885 7.754   -3.321  1.00 47.18 ? 63  PRO A CG  1 
ATOM   498  C CD  . PRO A 1 85  ? -17.675 7.229   -4.034  1.00 49.19 ? 63  PRO A CD  1 
ATOM   499  N N   . ASP A 1 86  ? -19.418 4.195   -3.350  1.00 44.04 ? 64  ASP A N   1 
ATOM   500  C CA  . ASP A 1 86  ? -20.292 3.038   -3.512  1.00 50.45 ? 64  ASP A CA  1 
ATOM   501  C C   . ASP A 1 86  ? -19.562 1.795   -4.007  1.00 49.39 ? 64  ASP A C   1 
ATOM   502  O O   . ASP A 1 86  ? -20.208 0.777   -4.269  1.00 51.38 ? 64  ASP A O   1 
ATOM   503  C CB  . ASP A 1 86  ? -21.442 3.377   -4.472  1.00 54.19 ? 64  ASP A CB  1 
ATOM   504  C CG  . ASP A 1 86  ? -22.274 4.569   -3.993  1.00 60.38 ? 64  ASP A CG  1 
ATOM   505  O OD1 . ASP A 1 86  ? -22.520 4.672   -2.764  1.00 60.84 ? 64  ASP A OD1 1 
ATOM   506  O OD2 . ASP A 1 86  ? -22.665 5.407   -4.844  1.00 52.72 ? 64  ASP A OD2 1 
ATOM   507  N N   . ASP A 1 87  ? -18.238 1.844   -4.140  1.00 45.17 ? 65  ASP A N   1 
ATOM   508  C CA  . ASP A 1 87  ? -17.471 0.776   -4.751  1.00 38.89 ? 65  ASP A CA  1 
ATOM   509  C C   . ASP A 1 87  ? -16.197 0.559   -3.927  1.00 39.27 ? 65  ASP A C   1 
ATOM   510  O O   . ASP A 1 87  ? -15.080 0.844   -4.347  1.00 39.50 ? 65  ASP A O   1 
ATOM   511  C CB  . ASP A 1 87  ? -17.141 1.109   -6.205  1.00 42.08 ? 65  ASP A CB  1 
ATOM   512  C CG  . ASP A 1 87  ? -16.983 -0.115  -7.059  1.00 51.16 ? 65  ASP A CG  1 
ATOM   513  O OD1 . ASP A 1 87  ? -17.340 -1.226  -6.606  1.00 52.16 ? 65  ASP A OD1 1 
ATOM   514  O OD2 . ASP A 1 87  ? -16.471 0.034   -8.186  1.00 54.59 ? 65  ASP A OD2 1 
ATOM   515  N N   . TRP A 1 88  ? -16.367 0.087   -2.708  1.00 37.33 ? 66  TRP A N   1 
ATOM   516  C CA  . TRP A 1 88  ? -15.228 -0.371  -1.938  1.00 38.26 ? 66  TRP A CA  1 
ATOM   517  C C   . TRP A 1 88  ? -14.459 -1.422  -2.753  1.00 36.05 ? 66  TRP A C   1 
ATOM   518  O O   . TRP A 1 88  ? -15.084 -2.292  -3.365  1.00 38.82 ? 66  TRP A O   1 
ATOM   519  C CB  . TRP A 1 88  ? -15.714 -0.948  -0.613  1.00 35.60 ? 66  TRP A CB  1 
ATOM   520  C CG  . TRP A 1 88  ? -14.645 -1.406  0.319   1.00 33.52 ? 66  TRP A CG  1 
ATOM   521  C CD1 . TRP A 1 88  ? -14.437 -2.679  0.753   1.00 33.25 ? 66  TRP A CD1 1 
ATOM   522  C CD2 . TRP A 1 88  ? -13.651 -0.591  0.963   1.00 37.04 ? 66  TRP A CD2 1 
ATOM   523  N NE1 . TRP A 1 88  ? -13.375 -2.716  1.627   1.00 35.72 ? 66  TRP A NE1 1 
ATOM   524  C CE2 . TRP A 1 88  ? -12.870 -1.448  1.769   1.00 33.78 ? 66  TRP A CE2 1 
ATOM   525  C CE3 . TRP A 1 88  ? -13.338 0.775   0.926   1.00 30.32 ? 66  TRP A CE3 1 
ATOM   526  C CZ2 . TRP A 1 88  ? -11.803 -0.987  2.536   1.00 30.69 ? 66  TRP A CZ2 1 
ATOM   527  C CZ3 . TRP A 1 88  ? -12.273 1.232   1.692   1.00 36.74 ? 66  TRP A CZ3 1 
ATOM   528  C CH2 . TRP A 1 88  ? -11.520 0.351   2.490   1.00 31.35 ? 66  TRP A CH2 1 
ATOM   529  N N   . PRO A 1 89  ? -13.128 -1.332  -2.820  1.00 38.40 ? 67  PRO A N   1 
ATOM   530  C CA  . PRO A 1 89  ? -12.377 -2.226  -3.717  1.00 33.30 ? 67  PRO A CA  1 
ATOM   531  C C   . PRO A 1 89  ? -11.958 -3.530  -3.078  1.00 30.51 ? 67  PRO A C   1 
ATOM   532  O O   . PRO A 1 89  ? -11.592 -4.466  -3.796  1.00 31.43 ? 67  PRO A O   1 
ATOM   533  C CB  . PRO A 1 89  ? -11.140 -1.397  -4.081  1.00 33.16 ? 67  PRO A CB  1 
ATOM   534  C CG  . PRO A 1 89  ? -11.073 -0.277  -3.042  1.00 33.17 ? 67  PRO A CG  1 
ATOM   535  C CD  . PRO A 1 89  ? -12.255 -0.365  -2.144  1.00 37.58 ? 67  PRO A CD  1 
ATOM   536  N N   . TYR A 1 90  ? -11.969 -3.594  -1.748  1.00 28.53 ? 68  TYR A N   1 
ATOM   537  C CA  . TYR A 1 90  ? -11.512 -4.766  -1.004  1.00 36.15 ? 68  TYR A CA  1 
ATOM   538  C C   . TYR A 1 90  ? -12.643 -5.477  -0.248  1.00 36.22 ? 68  TYR A C   1 
ATOM   539  O O   . TYR A 1 90  ? -12.459 -5.942  0.877   1.00 32.31 ? 68  TYR A O   1 
ATOM   540  C CB  . TYR A 1 90  ? -10.385 -4.377  -0.051  1.00 32.84 ? 68  TYR A CB  1 
ATOM   541  C CG  . TYR A 1 90  ? -9.408  -3.401  -0.672  1.00 30.00 ? 68  TYR A CG  1 
ATOM   542  C CD1 . TYR A 1 90  ? -8.781  -3.692  -1.883  1.00 31.16 ? 68  TYR A CD1 1 
ATOM   543  C CD2 . TYR A 1 90  ? -9.107  -2.189  -0.054  1.00 33.39 ? 68  TYR A CD2 1 
ATOM   544  C CE1 . TYR A 1 90  ? -7.881  -2.805  -2.464  1.00 33.04 ? 68  TYR A CE1 1 
ATOM   545  C CE2 . TYR A 1 90  ? -8.201  -1.294  -0.632  1.00 31.63 ? 68  TYR A CE2 1 
ATOM   546  C CZ  . TYR A 1 90  ? -7.596  -1.611  -1.836  1.00 31.25 ? 68  TYR A CZ  1 
ATOM   547  O OH  . TYR A 1 90  ? -6.719  -0.728  -2.425  1.00 34.82 ? 68  TYR A OH  1 
ATOM   548  N N   . GLN A 1 91  ? -13.825 -5.596  -0.862  1.00 34.63 ? 69  GLN A N   1 
ATOM   549  C CA  . GLN A 1 91  ? -14.887 -6.388  -0.245  1.00 38.94 ? 69  GLN A CA  1 
ATOM   550  C C   . GLN A 1 91  ? -14.535 -7.866  -0.160  1.00 40.79 ? 69  GLN A C   1 
ATOM   551  O O   . GLN A 1 91  ? -15.058 -8.571  0.714   1.00 39.90 ? 69  GLN A O   1 
ATOM   552  C CB  . GLN A 1 91  ? -16.188 -6.241  -1.018  1.00 34.83 ? 69  GLN A CB  1 
ATOM   553  C CG  . GLN A 1 91  ? -16.662 -4.819  -1.211  1.00 41.38 ? 69  GLN A CG  1 
ATOM   554  C CD  . GLN A 1 91  ? -17.858 -4.761  -2.130  1.00 46.07 ? 69  GLN A CD  1 
ATOM   555  O OE1 . GLN A 1 91  ? -18.819 -5.503  -1.938  1.00 45.90 ? 69  GLN A OE1 1 
ATOM   556  N NE2 . GLN A 1 91  ? -17.799 -3.903  -3.150  1.00 45.86 ? 69  GLN A NE2 1 
ATOM   557  N N   . ASP A 1 92  ? -13.659 -8.339  -1.051  1.00 42.43 ? 70  ASP A N   1 
ATOM   558  C CA  . ASP A 1 92  ? -13.218 -9.727  -1.120  1.00 43.26 ? 70  ASP A CA  1 
ATOM   559  C C   . ASP A 1 92  ? -12.320 -10.150 0.036   1.00 42.34 ? 70  ASP A C   1 
ATOM   560  O O   . ASP A 1 92  ? -12.067 -11.353 0.158   1.00 42.87 ? 70  ASP A O   1 
ATOM   561  C CB  . ASP A 1 92  ? -12.478 -9.974  -2.437  1.00 47.58 ? 70  ASP A CB  1 
ATOM   562  C CG  . ASP A 1 92  ? -13.417 -10.277 -3.577  1.00 55.18 ? 70  ASP A CG  1 
ATOM   563  O OD1 . ASP A 1 92  ? -14.510 -9.669  -3.615  1.00 57.48 ? 70  ASP A OD1 1 
ATOM   564  O OD2 . ASP A 1 92  ? -13.060 -11.105 -4.442  1.00 64.92 ? 70  ASP A OD2 1 
ATOM   565  N N   . VAL A 1 93  ? -11.850 -9.229  0.884   1.00 38.63 ? 71  VAL A N   1 
ATOM   566  C CA  . VAL A 1 93  ? -10.935 -9.557  1.988   1.00 34.12 ? 71  VAL A CA  1 
ATOM   567  C C   . VAL A 1 93  ? -11.263 -8.720  3.217   1.00 30.41 ? 71  VAL A C   1 
ATOM   568  O O   . VAL A 1 93  ? -11.772 -7.600  3.080   1.00 32.00 ? 71  VAL A O   1 
ATOM   569  C CB  . VAL A 1 93  ? -9.451  -9.321  1.607   1.00 34.52 ? 71  VAL A CB  1 
ATOM   570  C CG1 . VAL A 1 93  ? -8.948  -10.325 0.579   1.00 29.35 ? 71  VAL A CG1 1 
ATOM   571  C CG2 . VAL A 1 93  ? -9.214  -7.886  1.129   1.00 31.68 ? 71  VAL A CG2 1 
ATOM   572  N N   . PRO A 1 94  ? -10.947 -9.187  4.427   1.00 33.32 ? 72  PRO A N   1 
ATOM   573  C CA  . PRO A 1 94  ? -10.994 -8.293  5.595   1.00 31.02 ? 72  PRO A CA  1 
ATOM   574  C C   . PRO A 1 94  ? -10.011 -7.134  5.467   1.00 36.28 ? 72  PRO A C   1 
ATOM   575  O O   . PRO A 1 94  ? -8.990  -7.228  4.780   1.00 30.03 ? 72  PRO A O   1 
ATOM   576  C CB  . PRO A 1 94  ? -10.614 -9.210  6.768   1.00 31.49 ? 72  PRO A CB  1 
ATOM   577  C CG  . PRO A 1 94  ? -9.958  -10.396 6.147   1.00 31.76 ? 72  PRO A CG  1 
ATOM   578  C CD  . PRO A 1 94  ? -10.607 -10.571 4.800   1.00 33.60 ? 72  PRO A CD  1 
ATOM   579  N N   . ALA A 1 95  ? -10.319 -6.044  6.180   1.00 37.85 ? 73  ALA A N   1 
ATOM   580  C CA  . ALA A 1 95  ? -9.638  -4.761  6.040   1.00 34.91 ? 73  ALA A CA  1 
ATOM   581  C C   . ALA A 1 95  ? -9.426  -4.144  7.412   1.00 34.94 ? 73  ALA A C   1 
ATOM   582  O O   . ALA A 1 95  ? -10.378 -4.041  8.191   1.00 37.86 ? 73  ALA A O   1 
ATOM   583  C CB  . ALA A 1 95  ? -10.452 -3.799  5.171   1.00 32.10 ? 73  ALA A CB  1 
ATOM   584  N N   . PHE A 1 96  ? -8.194  -3.706  7.689   1.00 33.71 ? 74  PHE A N   1 
ATOM   585  C CA  . PHE A 1 96  ? -7.832  -3.058  8.948   1.00 34.12 ? 74  PHE A CA  1 
ATOM   586  C C   . PHE A 1 96  ? -7.360  -1.629  8.687   1.00 35.52 ? 74  PHE A C   1 
ATOM   587  O O   . PHE A 1 96  ? -6.379  -1.412  7.969   1.00 35.29 ? 74  PHE A O   1 
ATOM   588  C CB  . PHE A 1 96  ? -6.760  -3.871  9.661   1.00 31.63 ? 74  PHE A CB  1 
ATOM   589  C CG  . PHE A 1 96  ? -7.111  -5.315  9.790   1.00 32.69 ? 74  PHE A CG  1 
ATOM   590  C CD1 . PHE A 1 96  ? -7.814  -5.774  10.892  1.00 37.16 ? 74  PHE A CD1 1 
ATOM   591  C CD2 . PHE A 1 96  ? -6.726  -6.221  8.816   1.00 34.31 ? 74  PHE A CD2 1 
ATOM   592  C CE1 . PHE A 1 96  ? -8.149  -7.121  11.017  1.00 35.54 ? 74  PHE A CE1 1 
ATOM   593  C CE2 . PHE A 1 96  ? -7.063  -7.565  8.920   1.00 40.59 ? 74  PHE A CE2 1 
ATOM   594  C CZ  . PHE A 1 96  ? -7.774  -8.018  10.033  1.00 37.67 ? 74  PHE A CZ  1 
ATOM   595  N N   . VAL A 1 97  ? -8.050  -0.661  9.277   1.00 35.50 ? 75  VAL A N   1 
ATOM   596  C CA  . VAL A 1 97  ? -7.747  0.754   9.114   1.00 34.41 ? 75  VAL A CA  1 
ATOM   597  C C   . VAL A 1 97  ? -7.196  1.255   10.438  1.00 39.95 ? 75  VAL A C   1 
ATOM   598  O O   . VAL A 1 97  ? -7.792  1.012   11.495  1.00 37.82 ? 75  VAL A O   1 
ATOM   599  C CB  . VAL A 1 97  ? -8.989  1.555   8.685   1.00 33.86 ? 75  VAL A CB  1 
ATOM   600  C CG1 . VAL A 1 97  ? -8.647  3.018   8.525   1.00 30.90 ? 75  VAL A CG1 1 
ATOM   601  C CG2 . VAL A 1 97  ? -9.562  1.000   7.380   1.00 28.73 ? 75  VAL A CG2 1 
ATOM   602  N N   . MET A 1 98  ? -6.052  1.929   10.391  1.00 37.88 ? 76  MET A N   1 
ATOM   603  C CA  . MET A 1 98  ? -5.464  2.457   11.610  1.00 35.52 ? 76  MET A CA  1 
ATOM   604  C C   . MET A 1 98  ? -5.865  3.905   11.809  1.00 38.37 ? 76  MET A C   1 
ATOM   605  O O   . MET A 1 98  ? -5.928  4.689   10.856  1.00 41.76 ? 76  MET A O   1 
ATOM   606  C CB  . MET A 1 98  ? -3.949  2.336   11.592  1.00 38.69 ? 76  MET A CB  1 
ATOM   607  C CG  . MET A 1 98  ? -3.461  0.945   11.846  1.00 40.50 ? 76  MET A CG  1 
ATOM   608  S SD  . MET A 1 98  ? -2.061  0.486   10.801  1.00 43.49 ? 76  MET A SD  1 
ATOM   609  C CE  . MET A 1 98  ? -0.704  1.002   11.880  1.00 38.83 ? 76  MET A CE  1 
ATOM   610  N N   . SER A 1 99  ? -6.158  4.252   13.055  1.00 39.80 ? 77  SER A N   1 
ATOM   611  C CA  . SER A 1 99  ? -6.504  5.622   13.385  1.00 41.63 ? 77  SER A CA  1 
ATOM   612  C C   . SER A 1 99  ? -6.533  5.760   14.889  1.00 46.80 ? 77  SER A C   1 
ATOM   613  O O   . SER A 1 99  ? -6.657  4.776   15.625  1.00 47.94 ? 77  SER A O   1 
ATOM   614  C CB  . SER A 1 99  ? -7.856  6.043   12.825  1.00 46.05 ? 77  SER A CB  1 
ATOM   615  O OG  . SER A 1 99  ? -8.261  7.264   13.431  1.00 45.69 ? 77  SER A OG  1 
ATOM   616  N N   . ASN A 1 100 ? -6.433  7.005   15.328  1.00 50.33 ? 78  ASN A N   1 
ATOM   617  C CA  . ASN A 1 100 ? -6.665  7.366   16.712  1.00 50.41 ? 78  ASN A CA  1 
ATOM   618  C C   . ASN A 1 100 ? -8.061  7.949   16.919  1.00 48.48 ? 78  ASN A C   1 
ATOM   619  O O   . ASN A 1 100 ? -8.421  8.252   18.058  1.00 50.92 ? 78  ASN A O   1 
ATOM   620  C CB  . ASN A 1 100 ? -5.591  8.358   17.172  1.00 52.52 ? 78  ASN A CB  1 
ATOM   621  C CG  . ASN A 1 100 ? -4.308  7.672   17.637  1.00 53.54 ? 78  ASN A CG  1 
ATOM   622  O OD1 . ASN A 1 100 ? -4.267  6.454   17.845  1.00 57.92 ? 78  ASN A OD1 1 
ATOM   623  N ND2 . ASN A 1 100 ? -3.257  8.462   17.812  1.00 49.91 ? 78  ASN A ND2 1 
ATOM   624  N N   . ARG A 1 101 ? -8.849  8.120   15.850  1.00 47.74 ? 79  ARG A N   1 
ATOM   625  C CA  . ARG A 1 101 ? -10.261 8.435   16.025  1.00 53.67 ? 79  ARG A CA  1 
ATOM   626  C C   . ARG A 1 101 ? -11.076 7.197   16.346  1.00 51.84 ? 79  ARG A C   1 
ATOM   627  O O   . ARG A 1 101 ? -10.665 6.059   16.108  1.00 48.74 ? 79  ARG A O   1 
ATOM   628  C CB  . ARG A 1 101 ? -10.929 9.002   14.780  1.00 50.91 ? 79  ARG A CB  1 
ATOM   629  C CG  . ARG A 1 101 ? -10.954 10.486  14.620  1.00 58.31 ? 79  ARG A CG  1 
ATOM   630  C CD  . ARG A 1 101 ? -9.648  10.911  14.253  1.00 56.37 ? 79  ARG A CD  1 
ATOM   631  N NE  . ARG A 1 101 ? -9.507  10.655  12.817  1.00 55.95 ? 79  ARG A NE  1 
ATOM   632  C CZ  . ARG A 1 101 ? -10.032 11.360  11.821  1.00 54.76 ? 79  ARG A CZ  1 
ATOM   633  N NH1 . ARG A 1 101 ? -10.727 12.468  12.040  1.00 58.71 ? 79  ARG A NH1 1 
ATOM   634  N NH2 . ARG A 1 101 ? -9.825  10.956  10.567  1.00 48.35 ? 79  ARG A NH2 1 
ATOM   635  N N   . ASP A 1 102 ? -12.296 7.460   16.816  1.00 54.29 ? 80  ASP A N   1 
ATOM   636  C CA  . ASP A 1 102 ? -13.387 6.494   16.738  1.00 51.95 ? 80  ASP A CA  1 
ATOM   637  C C   . ASP A 1 102 ? -14.112 6.705   15.406  1.00 51.89 ? 80  ASP A C   1 
ATOM   638  O O   . ASP A 1 102 ? -15.203 7.276   15.308  1.00 51.12 ? 80  ASP A O   1 
ATOM   639  C CB  . ASP A 1 102 ? -14.305 6.627   17.945  1.00 54.81 ? 80  ASP A CB  1 
ATOM   640  C CG  . ASP A 1 102 ? -13.547 6.494   19.267  1.00 63.75 ? 80  ASP A CG  1 
ATOM   641  O OD1 . ASP A 1 102 ? -12.382 6.039   19.250  1.00 59.80 ? 80  ASP A OD1 1 
ATOM   642  O OD2 . ASP A 1 102 ? -14.113 6.834   20.326  1.00 74.18 ? 80  ASP A OD2 1 
ATOM   643  N N   . LEU A 1 103 ? -13.449 6.248   14.352  1.00 46.69 ? 81  LEU A N   1 
ATOM   644  C CA  . LEU A 1 103 ? -14.017 6.322   13.018  1.00 48.53 ? 81  LEU A CA  1 
ATOM   645  C C   . LEU A 1 103 ? -15.056 5.220   12.805  1.00 48.24 ? 81  LEU A C   1 
ATOM   646  O O   . LEU A 1 103 ? -15.091 4.211   13.514  1.00 46.31 ? 81  LEU A O   1 
ATOM   647  C CB  . LEU A 1 103 ? -12.917 6.202   11.971  1.00 50.30 ? 81  LEU A CB  1 
ATOM   648  C CG  . LEU A 1 103 ? -12.098 7.461   11.727  1.00 50.20 ? 81  LEU A CG  1 
ATOM   649  C CD1 . LEU A 1 103 ? -10.739 7.069   11.197  1.00 44.13 ? 81  LEU A CD1 1 
ATOM   650  C CD2 . LEU A 1 103 ? -12.833 8.350   10.735  1.00 53.82 ? 81  LEU A CD2 1 
ATOM   651  N N   . SER A 1 104 ? -15.896 5.418   11.791  1.00 45.04 ? 82  SER A N   1 
ATOM   652  C CA  . SER A 1 104 ? -16.934 4.460   11.460  1.00 42.21 ? 82  SER A CA  1 
ATOM   653  C C   . SER A 1 104 ? -16.917 4.143   9.975   1.00 48.78 ? 82  SER A C   1 
ATOM   654  O O   . SER A 1 104 ? -16.774 5.038   9.130   1.00 50.34 ? 82  SER A O   1 
ATOM   655  C CB  . SER A 1 104 ? -18.322 4.971   11.847  1.00 50.29 ? 82  SER A CB  1 
ATOM   656  O OG  . SER A 1 104 ? -19.304 3.970   11.618  1.00 53.78 ? 82  SER A OG  1 
ATOM   657  N N   . ALA A 1 105 ? -17.071 2.876   9.676   1.00 46.24 ? 83  ALA A N   1 
ATOM   658  C CA  . ALA A 1 105 ? -17.273 2.317   8.361   1.00 41.03 ? 83  ALA A CA  1 
ATOM   659  C C   . ALA A 1 105 ? -18.742 1.967   8.168   1.00 42.49 ? 83  ALA A C   1 
ATOM   660  O O   . ALA A 1 105 ? -19.427 1.610   9.133   1.00 40.09 ? 83  ALA A O   1 
ATOM   661  C CB  . ALA A 1 105 ? -16.423 1.059   8.174   1.00 36.75 ? 83  ALA A CB  1 
ATOM   662  N N   . PRO A 1 106 ? -19.241 2.081   6.929   1.00 40.01 ? 84  PRO A N   1 
ATOM   663  C CA  . PRO A 1 106 ? -20.550 1.495   6.591   1.00 41.29 ? 84  PRO A CA  1 
ATOM   664  C C   . PRO A 1 106 ? -20.701 0.095   7.166   1.00 39.93 ? 84  PRO A C   1 
ATOM   665  O O   . PRO A 1 106 ? -19.835 -0.762  6.949   1.00 40.75 ? 84  PRO A O   1 
ATOM   666  C CB  . PRO A 1 106 ? -20.538 1.472   5.057   1.00 39.21 ? 84  PRO A CB  1 
ATOM   667  C CG  . PRO A 1 106 ? -19.616 2.561   4.673   1.00 35.58 ? 84  PRO A CG  1 
ATOM   668  C CD  . PRO A 1 106 ? -18.575 2.675   5.761   1.00 35.64 ? 84  PRO A CD  1 
ATOM   669  N N   . ALA A 1 107 ? -21.792 -0.153  7.897   1.00 40.26 ? 85  ALA A N   1 
ATOM   670  C CA  . ALA A 1 107 ? -21.862 -1.336  8.751   1.00 40.72 ? 85  ALA A CA  1 
ATOM   671  C C   . ALA A 1 107 ? -21.832 -2.641  7.964   1.00 41.96 ? 85  ALA A C   1 
ATOM   672  O O   . ALA A 1 107 ? -21.666 -3.708  8.572   1.00 42.17 ? 85  ALA A O   1 
ATOM   673  C CB  . ALA A 1 107 ? -23.115 -1.277  9.624   1.00 43.75 ? 85  ALA A CB  1 
ATOM   674  N N   . ASN A 1 108 ? -21.941 -2.571  6.636   1.00 40.11 ? 86  ASN A N   1 
ATOM   675  C CA  . ASN A 1 108 ? -21.939 -3.727  5.746   1.00 42.64 ? 86  ASN A CA  1 
ATOM   676  C C   . ASN A 1 108 ? -20.541 -4.154  5.270   1.00 42.26 ? 86  ASN A C   1 
ATOM   677  O O   . ASN A 1 108 ? -20.431 -5.139  4.533   1.00 41.02 ? 86  ASN A O   1 
ATOM   678  C CB  . ASN A 1 108 ? -22.807 -3.414  4.527   1.00 36.08 ? 86  ASN A CB  1 
ATOM   679  C CG  . ASN A 1 108 ? -22.299 -2.203  3.752   1.00 41.06 ? 86  ASN A CG  1 
ATOM   680  O OD1 . ASN A 1 108 ? -22.244 -1.095  4.281   1.00 43.06 ? 86  ASN A OD1 1 
ATOM   681  N ND2 . ASN A 1 108 ? -21.963 -2.404  2.486   1.00 41.62 ? 86  ASN A ND2 1 
ATOM   682  N N   . LEU A 1 109 ? -19.477 -3.449  5.637   1.00 41.52 ? 87  LEU A N   1 
ATOM   683  C CA  . LEU A 1 109 ? -18.159 -3.721  5.075   1.00 37.93 ? 87  LEU A CA  1 
ATOM   684  C C   . LEU A 1 109 ? -17.249 -4.354  6.118   1.00 34.44 ? 87  LEU A C   1 
ATOM   685  O O   . LEU A 1 109 ? -17.260 -3.954  7.285   1.00 38.35 ? 87  LEU A O   1 
ATOM   686  C CB  . LEU A 1 109 ? -17.516 -2.437  4.543   1.00 37.43 ? 87  LEU A CB  1 
ATOM   687  C CG  . LEU A 1 109 ? -18.206 -1.826  3.324   1.00 37.66 ? 87  LEU A CG  1 
ATOM   688  C CD1 . LEU A 1 109 ? -17.757 -0.389  3.137   1.00 36.01 ? 87  LEU A CD1 1 
ATOM   689  C CD2 . LEU A 1 109 ? -17.912 -2.635  2.079   1.00 40.66 ? 87  LEU A CD2 1 
ATOM   690  N N   . ASP A 1 110 ? -16.444 -5.327  5.679   1.00 36.75 ? 88  ASP A N   1 
ATOM   691  C CA  . ASP A 1 110 ? -15.446 -5.995  6.524   1.00 37.49 ? 88  ASP A CA  1 
ATOM   692  C C   . ASP A 1 110 ? -14.302 -5.023  6.813   1.00 37.93 ? 88  ASP A C   1 
ATOM   693  O O   . ASP A 1 110 ? -13.253 -5.022  6.156   1.00 35.29 ? 88  ASP A O   1 
ATOM   694  C CB  . ASP A 1 110 ? -14.945 -7.267  5.835   1.00 33.76 ? 88  ASP A CB  1 
ATOM   695  C CG  . ASP A 1 110 ? -14.279 -8.234  6.791   1.00 36.41 ? 88  ASP A CG  1 
ATOM   696  O OD1 . ASP A 1 110 ? -13.817 -7.800  7.873   1.00 38.69 ? 88  ASP A OD1 1 
ATOM   697  O OD2 . ASP A 1 110 ? -14.208 -9.437  6.452   1.00 42.56 ? 88  ASP A OD2 1 
ATOM   698  N N   . ILE A 1 111 ? -14.512 -4.171  7.818   1.00 33.38 ? 89  ILE A N   1 
ATOM   699  C CA  . ILE A 1 111 ? -13.557 -3.124  8.153   1.00 33.25 ? 89  ILE A CA  1 
ATOM   700  C C   . ILE A 1 111 ? -13.415 -3.073  9.659   1.00 35.31 ? 89  ILE A C   1 
ATOM   701  O O   . ILE A 1 111 ? -14.402 -2.879  10.374  1.00 35.41 ? 89  ILE A O   1 
ATOM   702  C CB  . ILE A 1 111 ? -13.981 -1.741  7.613   1.00 31.34 ? 89  ILE A CB  1 
ATOM   703  C CG1 . ILE A 1 111 ? -14.004 -1.709  6.085   1.00 26.71 ? 89  ILE A CG1 1 
ATOM   704  C CG2 . ILE A 1 111 ? -13.035 -0.649  8.123   1.00 27.98 ? 89  ILE A CG2 1 
ATOM   705  C CD1 . ILE A 1 111 ? -14.546 -0.419  5.519   1.00 27.91 ? 89  ILE A CD1 1 
ATOM   706  N N   . THR A 1 112 ? -12.189 -3.207  10.139  1.00 31.96 ? 90  THR A N   1 
ATOM   707  C CA  . THR A 1 112 ? -11.888 -3.079  11.553  1.00 32.95 ? 90  THR A CA  1 
ATOM   708  C C   . THR A 1 112 ? -10.959 -1.891  11.765  1.00 39.19 ? 90  THR A C   1 
ATOM   709  O O   . THR A 1 112 ? -10.060 -1.643  10.959  1.00 37.78 ? 90  THR A O   1 
ATOM   710  C CB  . THR A 1 112 ? -11.213 -4.347  12.089  1.00 34.70 ? 90  THR A CB  1 
ATOM   711  O OG1 . THR A 1 112 ? -11.773 -5.496  11.443  1.00 34.61 ? 90  THR A OG1 1 
ATOM   712  C CG2 . THR A 1 112 ? -11.396 -4.440  13.590  1.00 30.55 ? 90  THR A CG2 1 
ATOM   713  N N   . PHE A 1 113 ? -11.168 -1.163  12.859  1.00 39.71 ? 91  PHE A N   1 
ATOM   714  C CA  . PHE A 1 113 ? -10.332 -0.026  13.226  1.00 35.10 ? 91  PHE A CA  1 
ATOM   715  C C   . PHE A 1 113 ? -9.444  -0.450  14.386  1.00 38.83 ? 91  PHE A C   1 
ATOM   716  O O   . PHE A 1 113 ? -9.950  -0.895  15.423  1.00 41.33 ? 91  PHE A O   1 
ATOM   717  C CB  . PHE A 1 113 ? -11.186 1.194   13.588  1.00 37.74 ? 91  PHE A CB  1 
ATOM   718  C CG  . PHE A 1 113 ? -11.956 1.754   12.417  1.00 38.22 ? 91  PHE A CG  1 
ATOM   719  C CD1 . PHE A 1 113 ? -11.319 2.545   11.462  1.00 37.10 ? 91  PHE A CD1 1 
ATOM   720  C CD2 . PHE A 1 113 ? -13.303 1.482   12.260  1.00 40.89 ? 91  PHE A CD2 1 
ATOM   721  C CE1 . PHE A 1 113 ? -12.009 3.048   10.368  1.00 37.43 ? 91  PHE A CE1 1 
ATOM   722  C CE2 . PHE A 1 113 ? -14.009 1.988   11.162  1.00 41.11 ? 91  PHE A CE2 1 
ATOM   723  C CZ  . PHE A 1 113 ? -13.358 2.771   10.219  1.00 43.29 ? 91  PHE A CZ  1 
ATOM   724  N N   . LEU A 1 114 ? -8.128  -0.351  14.199  1.00 34.69 ? 92  LEU A N   1 
ATOM   725  C CA  . LEU A 1 114 ? -7.138  -0.664  15.227  1.00 36.83 ? 92  LEU A CA  1 
ATOM   726  C C   . LEU A 1 114 ? -6.190  0.528   15.386  1.00 42.86 ? 92  LEU A C   1 
ATOM   727  O O   . LEU A 1 114 ? -6.296  1.533   14.674  1.00 39.44 ? 92  LEU A O   1 
ATOM   728  C CB  . LEU A 1 114 ? -6.359  -1.947  14.895  1.00 37.17 ? 92  LEU A CB  1 
ATOM   729  C CG  . LEU A 1 114 ? -7.034  -3.132  14.184  1.00 42.52 ? 92  LEU A CG  1 
ATOM   730  C CD1 . LEU A 1 114 ? -5.980  -4.112  13.613  1.00 36.74 ? 92  LEU A CD1 1 
ATOM   731  C CD2 . LEU A 1 114 ? -8.008  -3.870  15.108  1.00 43.13 ? 92  LEU A CD2 1 
ATOM   732  N N   . ARG A 1 115 ? -5.259  0.422   16.331  1.00 41.45 ? 93  ARG A N   1 
ATOM   733  C CA  . ARG A 1 115 ? -4.330  1.515   16.599  1.00 43.60 ? 93  ARG A CA  1 
ATOM   734  C C   . ARG A 1 115 ? -3.190  1.002   17.468  1.00 44.83 ? 93  ARG A C   1 
ATOM   735  O O   . ARG A 1 115 ? -3.246  -0.102  18.015  1.00 51.55 ? 93  ARG A O   1 
ATOM   736  C CB  . ARG A 1 115 ? -5.021  2.691   17.290  1.00 46.99 ? 93  ARG A CB  1 
ATOM   737  C CG  . ARG A 1 115 ? -5.526  2.381   18.691  1.00 52.59 ? 93  ARG A CG  1 
ATOM   738  C CD  . ARG A 1 115 ? -6.129  3.624   19.306  1.00 50.15 ? 93  ARG A CD  1 
ATOM   739  N NE  . ARG A 1 115 ? -7.404  3.926   18.667  1.00 56.00 ? 93  ARG A NE  1 
ATOM   740  C CZ  . ARG A 1 115 ? -8.350  4.698   19.188  1.00 59.45 ? 93  ARG A CZ  1 
ATOM   741  N NH1 . ARG A 1 115 ? -8.199  5.278   20.370  1.00 55.96 ? 93  ARG A NH1 1 
ATOM   742  N NH2 . ARG A 1 115 ? -9.479  4.884   18.506  1.00 57.61 ? 93  ARG A NH2 1 
ATOM   743  N N   . GLY A 1 116 ? -2.153  1.833   17.590  1.00 50.00 ? 94  GLY A N   1 
ATOM   744  C CA  . GLY A 1 116 ? -1.044  1.570   18.492  1.00 47.90 ? 94  GLY A CA  1 
ATOM   745  C C   . GLY A 1 116 ? 0.097   0.768   17.892  1.00 50.38 ? 94  GLY A C   1 
ATOM   746  O O   . GLY A 1 116 ? 0.445   0.923   16.714  1.00 47.03 ? 94  GLY A O   1 
ATOM   747  N N   . ASP A 1 117 ? 0.688   -0.092  18.719  1.00 54.38 ? 95  ASP A N   1 
ATOM   748  C CA  . ASP A 1 117 ? 1.813   -0.924  18.308  1.00 53.14 ? 95  ASP A CA  1 
ATOM   749  C C   . ASP A 1 117 ? 1.524   -1.658  16.997  1.00 52.52 ? 95  ASP A C   1 
ATOM   750  O O   . ASP A 1 117 ? 0.466   -2.277  16.822  1.00 44.83 ? 95  ASP A O   1 
ATOM   751  C CB  . ASP A 1 117 ? 2.135   -1.922  19.420  1.00 50.78 ? 95  ASP A CB  1 
ATOM   752  C CG  . ASP A 1 117 ? 2.902   -3.127  18.915  1.00 55.19 ? 95  ASP A CG  1 
ATOM   753  O OD1 . ASP A 1 117 ? 4.123   -2.993  18.681  1.00 59.98 ? 95  ASP A OD1 1 
ATOM   754  O OD2 . ASP A 1 117 ? 2.282   -4.199  18.734  1.00 51.48 ? 95  ASP A OD2 1 
ATOM   755  N N   . ALA A 1 118 ? 2.488   -1.585  16.077  1.00 52.81 ? 96  ALA A N   1 
ATOM   756  C CA  . ALA A 1 118 ? 2.345   -2.181  14.755  1.00 45.26 ? 96  ALA A CA  1 
ATOM   757  C C   . ALA A 1 118 ? 2.549   -3.689  14.761  1.00 40.27 ? 96  ALA A C   1 
ATOM   758  O O   . ALA A 1 118 ? 2.140   -4.357  13.802  1.00 37.55 ? 96  ALA A O   1 
ATOM   759  C CB  . ALA A 1 118 ? 3.336   -1.535  13.776  1.00 41.42 ? 96  ALA A CB  1 
ATOM   760  N N   . SER A 1 119 ? 3.185   -4.239  15.796  1.00 41.68 ? 97  SER A N   1 
ATOM   761  C CA  . SER A 1 119 ? 3.335   -5.691  15.861  1.00 46.52 ? 97  SER A CA  1 
ATOM   762  C C   . SER A 1 119 ? 1.985   -6.370  16.057  1.00 39.61 ? 97  SER A C   1 
ATOM   763  O O   . SER A 1 119 ? 1.641   -7.302  15.321  1.00 42.32 ? 97  SER A O   1 
ATOM   764  C CB  . SER A 1 119 ? 4.302   -6.084  16.978  1.00 47.51 ? 97  SER A CB  1 
ATOM   765  O OG  . SER A 1 119 ? 5.633   -5.844  16.585  1.00 47.04 ? 97  SER A OG  1 
ATOM   766  N N   . ALA A 1 120 ? 1.199   -5.900  17.031  1.00 40.39 ? 98  ALA A N   1 
ATOM   767  C CA  . ALA A 1 120 ? -0.118  -6.487  17.286  1.00 45.01 ? 98  ALA A CA  1 
ATOM   768  C C   . ALA A 1 120 ? -0.997  -6.435  16.036  1.00 39.81 ? 98  ALA A C   1 
ATOM   769  O O   . ALA A 1 120 ? -1.638  -7.429  15.667  1.00 41.03 ? 98  ALA A O   1 
ATOM   770  C CB  . ALA A 1 120 ? -0.789  -5.770  18.460  1.00 39.80 ? 98  ALA A CB  1 
ATOM   771  N N   . ILE A 1 121 ? -1.002  -5.293  15.347  1.00 37.36 ? 99  ILE A N   1 
ATOM   772  C CA  . ILE A 1 121 ? -1.782  -5.152  14.121  1.00 33.65 ? 99  ILE A CA  1 
ATOM   773  C C   . ILE A 1 121 ? -1.346  -6.170  13.071  1.00 36.06 ? 99  ILE A C   1 
ATOM   774  O O   . ILE A 1 121 ? -2.175  -6.715  12.326  1.00 35.46 ? 99  ILE A O   1 
ATOM   775  C CB  . ILE A 1 121 ? -1.664  -3.707  13.606  1.00 34.58 ? 99  ILE A CB  1 
ATOM   776  C CG1 . ILE A 1 121 ? -2.169  -2.736  14.676  1.00 36.04 ? 99  ILE A CG1 1 
ATOM   777  C CG2 . ILE A 1 121 ? -2.417  -3.533  12.312  1.00 33.17 ? 99  ILE A CG2 1 
ATOM   778  C CD1 . ILE A 1 121 ? -2.166  -1.295  14.247  1.00 41.47 ? 99  ILE A CD1 1 
ATOM   779  N N   . ALA A 1 122 ? -0.043  -6.452  12.992  1.00 33.57 ? 100 ALA A N   1 
ATOM   780  C CA  . ALA A 1 122 ? 0.441   -7.351  11.949  1.00 37.77 ? 100 ALA A CA  1 
ATOM   781  C C   . ALA A 1 122 ? 0.027   -8.798  12.212  1.00 36.09 ? 100 ALA A C   1 
ATOM   782  O O   . ALA A 1 122 ? -0.275  -9.550  11.276  1.00 38.42 ? 100 ALA A O   1 
ATOM   783  C CB  . ALA A 1 122 ? 1.963   -7.245  11.823  1.00 33.04 ? 100 ALA A CB  1 
ATOM   784  N N   . VAL A 1 123 ? 0.033   -9.220  13.469  1.00 35.67 ? 101 VAL A N   1 
ATOM   785  C CA  . VAL A 1 123 ? -0.316  -10.613 13.718  1.00 43.82 ? 101 VAL A CA  1 
ATOM   786  C C   . VAL A 1 123 ? -1.825  -10.802 13.609  1.00 40.65 ? 101 VAL A C   1 
ATOM   787  O O   . VAL A 1 123 ? -2.301  -11.840 13.125  1.00 41.26 ? 101 VAL A O   1 
ATOM   788  C CB  . VAL A 1 123 ? 0.264   -11.065 15.070  1.00 40.57 ? 101 VAL A CB  1 
ATOM   789  C CG1 . VAL A 1 123 ? 1.717   -11.447 14.887  1.00 44.70 ? 101 VAL A CG1 1 
ATOM   790  C CG2 . VAL A 1 123 ? 0.177   -9.951  16.094  1.00 41.43 ? 101 VAL A CG2 1 
ATOM   791  N N   . ARG A 1 124 ? -2.594  -9.787  14.011  1.00 38.57 ? 102 ARG A N   1 
ATOM   792  C CA  . ARG A 1 124 ? -4.025  -9.762  13.733  1.00 40.47 ? 102 ARG A CA  1 
ATOM   793  C C   . ARG A 1 124 ? -4.293  -9.857  12.232  1.00 38.36 ? 102 ARG A C   1 
ATOM   794  O O   . ARG A 1 124 ? -5.123  -10.654 11.785  1.00 40.53 ? 102 ARG A O   1 
ATOM   795  C CB  . ARG A 1 124 ? -4.625  -8.490  14.328  1.00 37.40 ? 102 ARG A CB  1 
ATOM   796  C CG  . ARG A 1 124 ? -6.109  -8.313  14.114  1.00 43.88 ? 102 ARG A CG  1 
ATOM   797  C CD  . ARG A 1 124 ? -6.956  -9.061  15.133  1.00 40.93 ? 102 ARG A CD  1 
ATOM   798  N NE  . ARG A 1 124 ? -8.223  -8.368  15.360  1.00 37.80 ? 102 ARG A NE  1 
ATOM   799  C CZ  . ARG A 1 124 ? -9.305  -8.532  14.609  1.00 41.12 ? 102 ARG A CZ  1 
ATOM   800  N NH1 . ARG A 1 124 ? -9.299  -9.342  13.552  1.00 42.88 ? 102 ARG A NH1 1 
ATOM   801  N NH2 . ARG A 1 124 ? -10.414 -7.859  14.912  1.00 32.45 ? 102 ARG A NH2 1 
ATOM   802  N N   . ALA A 1 125 ? -3.567  -9.077  11.428  1.00 39.57 ? 103 ALA A N   1 
ATOM   803  C CA  . ALA A 1 125 ? -3.830  -9.084  9.993   1.00 33.75 ? 103 ALA A CA  1 
ATOM   804  C C   . ALA A 1 125 ? -3.292  -10.332 9.305   1.00 29.10 ? 103 ALA A C   1 
ATOM   805  O O   . ALA A 1 125 ? -3.880  -10.780 8.315   1.00 28.27 ? 103 ALA A O   1 
ATOM   806  C CB  . ALA A 1 125 ? -3.243  -7.828  9.340   1.00 30.32 ? 103 ALA A CB  1 
ATOM   807  N N   . ARG A 1 126 ? -2.172  -10.886 9.788   1.00 34.85 ? 104 ARG A N   1 
ATOM   808  C CA  . ARG A 1 126 ? -1.623  -12.120 9.214   1.00 39.50 ? 104 ARG A CA  1 
ATOM   809  C C   . ARG A 1 126 ? -2.520  -13.317 9.513   1.00 35.40 ? 104 ARG A C   1 
ATOM   810  O O   . ARG A 1 126 ? -2.683  -14.214 8.673   1.00 38.91 ? 104 ARG A O   1 
ATOM   811  C CB  . ARG A 1 126 ? -0.206  -12.377 9.744   1.00 41.63 ? 104 ARG A CB  1 
ATOM   812  C CG  . ARG A 1 126 ? 0.894   -11.926 8.792   1.00 43.03 ? 104 ARG A CG  1 
ATOM   813  C CD  . ARG A 1 126 ? 2.286   -12.457 9.177   1.00 45.73 ? 104 ARG A CD  1 
ATOM   814  N NE  . ARG A 1 126 ? 3.308   -11.504 8.755   1.00 43.52 ? 104 ARG A NE  1 
ATOM   815  C CZ  . ARG A 1 126 ? 3.754   -10.526 9.531   1.00 38.28 ? 104 ARG A CZ  1 
ATOM   816  N NH1 . ARG A 1 126 ? 3.422   -10.458 10.810  1.00 38.45 ? 104 ARG A NH1 1 
ATOM   817  N NH2 . ARG A 1 126 ? 4.519   -9.574  9.005   1.00 37.99 ? 104 ARG A NH2 1 
ATOM   818  N N   . GLN A 1 127 ? -3.091  -13.348 10.713  1.00 29.53 ? 105 GLN A N   1 
ATOM   819  C CA  . GLN A 1 127 ? -4.080  -14.366 11.037  1.00 38.42 ? 105 GLN A CA  1 
ATOM   820  C C   . GLN A 1 127 ? -5.273  -14.290 10.096  1.00 39.68 ? 105 GLN A C   1 
ATOM   821  O O   . GLN A 1 127 ? -5.603  -15.270 9.419   1.00 37.44 ? 105 GLN A O   1 
ATOM   822  C CB  . GLN A 1 127 ? -4.540  -14.208 12.477  1.00 39.19 ? 105 GLN A CB  1 
ATOM   823  C CG  . GLN A 1 127 ? -5.610  -15.201 12.824  1.00 43.86 ? 105 GLN A CG  1 
ATOM   824  C CD  . GLN A 1 127 ? -5.949  -15.151 14.284  1.00 47.37 ? 105 GLN A CD  1 
ATOM   825  O OE1 . GLN A 1 127 ? -6.361  -14.107 14.797  1.00 40.14 ? 105 GLN A OE1 1 
ATOM   826  N NE2 . GLN A 1 127 ? -5.764  -16.276 14.974  1.00 45.11 ? 105 GLN A NE2 1 
ATOM   827  N N   . ALA A 1 128 ? -5.911  -13.111 10.017  1.00 34.88 ? 106 ALA A N   1 
ATOM   828  C CA  . ALA A 1 128 ? -7.055  -12.925 9.131   1.00 34.61 ? 106 ALA A CA  1 
ATOM   829  C C   . ALA A 1 128 ? -6.707  -13.232 7.684   1.00 32.70 ? 106 ALA A C   1 
ATOM   830  O O   . ALA A 1 128 ? -7.589  -13.597 6.908   1.00 36.84 ? 106 ALA A O   1 
ATOM   831  C CB  . ALA A 1 128 ? -7.604  -11.497 9.258   1.00 25.81 ? 106 ALA A CB  1 
ATOM   832  N N   . ALA A 1 129 ? -5.436  -13.128 7.303   1.00 37.15 ? 107 ALA A N   1 
ATOM   833  C CA  . ALA A 1 129 ? -5.089  -13.403 5.917   1.00 36.29 ? 107 ALA A CA  1 
ATOM   834  C C   . ALA A 1 129 ? -5.105  -14.895 5.581   1.00 34.94 ? 107 ALA A C   1 
ATOM   835  O O   . ALA A 1 129 ? -5.101  -15.234 4.390   1.00 35.22 ? 107 ALA A O   1 
ATOM   836  C CB  . ALA A 1 129 ? -3.727  -12.781 5.597   1.00 35.97 ? 107 ALA A CB  1 
ATOM   837  N N   . LYS A 1 130 ? -5.125  -15.779 6.594   1.00 38.74 ? 108 LYS A N   1 
ATOM   838  C CA  . LYS A 1 130 ? -5.325  -17.228 6.409   1.00 37.21 ? 108 LYS A CA  1 
ATOM   839  C C   . LYS A 1 130 ? -4.208  -17.858 5.576   1.00 33.89 ? 108 LYS A C   1 
ATOM   840  O O   . LYS A 1 130 ? -4.462  -18.616 4.638   1.00 33.77 ? 108 LYS A O   1 
ATOM   841  C CB  . LYS A 1 130 ? -6.702  -17.512 5.790   1.00 37.20 ? 108 LYS A CB  1 
ATOM   842  C CG  . LYS A 1 130 ? -7.855  -17.143 6.715   1.00 40.09 ? 108 LYS A CG  1 
ATOM   843  C CD  . LYS A 1 130 ? -7.683  -17.825 8.079   1.00 45.72 ? 108 LYS A CD  1 
ATOM   844  C CE  . LYS A 1 130 ? -8.018  -16.871 9.226   1.00 50.24 ? 108 LYS A CE  1 
ATOM   845  N NZ  . LYS A 1 130 ? -9.347  -16.947 9.867   1.00 46.13 ? 108 LYS A NZ  1 
ATOM   846  N N   . GLY A 1 131 ? -2.955  -17.546 5.929   1.00 33.14 ? 109 GLY A N   1 
ATOM   847  C CA  . GLY A 1 131 ? -1.823  -18.025 5.165   1.00 32.31 ? 109 GLY A CA  1 
ATOM   848  C C   . GLY A 1 131 ? -1.523  -17.279 3.879   1.00 34.42 ? 109 GLY A C   1 
ATOM   849  O O   . GLY A 1 131 ? -0.459  -17.508 3.283   1.00 38.17 ? 109 GLY A O   1 
ATOM   850  N N   . LYS A 1 132 ? -2.410  -16.398 3.421   1.00 29.52 ? 110 LYS A N   1 
ATOM   851  C CA  . LYS A 1 132 ? -2.090  -15.520 2.304   1.00 29.19 ? 110 LYS A CA  1 
ATOM   852  C C   . LYS A 1 132 ? -1.309  -14.300 2.811   1.00 30.79 ? 110 LYS A C   1 
ATOM   853  O O   . LYS A 1 132 ? -1.054  -14.144 4.010   1.00 31.28 ? 110 LYS A O   1 
ATOM   854  C CB  . LYS A 1 132 ? -3.367  -15.121 1.571   1.00 31.88 ? 110 LYS A CB  1 
ATOM   855  C CG  . LYS A 1 132 ? -3.777  -16.122 0.498   1.00 31.58 ? 110 LYS A CG  1 
ATOM   856  C CD  . LYS A 1 132 ? -5.030  -15.676 -0.230  1.00 31.02 ? 110 LYS A CD  1 
ATOM   857  C CE  . LYS A 1 132 ? -5.211  -16.464 -1.510  1.00 28.38 ? 110 LYS A CE  1 
ATOM   858  N NZ  . LYS A 1 132 ? -6.366  -15.929 -2.275  1.00 37.41 ? 110 LYS A NZ  1 
ATOM   859  N N   . ASN A 1 133 ? -0.910  -13.419 1.896   1.00 31.46 ? 111 ASN A N   1 
ATOM   860  C CA  . ASN A 1 133 ? -0.130  -12.259 2.315   1.00 30.09 ? 111 ASN A CA  1 
ATOM   861  C C   . ASN A 1 133 ? -1.047  -11.149 2.828   1.00 31.83 ? 111 ASN A C   1 
ATOM   862  O O   . ASN A 1 133 ? -2.240  -11.099 2.514   1.00 30.38 ? 111 ASN A O   1 
ATOM   863  C CB  . ASN A 1 133 ? 0.715   -11.719 1.160   1.00 36.45 ? 111 ASN A CB  1 
ATOM   864  C CG  . ASN A 1 133 ? 1.730   -12.718 0.656   1.00 32.15 ? 111 ASN A CG  1 
ATOM   865  O OD1 . ASN A 1 133 ? 2.276   -13.491 1.433   1.00 28.69 ? 111 ASN A OD1 1 
ATOM   866  N ND2 . ASN A 1 133 ? 1.980   -12.708 -0.659  1.00 27.67 ? 111 ASN A ND2 1 
ATOM   867  N N   . VAL A 1 134 ? -0.466  -10.245 3.609   1.00 30.73 ? 112 VAL A N   1 
ATOM   868  C CA  . VAL A 1 134 ? -1.124  -9.020  4.046   1.00 25.38 ? 112 VAL A CA  1 
ATOM   869  C C   . VAL A 1 134 ? -0.657  -7.885  3.144   1.00 30.18 ? 112 VAL A C   1 
ATOM   870  O O   . VAL A 1 134 ? 0.548   -7.633  3.023   1.00 26.41 ? 112 VAL A O   1 
ATOM   871  C CB  . VAL A 1 134 ? -0.801  -8.701  5.508   1.00 27.92 ? 112 VAL A CB  1 
ATOM   872  C CG1 . VAL A 1 134 ? -1.456  -7.403  5.905   1.00 27.14 ? 112 VAL A CG1 1 
ATOM   873  C CG2 . VAL A 1 134 ? -1.231  -9.839  6.416   1.00 29.81 ? 112 VAL A CG2 1 
ATOM   874  N N   . TRP A 1 135 ? -1.602  -7.197  2.502   1.00 28.42 ? 113 TRP A N   1 
ATOM   875  C CA  . TRP A 1 135 ? -1.288  -6.080  1.615   1.00 24.79 ? 113 TRP A CA  1 
ATOM   876  C C   . TRP A 1 135 ? -1.388  -4.791  2.414   1.00 29.56 ? 113 TRP A C   1 
ATOM   877  O O   . TRP A 1 135 ? -2.497  -4.333  2.722   1.00 27.64 ? 113 TRP A O   1 
ATOM   878  C CB  . TRP A 1 135 ? -2.221  -6.038  0.410   1.00 25.93 ? 113 TRP A CB  1 
ATOM   879  C CG  . TRP A 1 135 ? -2.013  -4.839  -0.515  1.00 27.27 ? 113 TRP A CG  1 
ATOM   880  C CD1 . TRP A 1 135 ? -0.936  -3.999  -0.539  1.00 23.03 ? 113 TRP A CD1 1 
ATOM   881  C CD2 . TRP A 1 135 ? -2.910  -4.373  -1.548  1.00 24.69 ? 113 TRP A CD2 1 
ATOM   882  N NE1 . TRP A 1 135 ? -1.098  -3.046  -1.523  1.00 27.29 ? 113 TRP A NE1 1 
ATOM   883  C CE2 . TRP A 1 135 ? -2.300  -3.247  -2.152  1.00 23.83 ? 113 TRP A CE2 1 
ATOM   884  C CE3 . TRP A 1 135 ? -4.165  -4.796  -2.010  1.00 28.20 ? 113 TRP A CE3 1 
ATOM   885  C CZ2 . TRP A 1 135 ? -2.895  -2.542  -3.193  1.00 27.70 ? 113 TRP A CZ2 1 
ATOM   886  C CZ3 . TRP A 1 135 ? -4.763  -4.097  -3.057  1.00 26.48 ? 113 TRP A CZ3 1 
ATOM   887  C CH2 . TRP A 1 135 ? -4.123  -2.980  -3.637  1.00 30.55 ? 113 TRP A CH2 1 
ATOM   888  N N   . LEU A 1 136 ? -0.229  -4.211  2.744   1.00 26.32 ? 114 LEU A N   1 
ATOM   889  C CA  . LEU A 1 136 ? -0.126  -2.859  3.305   1.00 28.19 ? 114 LEU A CA  1 
ATOM   890  C C   . LEU A 1 136 ? -0.334  -1.856  2.173   1.00 29.18 ? 114 LEU A C   1 
ATOM   891  O O   . LEU A 1 136 ? 0.613   -1.470  1.486   1.00 30.93 ? 114 LEU A O   1 
ATOM   892  C CB  . LEU A 1 136 ? 1.232   -2.646  3.966   1.00 26.70 ? 114 LEU A CB  1 
ATOM   893  C CG  . LEU A 1 136 ? 1.380   -1.595  5.074   1.00 30.21 ? 114 LEU A CG  1 
ATOM   894  C CD1 . LEU A 1 136 ? 2.866   -1.440  5.378   1.00 30.40 ? 114 LEU A CD1 1 
ATOM   895  C CD2 . LEU A 1 136 ? 0.751   -0.226  4.737   1.00 28.70 ? 114 LEU A CD2 1 
ATOM   896  N N   . VAL A 1 137 ? -1.583  -1.413  1.974   1.00 27.04 ? 115 VAL A N   1 
ATOM   897  C CA  . VAL A 1 137 ? -1.840  -0.503  0.863   1.00 29.45 ? 115 VAL A CA  1 
ATOM   898  C C   . VAL A 1 137 ? -1.272  0.891   1.143   1.00 26.96 ? 115 VAL A C   1 
ATOM   899  O O   . VAL A 1 137 ? -1.006  1.646   0.197   1.00 29.85 ? 115 VAL A O   1 
ATOM   900  C CB  . VAL A 1 137 ? -3.347  -0.474  0.497   1.00 29.85 ? 115 VAL A CB  1 
ATOM   901  C CG1 . VAL A 1 137 ? -4.124  -1.529  1.256   1.00 26.93 ? 115 VAL A CG1 1 
ATOM   902  C CG2 . VAL A 1 137 ? -3.964  0.908   0.642   1.00 29.95 ? 115 VAL A CG2 1 
ATOM   903  N N   . GLY A 1 138 ? -1.034  1.241   2.404   1.00 30.48 ? 116 GLY A N   1 
ATOM   904  C CA  . GLY A 1 138 ? -0.377  2.494   2.719   1.00 30.65 ? 116 GLY A CA  1 
ATOM   905  C C   . GLY A 1 138 ? -1.211  3.344   3.661   1.00 28.06 ? 116 GLY A C   1 
ATOM   906  O O   . GLY A 1 138 ? -2.094  2.845   4.361   1.00 32.98 ? 116 GLY A O   1 
ATOM   907  N N   . GLY A 1 139 ? -0.938  4.642   3.677   1.00 28.64 ? 117 GLY A N   1 
ATOM   908  C CA  . GLY A 1 139 ? 0.080   5.217   2.818   1.00 27.68 ? 117 GLY A CA  1 
ATOM   909  C C   . GLY A 1 139 ? 1.447   5.258   3.467   1.00 25.09 ? 117 GLY A C   1 
ATOM   910  O O   . GLY A 1 139 ? 1.835   4.336   4.195   1.00 22.01 ? 117 GLY A O   1 
ATOM   911  N N   . GLY A 1 140 ? 2.170   6.356   3.224   1.00 30.36 ? 118 GLY A N   1 
ATOM   912  C CA  . GLY A 1 140 ? 3.546   6.441   3.685   1.00 23.88 ? 118 GLY A CA  1 
ATOM   913  C C   . GLY A 1 140 ? 3.665   6.356   5.193   1.00 27.49 ? 118 GLY A C   1 
ATOM   914  O O   . GLY A 1 140 ? 4.425   5.536   5.725   1.00 22.35 ? 118 GLY A O   1 
ATOM   915  N N   . LYS A 1 141 ? 2.913   7.205   5.901   1.00 27.88 ? 119 LYS A N   1 
ATOM   916  C CA  . LYS A 1 141 ? 2.998   7.246   7.358   1.00 28.46 ? 119 LYS A CA  1 
ATOM   917  C C   . LYS A 1 141 ? 2.760   5.868   7.955   1.00 25.75 ? 119 LYS A C   1 
ATOM   918  O O   . LYS A 1 141 ? 3.480   5.444   8.867   1.00 29.73 ? 119 LYS A O   1 
ATOM   919  C CB  . LYS A 1 141 ? 1.983   8.245   7.919   1.00 33.56 ? 119 LYS A CB  1 
ATOM   920  C CG  . LYS A 1 141 ? 2.160   9.689   7.457   1.00 35.11 ? 119 LYS A CG  1 
ATOM   921  C CD  . LYS A 1 141 ? 1.946   10.663  8.615   1.00 31.18 ? 119 LYS A CD  1 
ATOM   922  C CE  . LYS A 1 141 ? 1.562   12.050  8.117   1.00 35.43 ? 119 LYS A CE  1 
ATOM   923  N NZ  . LYS A 1 141 ? 0.179   12.116  7.555   1.00 40.77 ? 119 LYS A NZ  1 
ATOM   924  N N   . THR A 1 142 ? 1.765   5.147   7.431   1.00 27.43 ? 120 THR A N   1 
ATOM   925  C CA  . THR A 1 142 ? 1.451   3.808   7.938   1.00 28.51 ? 120 THR A CA  1 
ATOM   926  C C   . THR A 1 142 ? 2.567   2.825   7.614   1.00 27.11 ? 120 THR A C   1 
ATOM   927  O O   . THR A 1 142 ? 2.981   2.030   8.476   1.00 23.16 ? 120 THR A O   1 
ATOM   928  C CB  . THR A 1 142 ? 0.132   3.301   7.342   1.00 24.23 ? 120 THR A CB  1 
ATOM   929  O OG1 . THR A 1 142 ? -0.926  4.213   7.653   1.00 24.32 ? 120 THR A OG1 1 
ATOM   930  C CG2 . THR A 1 142 ? -0.199  1.913   7.892   1.00 33.05 ? 120 THR A CG2 1 
ATOM   931  N N   . ALA A 1 143 ? 3.033   2.840   6.357   1.00 24.21 ? 121 ALA A N   1 
ATOM   932  C CA  . ALA A 1 143 ? 4.122   1.957   5.943   1.00 25.32 ? 121 ALA A CA  1 
ATOM   933  C C   . ALA A 1 143 ? 5.345   2.144   6.829   1.00 27.86 ? 121 ALA A C   1 
ATOM   934  O O   . ALA A 1 143 ? 5.924   1.165   7.322   1.00 27.51 ? 121 ALA A O   1 
ATOM   935  C CB  . ALA A 1 143 ? 4.470   2.227   4.485   1.00 29.37 ? 121 ALA A CB  1 
ATOM   936  N N   . ALA A 1 144 ? 5.724   3.410   7.072   1.00 27.08 ? 122 ALA A N   1 
ATOM   937  C CA  . ALA A 1 144 ? 6.874   3.723   7.918   1.00 29.29 ? 122 ALA A CA  1 
ATOM   938  C C   . ALA A 1 144 ? 6.673   3.239   9.354   1.00 31.29 ? 122 ALA A C   1 
ATOM   939  O O   . ALA A 1 144 ? 7.621   2.779   9.998   1.00 29.37 ? 122 ALA A O   1 
ATOM   940  C CB  . ALA A 1 144 ? 7.144   5.227   7.886   1.00 30.59 ? 122 ALA A CB  1 
ATOM   941  N N   . CYS A 1 145 ? 5.453   3.349   9.884   1.00 33.41 ? 123 CYS A N   1 
ATOM   942  C CA  . CYS A 1 145 ? 5.195   2.810   11.212  1.00 29.24 ? 123 CYS A CA  1 
ATOM   943  C C   . CYS A 1 145 ? 5.560   1.330   11.257  1.00 28.38 ? 123 CYS A C   1 
ATOM   944  O O   . CYS A 1 145 ? 6.275   0.879   12.159  1.00 32.52 ? 123 CYS A O   1 
ATOM   945  C CB  . CYS A 1 145 ? 3.728   3.045   11.602  1.00 33.71 ? 123 CYS A CB  1 
ATOM   946  S SG  . CYS A 1 145 ? 3.259   2.358   13.241  1.00 51.93 ? 123 CYS A SG  1 
ATOM   947  N N   . PHE A 1 146 ? 5.138   0.571   10.247  1.00 32.18 ? 124 PHE A N   1 
ATOM   948  C CA  . PHE A 1 146 ? 5.446   -0.860  10.215  1.00 33.06 ? 124 PHE A CA  1 
ATOM   949  C C   . PHE A 1 146 ? 6.941   -1.105  10.032  1.00 36.16 ? 124 PHE A C   1 
ATOM   950  O O   . PHE A 1 146 ? 7.514   -1.975  10.698  1.00 33.95 ? 124 PHE A O   1 
ATOM   951  C CB  . PHE A 1 146 ? 4.647   -1.549  9.104   1.00 27.27 ? 124 PHE A CB  1 
ATOM   952  C CG  . PHE A 1 146 ? 3.214   -1.824  9.472   1.00 31.51 ? 124 PHE A CG  1 
ATOM   953  C CD1 . PHE A 1 146 ? 2.905   -2.748  10.459  1.00 37.56 ? 124 PHE A CD1 1 
ATOM   954  C CD2 . PHE A 1 146 ? 2.182   -1.156  8.839   1.00 32.07 ? 124 PHE A CD2 1 
ATOM   955  C CE1 . PHE A 1 146 ? 1.593   -2.990  10.808  1.00 37.55 ? 124 PHE A CE1 1 
ATOM   956  C CE2 . PHE A 1 146 ? 0.867   -1.388  9.177   1.00 36.27 ? 124 PHE A CE2 1 
ATOM   957  C CZ  . PHE A 1 146 ? 0.567   -2.307  10.163  1.00 37.64 ? 124 PHE A CZ  1 
ATOM   958  N N   . ALA A 1 147 ? 7.588   -0.353  9.133   1.00 30.72 ? 125 ALA A N   1 
ATOM   959  C CA  . ALA A 1 147 ? 9.014   -0.566  8.884   1.00 32.42 ? 125 ALA A CA  1 
ATOM   960  C C   . ALA A 1 147 ? 9.830   -0.232  10.125  1.00 33.86 ? 125 ALA A C   1 
ATOM   961  O O   . ALA A 1 147 ? 10.694  -1.012  10.534  1.00 36.12 ? 125 ALA A O   1 
ATOM   962  C CB  . ALA A 1 147 ? 9.483   0.269   7.686   1.00 28.45 ? 125 ALA A CB  1 
ATOM   963  N N   . ASN A 1 148 ? 9.552   0.924   10.751  1.00 38.54 ? 126 ASN A N   1 
ATOM   964  C CA  . ASN A 1 148 ? 10.225  1.274   12.001  1.00 37.02 ? 126 ASN A CA  1 
ATOM   965  C C   . ASN A 1 148 ? 10.074  0.178   13.041  1.00 43.03 ? 126 ASN A C   1 
ATOM   966  O O   . ASN A 1 148 ? 10.973  -0.019  13.866  1.00 44.42 ? 126 ASN A O   1 
ATOM   967  C CB  . ASN A 1 148 ? 9.690   2.593   12.573  1.00 36.14 ? 126 ASN A CB  1 
ATOM   968  C CG  . ASN A 1 148 ? 9.887   3.774   11.632  1.00 38.92 ? 126 ASN A CG  1 
ATOM   969  O OD1 . ASN A 1 148 ? 10.799  3.786   10.805  1.00 39.05 ? 126 ASN A OD1 1 
ATOM   970  N ND2 . ASN A 1 148 ? 9.052   4.795   11.785  1.00 37.11 ? 126 ASN A ND2 1 
ATOM   971  N N   . ALA A 1 149 ? 8.944   -0.546  13.018  1.00 36.52 ? 127 ALA A N   1 
ATOM   972  C CA  . ALA A 1 149 ? 8.702   -1.676  13.910  1.00 35.60 ? 127 ALA A CA  1 
ATOM   973  C C   . ALA A 1 149 ? 9.305   -2.988  13.413  1.00 36.44 ? 127 ALA A C   1 
ATOM   974  O O   . ALA A 1 149 ? 9.091   -4.019  14.054  1.00 39.83 ? 127 ALA A O   1 
ATOM   975  C CB  . ALA A 1 149 ? 7.195   -1.868  14.115  1.00 37.59 ? 127 ALA A CB  1 
ATOM   976  N N   . GLY A 1 150 ? 10.037  -2.983  12.297  1.00 37.32 ? 128 GLY A N   1 
ATOM   977  C CA  . GLY A 1 150 ? 10.580  -4.207  11.731  1.00 33.71 ? 128 GLY A CA  1 
ATOM   978  C C   . GLY A 1 150 ? 9.555   -5.209  11.243  1.00 37.22 ? 128 GLY A C   1 
ATOM   979  O O   . GLY A 1 150 ? 9.847   -6.408  11.206  1.00 36.24 ? 128 GLY A O   1 
ATOM   980  N N   . GLU A 1 151 ? 8.354   -4.751  10.869  1.00 34.29 ? 129 GLU A N   1 
ATOM   981  C CA  . GLU A 1 151 ? 7.242   -5.616  10.484  1.00 32.95 ? 129 GLU A CA  1 
ATOM   982  C C   . GLU A 1 151 ? 7.017   -5.684  8.980   1.00 32.65 ? 129 GLU A C   1 
ATOM   983  O O   . GLU A 1 151 ? 6.267   -6.558  8.521   1.00 27.46 ? 129 GLU A O   1 
ATOM   984  C CB  . GLU A 1 151 ? 5.942   -5.142  11.151  1.00 31.81 ? 129 GLU A CB  1 
ATOM   985  C CG  . GLU A 1 151 ? 5.913   -5.348  12.648  1.00 32.76 ? 129 GLU A CG  1 
ATOM   986  C CD  . GLU A 1 151 ? 5.900   -6.819  13.035  1.00 36.03 ? 129 GLU A CD  1 
ATOM   987  O OE1 . GLU A 1 151 ? 5.450   -7.655  12.215  1.00 30.10 ? 129 GLU A OE1 1 
ATOM   988  O OE2 . GLU A 1 151 ? 6.353   -7.135  14.159  1.00 36.51 ? 129 GLU A OE2 1 
ATOM   989  N N   . LEU A 1 152 ? 7.617   -4.778  8.213   1.00 31.37 ? 130 LEU A N   1 
ATOM   990  C CA  . LEU A 1 152 ? 7.465   -4.751  6.767   1.00 29.23 ? 130 LEU A CA  1 
ATOM   991  C C   . LEU A 1 152 ? 8.549   -5.617  6.135   1.00 33.30 ? 130 LEU A C   1 
ATOM   992  O O   . LEU A 1 152 ? 9.738   -5.457  6.443   1.00 36.07 ? 130 LEU A O   1 
ATOM   993  C CB  . LEU A 1 152 ? 7.552   -3.316  6.253   1.00 25.34 ? 130 LEU A CB  1 
ATOM   994  C CG  . LEU A 1 152 ? 7.575   -3.161  4.740   1.00 25.92 ? 130 LEU A CG  1 
ATOM   995  C CD1 . LEU A 1 152 ? 6.220   -3.532  4.164   1.00 29.02 ? 130 LEU A CD1 1 
ATOM   996  C CD2 . LEU A 1 152 ? 7.954   -1.747  4.386   1.00 24.75 ? 130 LEU A CD2 1 
ATOM   997  N N   . GLN A 1 153 ? 8.138   -6.526  5.252   1.00 28.67 ? 131 GLN A N   1 
ATOM   998  C CA  . GLN A 1 153 ? 9.026   -7.550  4.717   1.00 31.96 ? 131 GLN A CA  1 
ATOM   999  C C   . GLN A 1 153 ? 9.265   -7.445  3.223   1.00 36.54 ? 131 GLN A C   1 
ATOM   1000 O O   . GLN A 1 153 ? 10.305  -7.919  2.748   1.00 35.33 ? 131 GLN A O   1 
ATOM   1001 C CB  . GLN A 1 153 ? 8.471   -8.956  5.013   1.00 36.93 ? 131 GLN A CB  1 
ATOM   1002 C CG  . GLN A 1 153 ? 8.133   -9.212  6.474   1.00 32.70 ? 131 GLN A CG  1 
ATOM   1003 C CD  . GLN A 1 153 ? 7.201   -10.397 6.618   1.00 44.07 ? 131 GLN A CD  1 
ATOM   1004 O OE1 . GLN A 1 153 ? 5.989   -10.224 6.771   1.00 39.21 ? 131 GLN A OE1 1 
ATOM   1005 N NE2 . GLN A 1 153 ? 7.760   -11.616 6.572   1.00 44.68 ? 131 GLN A NE2 1 
ATOM   1006 N N   . GLN A 1 154 ? 8.348   -6.853  2.464   1.00 25.54 ? 132 GLN A N   1 
ATOM   1007 C CA  . GLN A 1 154 ? 8.561   -6.771  1.033   1.00 25.67 ? 132 GLN A CA  1 
ATOM   1008 C C   . GLN A 1 154 ? 7.826   -5.555  0.485   1.00 26.94 ? 132 GLN A C   1 
ATOM   1009 O O   . GLN A 1 154 ? 6.860   -5.080  1.089   1.00 23.76 ? 132 GLN A O   1 
ATOM   1010 C CB  . GLN A 1 154 ? 8.107   -8.071  0.370   1.00 31.29 ? 132 GLN A CB  1 
ATOM   1011 C CG  . GLN A 1 154 ? 7.931   -8.042  -1.140  1.00 33.78 ? 132 GLN A CG  1 
ATOM   1012 C CD  . GLN A 1 154 ? 7.376   -9.358  -1.661  1.00 40.77 ? 132 GLN A CD  1 
ATOM   1013 O OE1 . GLN A 1 154 ? 6.305   -9.400  -2.275  1.00 41.10 ? 132 GLN A OE1 1 
ATOM   1014 N NE2 . GLN A 1 154 ? 8.092   -10.442 -1.397  1.00 45.72 ? 132 GLN A NE2 1 
ATOM   1015 N N   . LEU A 1 155 ? 8.330   -5.022  -0.639  1.00 23.61 ? 133 LEU A N   1 
ATOM   1016 C CA  . LEU A 1 155 ? 7.707   -3.918  -1.357  1.00 26.70 ? 133 LEU A CA  1 
ATOM   1017 C C   . LEU A 1 155 ? 7.582   -4.266  -2.835  1.00 26.52 ? 133 LEU A C   1 
ATOM   1018 O O   . LEU A 1 155 ? 8.454   -4.915  -3.416  1.00 27.38 ? 133 LEU A O   1 
ATOM   1019 C CB  . LEU A 1 155 ? 8.498   -2.613  -1.224  1.00 25.62 ? 133 LEU A CB  1 
ATOM   1020 C CG  . LEU A 1 155 ? 8.563   -1.984  0.166   1.00 27.74 ? 133 LEU A CG  1 
ATOM   1021 C CD1 . LEU A 1 155 ? 9.751   -2.551  0.969   1.00 28.96 ? 133 LEU A CD1 1 
ATOM   1022 C CD2 . LEU A 1 155 ? 8.619   -0.472  0.081   1.00 25.13 ? 133 LEU A CD2 1 
ATOM   1023 N N   . PHE A 1 156 ? 6.504   -3.808  -3.446  1.00 23.90 ? 134 PHE A N   1 
ATOM   1024 C CA  . PHE A 1 156 ? 6.275   -3.955  -4.880  1.00 22.68 ? 134 PHE A CA  1 
ATOM   1025 C C   . PHE A 1 156 ? 5.910   -2.560  -5.351  1.00 21.25 ? 134 PHE A C   1 
ATOM   1026 O O   . PHE A 1 156 ? 4.799   -2.098  -5.089  1.00 22.14 ? 134 PHE A O   1 
ATOM   1027 C CB  . PHE A 1 156 ? 5.148   -4.964  -5.147  1.00 25.58 ? 134 PHE A CB  1 
ATOM   1028 C CG  . PHE A 1 156 ? 4.903   -5.293  -6.608  1.00 27.51 ? 134 PHE A CG  1 
ATOM   1029 C CD1 . PHE A 1 156 ? 4.899   -4.320  -7.584  1.00 25.64 ? 134 PHE A CD1 1 
ATOM   1030 C CD2 . PHE A 1 156 ? 4.589   -6.589  -6.978  1.00 35.99 ? 134 PHE A CD2 1 
ATOM   1031 C CE1 . PHE A 1 156 ? 4.654   -4.631  -8.913  1.00 31.34 ? 134 PHE A CE1 1 
ATOM   1032 C CE2 . PHE A 1 156 ? 4.351   -6.911  -8.311  1.00 37.70 ? 134 PHE A CE2 1 
ATOM   1033 C CZ  . PHE A 1 156 ? 4.383   -5.923  -9.279  1.00 29.73 ? 134 PHE A CZ  1 
ATOM   1034 N N   . ILE A 1 157 ? 6.816   -1.892  -6.059  1.00 22.97 ? 135 ILE A N   1 
ATOM   1035 C CA  . ILE A 1 157 ? 6.625   -0.500  -6.454  1.00 21.06 ? 135 ILE A CA  1 
ATOM   1036 C C   . ILE A 1 157 ? 6.441   -0.420  -7.968  1.00 22.26 ? 135 ILE A C   1 
ATOM   1037 O O   . ILE A 1 157 ? 7.282   -0.910  -8.734  1.00 21.18 ? 135 ILE A O   1 
ATOM   1038 C CB  . ILE A 1 157 ? 7.799   0.387   -6.002  1.00 19.06 ? 135 ILE A CB  1 
ATOM   1039 C CG1 . ILE A 1 157 ? 7.841   0.500   -4.471  1.00 21.26 ? 135 ILE A CG1 1 
ATOM   1040 C CG2 . ILE A 1 157 ? 7.645   1.778   -6.588  1.00 21.01 ? 135 ILE A CG2 1 
ATOM   1041 C CD1 . ILE A 1 157 ? 9.098   1.167   -3.910  1.00 16.02 ? 135 ILE A CD1 1 
ATOM   1042 N N   . THR A 1 158 ? 5.358   0.222   -8.399  1.00 19.28 ? 136 THR A N   1 
ATOM   1043 C CA  . THR A 1 158 ? 5.202   0.643   -9.791  1.00 24.02 ? 136 THR A CA  1 
ATOM   1044 C C   . THR A 1 158 ? 5.582   2.126   -9.882  1.00 26.35 ? 136 THR A C   1 
ATOM   1045 O O   . THR A 1 158 ? 4.985   2.971   -9.202  1.00 23.95 ? 136 THR A O   1 
ATOM   1046 C CB  . THR A 1 158 ? 3.774   0.378   -10.286 1.00 24.32 ? 136 THR A CB  1 
ATOM   1047 O OG1 . THR A 1 158 ? 3.469   -1.017  -10.113 1.00 22.83 ? 136 THR A OG1 1 
ATOM   1048 C CG2 . THR A 1 158 ? 3.609   0.731   -11.764 1.00 23.24 ? 136 THR A CG2 1 
ATOM   1049 N N   . THR A 1 159 ? 6.610   2.436   -10.673 1.00 26.45 ? 137 THR A N   1 
ATOM   1050 C CA  . THR A 1 159 ? 7.147   3.794   -10.760 1.00 23.83 ? 137 THR A CA  1 
ATOM   1051 C C   . THR A 1 159 ? 6.706   4.461   -12.051 1.00 25.75 ? 137 THR A C   1 
ATOM   1052 O O   . THR A 1 159 ? 6.952   3.937   -13.138 1.00 26.70 ? 137 THR A O   1 
ATOM   1053 C CB  . THR A 1 159 ? 8.676   3.795   -10.669 1.00 24.24 ? 137 THR A CB  1 
ATOM   1054 O OG1 . THR A 1 159 ? 9.081   3.275   -9.398  1.00 20.11 ? 137 THR A OG1 1 
ATOM   1055 C CG2 . THR A 1 159 ? 9.232   5.212   -10.826 1.00 22.65 ? 137 THR A CG2 1 
ATOM   1056 N N   . ILE A 1 160 ? 6.063   5.620   -11.923 1.00 26.37 ? 138 ILE A N   1 
ATOM   1057 C CA  . ILE A 1 160 ? 5.546   6.367   -13.063 1.00 25.36 ? 138 ILE A CA  1 
ATOM   1058 C C   . ILE A 1 160 ? 6.612   7.356   -13.529 1.00 28.96 ? 138 ILE A C   1 
ATOM   1059 O O   . ILE A 1 160 ? 7.153   8.105   -12.704 1.00 27.88 ? 138 ILE A O   1 
ATOM   1060 C CB  . ILE A 1 160 ? 4.232   7.077   -12.695 1.00 25.43 ? 138 ILE A CB  1 
ATOM   1061 C CG1 . ILE A 1 160 ? 3.269   6.091   -12.013 1.00 25.87 ? 138 ILE A CG1 1 
ATOM   1062 C CG2 . ILE A 1 160 ? 3.570   7.686   -13.916 1.00 23.00 ? 138 ILE A CG2 1 
ATOM   1063 C CD1 . ILE A 1 160 ? 2.920   4.889   -12.880 1.00 22.72 ? 138 ILE A CD1 1 
ATOM   1064 N N   . PRO A 1 161 ? 6.940   7.409   -14.840 1.00 31.41 ? 139 PRO A N   1 
ATOM   1065 C CA  . PRO A 1 161 ? 7.983   8.334   -15.314 1.00 29.49 ? 139 PRO A CA  1 
ATOM   1066 C C   . PRO A 1 161 ? 7.609   9.812   -15.212 1.00 30.73 ? 139 PRO A C   1 
ATOM   1067 O O   . PRO A 1 161 ? 7.333   10.461  -16.228 1.00 29.84 ? 139 PRO A O   1 
ATOM   1068 C CB  . PRO A 1 161 ? 8.161   7.925   -16.783 1.00 31.49 ? 139 PRO A CB  1 
ATOM   1069 C CG  . PRO A 1 161 ? 6.802   7.421   -17.188 1.00 28.12 ? 139 PRO A CG  1 
ATOM   1070 C CD  . PRO A 1 161 ? 6.335   6.653   -15.957 1.00 29.95 ? 139 PRO A CD  1 
ATOM   1071 N N   . THR A 1 162 ? 7.645   10.366  -14.003 1.00 30.68 ? 140 THR A N   1 
ATOM   1072 C CA  . THR A 1 162 ? 7.316   11.767  -13.787 1.00 28.64 ? 140 THR A CA  1 
ATOM   1073 C C   . THR A 1 162 ? 7.848   12.150  -12.423 1.00 27.11 ? 140 THR A C   1 
ATOM   1074 O O   . THR A 1 162 ? 7.989   11.298  -11.550 1.00 24.48 ? 140 THR A O   1 
ATOM   1075 C CB  . THR A 1 162 ? 5.802   12.036  -13.860 1.00 33.05 ? 140 THR A CB  1 
ATOM   1076 O OG1 . THR A 1 162 ? 5.507   13.361  -13.377 1.00 30.50 ? 140 THR A OG1 1 
ATOM   1077 C CG2 . THR A 1 162 ? 5.042   11.030  -13.016 1.00 31.57 ? 140 THR A CG2 1 
ATOM   1078 N N   . PHE A 1 163 ? 8.167   13.437  -12.270 1.00 24.89 ? 141 PHE A N   1 
ATOM   1079 C CA  . PHE A 1 163 ? 8.500   14.036  -10.986 1.00 24.01 ? 141 PHE A CA  1 
ATOM   1080 C C   . PHE A 1 163 ? 7.386   14.997  -10.608 1.00 27.59 ? 141 PHE A C   1 
ATOM   1081 O O   . PHE A 1 163 ? 6.918   15.772  -11.444 1.00 32.45 ? 141 PHE A O   1 
ATOM   1082 C CB  . PHE A 1 163 ? 9.835   14.796  -11.042 1.00 25.12 ? 141 PHE A CB  1 
ATOM   1083 C CG  . PHE A 1 163 ? 11.000  13.948  -11.473 1.00 23.69 ? 141 PHE A CG  1 
ATOM   1084 C CD1 . PHE A 1 163 ? 11.233  13.693  -12.832 1.00 24.46 ? 141 PHE A CD1 1 
ATOM   1085 C CD2 . PHE A 1 163 ? 11.852  13.393  -10.530 1.00 22.14 ? 141 PHE A CD2 1 
ATOM   1086 C CE1 . PHE A 1 163 ? 12.303  12.909  -13.239 1.00 20.51 ? 141 PHE A CE1 1 
ATOM   1087 C CE2 . PHE A 1 163 ? 12.931  12.597  -10.934 1.00 25.31 ? 141 PHE A CE2 1 
ATOM   1088 C CZ  . PHE A 1 163 ? 13.152  12.358  -12.299 1.00 20.63 ? 141 PHE A CZ  1 
ATOM   1089 N N   . ILE A 1 164 ? 6.962   14.967  -9.350  1.00 24.93 ? 142 ILE A N   1 
ATOM   1090 C CA  . ILE A 1 164 ? 6.008   15.967  -8.898  1.00 25.89 ? 142 ILE A CA  1 
ATOM   1091 C C   . ILE A 1 164 ? 6.606   16.896  -7.849  1.00 26.62 ? 142 ILE A C   1 
ATOM   1092 O O   . ILE A 1 164 ? 5.886   17.704  -7.263  1.00 28.08 ? 142 ILE A O   1 
ATOM   1093 C CB  . ILE A 1 164 ? 4.710   15.306  -8.391  1.00 22.91 ? 142 ILE A CB  1 
ATOM   1094 C CG1 . ILE A 1 164 ? 4.940   14.518  -7.096  1.00 23.07 ? 142 ILE A CG1 1 
ATOM   1095 C CG2 . ILE A 1 164 ? 4.152   14.386  -9.468  1.00 20.84 ? 142 ILE A CG2 1 
ATOM   1096 C CD1 . ILE A 1 164 ? 3.682   13.810  -6.593  1.00 25.80 ? 142 ILE A CD1 1 
ATOM   1097 N N   . GLY A 1 165 ? 7.912   16.791  -7.586  1.00 24.69 ? 143 GLY A N   1 
ATOM   1098 C CA  . GLY A 1 165 ? 8.601   17.734  -6.711  1.00 23.49 ? 143 GLY A CA  1 
ATOM   1099 C C   . GLY A 1 165 ? 8.326   17.602  -5.218  1.00 28.87 ? 143 GLY A C   1 
ATOM   1100 O O   . GLY A 1 165 ? 9.246   17.347  -4.423  1.00 27.58 ? 143 GLY A O   1 
ATOM   1101 N N   . THR A 1 166 ? 7.070   17.810  -4.814  1.00 22.38 ? 144 THR A N   1 
ATOM   1102 C CA  . THR A 1 166 ? 6.652   17.603  -3.434  1.00 28.03 ? 144 THR A CA  1 
ATOM   1103 C C   . THR A 1 166 ? 5.433   16.687  -3.427  1.00 25.72 ? 144 THR A C   1 
ATOM   1104 O O   . THR A 1 166 ? 4.705   16.603  -4.417  1.00 25.52 ? 144 THR A O   1 
ATOM   1105 C CB  . THR A 1 166 ? 6.299   18.916  -2.728  1.00 27.77 ? 144 THR A CB  1 
ATOM   1106 O OG1 . THR A 1 166 ? 5.150   19.495  -3.359  1.00 30.13 ? 144 THR A OG1 1 
ATOM   1107 C CG2 . THR A 1 166 ? 7.459   19.910  -2.814  1.00 32.42 ? 144 THR A CG2 1 
ATOM   1108 N N   . GLY A 1 167 ? 5.218   15.994  -2.315  1.00 25.19 ? 145 GLY A N   1 
ATOM   1109 C CA  . GLY A 1 167 ? 4.010   15.200  -2.185  1.00 28.04 ? 145 GLY A CA  1 
ATOM   1110 C C   . GLY A 1 167 ? 4.110   14.234  -1.027  1.00 25.39 ? 145 GLY A C   1 
ATOM   1111 O O   . GLY A 1 167 ? 4.992   14.343  -0.177  1.00 20.82 ? 145 GLY A O   1 
ATOM   1112 N N   . VAL A 1 168 ? 3.189   13.267  -1.016  1.00 25.07 ? 146 VAL A N   1 
ATOM   1113 C CA  . VAL A 1 168 ? 3.137   12.293  0.071   1.00 27.41 ? 146 VAL A CA  1 
ATOM   1114 C C   . VAL A 1 168 ? 4.323   11.351  -0.099  1.00 27.71 ? 146 VAL A C   1 
ATOM   1115 O O   . VAL A 1 168 ? 4.420   10.680  -1.135  1.00 27.75 ? 146 VAL A O   1 
ATOM   1116 C CB  . VAL A 1 168 ? 1.806   11.513  0.088   1.00 24.35 ? 146 VAL A CB  1 
ATOM   1117 C CG1 . VAL A 1 168 ? 1.741   10.595  1.281   1.00 24.52 ? 146 VAL A CG1 1 
ATOM   1118 C CG2 . VAL A 1 168 ? 0.598   12.467  0.092   1.00 28.67 ? 146 VAL A CG2 1 
ATOM   1119 N N   . PRO A 1 169 ? 5.220   11.254  0.884   1.00 24.73 ? 147 PRO A N   1 
ATOM   1120 C CA  . PRO A 1 169 ? 6.365   10.338  0.767   1.00 25.69 ? 147 PRO A CA  1 
ATOM   1121 C C   . PRO A 1 169 ? 5.991   8.872   0.902   1.00 29.70 ? 147 PRO A C   1 
ATOM   1122 O O   . PRO A 1 169 ? 5.250   8.469   1.816   1.00 26.78 ? 147 PRO A O   1 
ATOM   1123 C CB  . PRO A 1 169 ? 7.282   10.768  1.918   1.00 25.91 ? 147 PRO A CB  1 
ATOM   1124 C CG  . PRO A 1 169 ? 6.379   11.507  2.864   1.00 28.00 ? 147 PRO A CG  1 
ATOM   1125 C CD  . PRO A 1 169 ? 5.359   12.173  2.022   1.00 27.21 ? 147 PRO A CD  1 
ATOM   1126 N N   . VAL A 1 170 ? 6.592   8.068   0.016   1.00 28.26 ? 148 VAL A N   1 
ATOM   1127 C CA  . VAL A 1 170 ? 6.299   6.636   -0.068  1.00 24.23 ? 148 VAL A CA  1 
ATOM   1128 C C   . VAL A 1 170 ? 6.651   5.906   1.221   1.00 22.51 ? 148 VAL A C   1 
ATOM   1129 O O   . VAL A 1 170 ? 5.932   4.987   1.626   1.00 27.84 ? 148 VAL A O   1 
ATOM   1130 C CB  . VAL A 1 170 ? 7.032   6.011   -1.270  1.00 25.84 ? 148 VAL A CB  1 
ATOM   1131 C CG1 . VAL A 1 170 ? 8.566   6.088   -1.066  1.00 17.65 ? 148 VAL A CG1 1 
ATOM   1132 C CG2 . VAL A 1 170 ? 6.576   4.568   -1.463  1.00 23.21 ? 148 VAL A CG2 1 
ATOM   1133 N N   . LEU A 1 171 ? 7.730   6.295   1.899   1.00 22.26 ? 149 LEU A N   1 
ATOM   1134 C CA  . LEU A 1 171 ? 8.171   5.514   3.049   1.00 22.55 ? 149 LEU A CA  1 
ATOM   1135 C C   . LEU A 1 171 ? 8.989   6.354   4.036   1.00 26.57 ? 149 LEU A C   1 
ATOM   1136 O O   . LEU A 1 171 ? 10.208  6.156   4.183   1.00 27.84 ? 149 LEU A O   1 
ATOM   1137 C CB  . LEU A 1 171 ? 8.959   4.298   2.565   1.00 21.01 ? 149 LEU A CB  1 
ATOM   1138 C CG  . LEU A 1 171 ? 9.219   3.219   3.612   1.00 24.54 ? 149 LEU A CG  1 
ATOM   1139 C CD1 . LEU A 1 171 ? 7.913   2.495   3.886   1.00 25.36 ? 149 LEU A CD1 1 
ATOM   1140 C CD2 . LEU A 1 171 ? 10.278  2.221   3.165   1.00 21.84 ? 149 LEU A CD2 1 
ATOM   1141 N N   . PRO A 1 172 ? 8.334   7.278   4.771   1.00 24.36 ? 150 PRO A N   1 
ATOM   1142 C CA  . PRO A 1 172 ? 9.061   8.226   5.627   1.00 21.36 ? 150 PRO A CA  1 
ATOM   1143 C C   . PRO A 1 172 ? 9.686   7.602   6.855   1.00 29.01 ? 150 PRO A C   1 
ATOM   1144 O O   . PRO A 1 172 ? 9.450   8.090   7.968   1.00 29.01 ? 150 PRO A O   1 
ATOM   1145 C CB  . PRO A 1 172 ? 7.984   9.226   6.050   1.00 29.84 ? 150 PRO A CB  1 
ATOM   1146 C CG  . PRO A 1 172 ? 6.679   8.549   5.802   1.00 31.35 ? 150 PRO A CG  1 
ATOM   1147 C CD  . PRO A 1 172 ? 6.880   7.488   4.782   1.00 26.84 ? 150 PRO A CD  1 
ATOM   1148 N N   . VAL A 1 173 ? 10.490  6.548   6.671   1.00 27.67 ? 151 VAL A N   1 
ATOM   1149 C CA  . VAL A 1 173 ? 11.070  5.855   7.813   1.00 26.83 ? 151 VAL A CA  1 
ATOM   1150 C C   . VAL A 1 173 ? 11.929  6.826   8.617   1.00 32.30 ? 151 VAL A C   1 
ATOM   1151 O O   . VAL A 1 173 ? 12.374  7.878   8.130   1.00 33.27 ? 151 VAL A O   1 
ATOM   1152 C CB  . VAL A 1 173 ? 11.891  4.622   7.390   1.00 30.30 ? 151 VAL A CB  1 
ATOM   1153 C CG1 . VAL A 1 173 ? 10.986  3.446   7.038   1.00 27.97 ? 151 VAL A CG1 1 
ATOM   1154 C CG2 . VAL A 1 173 ? 12.809  4.941   6.226   1.00 25.00 ? 151 VAL A CG2 1 
ATOM   1155 N N   . ASP A 1 174 ? 12.161  6.464   9.874   1.00 33.36 ? 152 ASP A N   1 
ATOM   1156 C CA  . ASP A 1 174 ? 12.977  7.311   10.725  1.00 35.82 ? 152 ASP A CA  1 
ATOM   1157 C C   . ASP A 1 174 ? 14.445  7.211   10.358  1.00 35.67 ? 152 ASP A C   1 
ATOM   1158 O O   . ASP A 1 174 ? 15.193  8.168   10.588  1.00 40.85 ? 152 ASP A O   1 
ATOM   1159 C CB  . ASP A 1 174 ? 12.758  6.943   12.198  1.00 46.18 ? 152 ASP A CB  1 
ATOM   1160 C CG  . ASP A 1 174 ? 11.511  7.602   12.797  1.00 41.90 ? 152 ASP A CG  1 
ATOM   1161 O OD1 . ASP A 1 174 ? 11.185  8.739   12.391  1.00 37.01 ? 152 ASP A OD1 1 
ATOM   1162 O OD2 . ASP A 1 174 ? 10.867  6.983   13.679  1.00 48.29 ? 152 ASP A OD2 1 
ATOM   1163 N N   . ARG A 1 175 ? 14.891  6.061   9.829   1.00 38.03 ? 153 ARG A N   1 
ATOM   1164 C CA  . ARG A 1 175 ? 16.272  5.927   9.374   1.00 39.77 ? 153 ARG A CA  1 
ATOM   1165 C C   . ARG A 1 175 ? 16.382  4.993   8.179   1.00 36.41 ? 153 ARG A C   1 
ATOM   1166 O O   . ARG A 1 175 ? 15.420  4.327   7.785   1.00 34.55 ? 153 ARG A O   1 
ATOM   1167 C CB  . ARG A 1 175 ? 17.222  5.495   10.473  1.00 46.65 ? 153 ARG A CB  1 
ATOM   1168 C CG  . ARG A 1 175 ? 16.931  4.107   10.961  1.00 51.77 ? 153 ARG A CG  1 
ATOM   1169 C CD  . ARG A 1 175 ? 17.821  3.748   12.037  1.00 56.07 ? 153 ARG A CD  1 
ATOM   1170 N NE  . ARG A 1 175 ? 17.602  2.399   12.537  1.00 58.49 ? 153 ARG A NE  1 
ATOM   1171 C CZ  . ARG A 1 175 ? 18.239  1.323   12.088  1.00 62.43 ? 153 ARG A CZ  1 
ATOM   1172 N NH1 . ARG A 1 175 ? 19.142  1.439   11.123  1.00 57.66 ? 153 ARG A NH1 1 
ATOM   1173 N NH2 . ARG A 1 175 ? 17.976  0.131   12.605  1.00 63.60 ? 153 ARG A NH2 1 
ATOM   1174 N N   . ALA A 1 176 ? 17.601  4.929   7.635   1.00 33.58 ? 154 ALA A N   1 
ATOM   1175 C CA  . ALA A 1 176 ? 17.880  4.184   6.416   1.00 33.03 ? 154 ALA A CA  1 
ATOM   1176 C C   . ALA A 1 176 ? 17.395  2.744   6.524   1.00 33.84 ? 154 ALA A C   1 
ATOM   1177 O O   . ALA A 1 176 ? 17.840  1.992   7.393   1.00 34.48 ? 154 ALA A O   1 
ATOM   1178 C CB  . ALA A 1 176 ? 19.383  4.225   6.120   1.00 33.14 ? 154 ALA A CB  1 
ATOM   1179 N N   . LEU A 1 177 ? 16.471  2.365   5.641   1.00 32.01 ? 155 LEU A N   1 
ATOM   1180 C CA  . LEU A 1 177 ? 15.994  0.989   5.525   1.00 31.42 ? 155 LEU A CA  1 
ATOM   1181 C C   . LEU A 1 177 ? 16.538  0.417   4.222   1.00 30.72 ? 155 LEU A C   1 
ATOM   1182 O O   . LEU A 1 177 ? 16.095  0.806   3.135   1.00 31.90 ? 155 LEU A O   1 
ATOM   1183 C CB  . LEU A 1 177 ? 14.468  0.929   5.549   1.00 30.16 ? 155 LEU A CB  1 
ATOM   1184 C CG  . LEU A 1 177 ? 13.856  -0.470  5.439   1.00 31.87 ? 155 LEU A CG  1 
ATOM   1185 C CD1 . LEU A 1 177 ? 13.839  -1.089  6.808   1.00 27.68 ? 155 LEU A CD1 1 
ATOM   1186 C CD2 . LEU A 1 177 ? 12.432  -0.431  4.836   1.00 25.29 ? 155 LEU A CD2 1 
ATOM   1187 N N   . GLU A 1 178 ? 17.507  -0.486  4.319   1.00 37.55 ? 156 GLU A N   1 
ATOM   1188 C CA  . GLU A 1 178 ? 18.060  -1.073  3.107   1.00 38.15 ? 156 GLU A CA  1 
ATOM   1189 C C   . GLU A 1 178 ? 17.274  -2.314  2.703   1.00 35.03 ? 156 GLU A C   1 
ATOM   1190 O O   . GLU A 1 178 ? 16.729  -3.043  3.541   1.00 30.70 ? 156 GLU A O   1 
ATOM   1191 C CB  . GLU A 1 178 ? 19.540  -1.442  3.255   1.00 34.17 ? 156 GLU A CB  1 
ATOM   1192 C CG  . GLU A 1 178 ? 20.459  -0.361  3.774   1.00 42.84 ? 156 GLU A CG  1 
ATOM   1193 C CD  . GLU A 1 178 ? 21.160  -0.744  5.069   1.00 57.71 ? 156 GLU A CD  1 
ATOM   1194 O OE1 . GLU A 1 178 ? 22.344  -0.351  5.228   1.00 58.09 ? 156 GLU A OE1 1 
ATOM   1195 O OE2 . GLU A 1 178 ? 20.539  -1.418  5.928   1.00 57.96 ? 156 GLU A OE2 1 
ATOM   1196 N N   . VAL A 1 179 ? 17.222  -2.540  1.389   1.00 32.00 ? 157 VAL A N   1 
ATOM   1197 C CA  . VAL A 1 179 ? 16.449  -3.610  0.784   1.00 31.61 ? 157 VAL A CA  1 
ATOM   1198 C C   . VAL A 1 179 ? 17.339  -4.326  -0.217  1.00 33.53 ? 157 VAL A C   1 
ATOM   1199 O O   . VAL A 1 179 ? 18.346  -3.790  -0.689  1.00 36.80 ? 157 VAL A O   1 
ATOM   1200 C CB  . VAL A 1 179 ? 15.168  -3.105  0.083   1.00 27.86 ? 157 VAL A CB  1 
ATOM   1201 C CG1 . VAL A 1 179 ? 14.332  -2.254  1.031   1.00 27.65 ? 157 VAL A CG1 1 
ATOM   1202 C CG2 . VAL A 1 179 ? 15.504  -2.364  -1.217  1.00 28.37 ? 157 VAL A CG2 1 
ATOM   1203 N N   . VAL A 1 180 ? 16.946  -5.557  -0.531  1.00 31.17 ? 158 VAL A N   1 
ATOM   1204 C CA  . VAL A 1 180 ? 17.554  -6.364  -1.585  1.00 35.70 ? 158 VAL A CA  1 
ATOM   1205 C C   . VAL A 1 180 ? 16.625  -6.330  -2.801  1.00 29.47 ? 158 VAL A C   1 
ATOM   1206 O O   . VAL A 1 180 ? 15.433  -6.628  -2.682  1.00 29.45 ? 158 VAL A O   1 
ATOM   1207 C CB  . VAL A 1 180 ? 17.788  -7.809  -1.088  1.00 34.38 ? 158 VAL A CB  1 
ATOM   1208 C CG1 . VAL A 1 180 ? 18.063  -8.760  -2.234  1.00 35.01 ? 158 VAL A CG1 1 
ATOM   1209 C CG2 . VAL A 1 180 ? 18.908  -7.850  -0.052  1.00 34.43 ? 158 VAL A CG2 1 
ATOM   1210 N N   . LEU A 1 181 ? 17.147  -5.930  -3.959  1.00 28.19 ? 159 LEU A N   1 
ATOM   1211 C CA  . LEU A 1 181 ? 16.360  -5.952  -5.196  1.00 31.20 ? 159 LEU A CA  1 
ATOM   1212 C C   . LEU A 1 181 ? 16.147  -7.386  -5.658  1.00 37.50 ? 159 LEU A C   1 
ATOM   1213 O O   . LEU A 1 181 ? 17.101  -8.055  -6.059  1.00 42.22 ? 159 LEU A O   1 
ATOM   1214 C CB  . LEU A 1 181 ? 17.067  -5.167  -6.294  1.00 28.52 ? 159 LEU A CB  1 
ATOM   1215 C CG  . LEU A 1 181 ? 16.340  -4.832  -7.594  1.00 32.73 ? 159 LEU A CG  1 
ATOM   1216 C CD1 . LEU A 1 181 ? 15.188  -3.853  -7.414  1.00 33.98 ? 159 LEU A CD1 1 
ATOM   1217 C CD2 . LEU A 1 181 ? 17.338  -4.254  -8.585  1.00 36.02 ? 159 LEU A CD2 1 
ATOM   1218 N N   . ARG A 1 182 ? 14.903  -7.858  -5.627  1.00 37.31 ? 160 ARG A N   1 
ATOM   1219 C CA  . ARG A 1 182 ? 14.625  -9.229  -6.025  1.00 36.01 ? 160 ARG A CA  1 
ATOM   1220 C C   . ARG A 1 182 ? 14.107  -9.351  -7.443  1.00 36.72 ? 160 ARG A C   1 
ATOM   1221 O O   . ARG A 1 182 ? 14.284  -10.406 -8.057  1.00 43.35 ? 160 ARG A O   1 
ATOM   1222 C CB  . ARG A 1 182 ? 13.627  -9.882  -5.067  1.00 39.14 ? 160 ARG A CB  1 
ATOM   1223 C CG  . ARG A 1 182 ? 13.638  -11.414 -5.103  1.00 51.24 ? 160 ARG A CG  1 
ATOM   1224 C CD  . ARG A 1 182 ? 13.009  -11.962 -3.832  1.00 58.30 ? 160 ARG A CD  1 
ATOM   1225 N NE  . ARG A 1 182 ? 11.558  -11.783 -3.801  1.00 55.99 ? 160 ARG A NE  1 
ATOM   1226 C CZ  . ARG A 1 182 ? 10.722  -12.546 -3.107  1.00 59.37 ? 160 ARG A CZ  1 
ATOM   1227 N NH1 . ARG A 1 182 ? 11.167  -13.489 -2.283  1.00 58.09 ? 160 ARG A NH1 1 
ATOM   1228 N NH2 . ARG A 1 182 ? 9.409   -12.349 -3.229  1.00 55.80 ? 160 ARG A NH2 1 
ATOM   1229 N N   . GLU A 1 183 ? 13.471  -8.314  -7.988  1.00 37.03 ? 161 GLU A N   1 
ATOM   1230 C CA  . GLU A 1 183 ? 13.093  -8.353  -9.392  1.00 32.11 ? 161 GLU A CA  1 
ATOM   1231 C C   . GLU A 1 183 ? 12.887  -6.926  -9.879  1.00 36.15 ? 161 GLU A C   1 
ATOM   1232 O O   . GLU A 1 183 ? 12.642  -6.016  -9.084  1.00 35.33 ? 161 GLU A O   1 
ATOM   1233 C CB  . GLU A 1 183 ? 11.830  -9.187  -9.616  1.00 39.51 ? 161 GLU A CB  1 
ATOM   1234 C CG  . GLU A 1 183 ? 11.688  -9.766  -11.029 1.00 43.50 ? 161 GLU A CG  1 
ATOM   1235 C CD  . GLU A 1 183 ? 11.177  -11.209 -11.005 1.00 60.83 ? 161 GLU A CD  1 
ATOM   1236 O OE1 . GLU A 1 183 ? 10.058  -11.465 -11.532 1.00 72.41 ? 161 GLU A OE1 1 
ATOM   1237 O OE2 . GLU A 1 183 ? 11.891  -12.077 -10.438 1.00 53.58 ? 161 GLU A OE2 1 
ATOM   1238 N N   . GLN A 1 184 ? 13.005  -6.741  -11.192 1.00 26.52 ? 162 GLN A N   1 
ATOM   1239 C CA  . GLN A 1 184 ? 12.798  -5.437  -11.802 1.00 37.31 ? 162 GLN A CA  1 
ATOM   1240 C C   . GLN A 1 184 ? 12.453  -5.621  -13.272 1.00 36.36 ? 162 GLN A C   1 
ATOM   1241 O O   . GLN A 1 184 ? 13.140  -6.359  -13.982 1.00 36.84 ? 162 GLN A O   1 
ATOM   1242 C CB  . GLN A 1 184 ? 14.041  -4.542  -11.647 1.00 33.76 ? 162 GLN A CB  1 
ATOM   1243 C CG  . GLN A 1 184 ? 13.833  -3.085  -12.087 1.00 31.44 ? 162 GLN A CG  1 
ATOM   1244 C CD  . GLN A 1 184 ? 14.074  -2.899  -13.574 1.00 37.44 ? 162 GLN A CD  1 
ATOM   1245 O OE1 . GLN A 1 184 ? 14.757  -3.705  -14.201 1.00 43.84 ? 162 GLN A OE1 1 
ATOM   1246 N NE2 . GLN A 1 184 ? 13.536  -1.824  -14.143 1.00 39.01 ? 162 GLN A NE2 1 
ATOM   1247 N N   . ARG A 1 185 ? 11.387  -4.954  -13.714 1.00 32.45 ? 163 ARG A N   1 
ATOM   1248 C CA  . ARG A 1 185 ? 10.977  -4.918  -15.111 1.00 33.28 ? 163 ARG A CA  1 
ATOM   1249 C C   . ARG A 1 185 ? 10.786  -3.472  -15.521 1.00 31.20 ? 163 ARG A C   1 
ATOM   1250 O O   . ARG A 1 185 ? 10.304  -2.657  -14.732 1.00 34.91 ? 163 ARG A O   1 
ATOM   1251 C CB  . ARG A 1 185 ? 9.649   -5.680  -15.367 1.00 33.88 ? 163 ARG A CB  1 
ATOM   1252 C CG  . ARG A 1 185 ? 9.325   -6.815  -14.384 1.00 36.00 ? 163 ARG A CG  1 
ATOM   1253 C CD  . ARG A 1 185 ? 7.995   -7.496  -14.727 1.00 32.12 ? 163 ARG A CD  1 
ATOM   1254 N NE  . ARG A 1 185 ? 7.787   -7.592  -16.169 1.00 31.68 ? 163 ARG A NE  1 
ATOM   1255 C CZ  . ARG A 1 185 ? 6.758   -7.057  -16.822 1.00 34.38 ? 163 ARG A CZ  1 
ATOM   1256 N NH1 . ARG A 1 185 ? 5.770   -6.440  -16.185 1.00 33.55 ? 163 ARG A NH1 1 
ATOM   1257 N NH2 . ARG A 1 185 ? 6.723   -7.132  -18.148 1.00 27.69 ? 163 ARG A NH2 1 
ATOM   1258 N N   . THR A 1 186 ? 11.145  -3.160  -16.757 1.00 31.43 ? 164 THR A N   1 
ATOM   1259 C CA  . THR A 1 186 ? 10.852  -1.868  -17.361 1.00 29.45 ? 164 THR A CA  1 
ATOM   1260 C C   . THR A 1 186 ? 9.794   -2.108  -18.427 1.00 34.98 ? 164 THR A C   1 
ATOM   1261 O O   . THR A 1 186 ? 9.989   -2.945  -19.311 1.00 40.19 ? 164 THR A O   1 
ATOM   1262 C CB  . THR A 1 186 ? 12.115  -1.236  -17.967 1.00 41.44 ? 164 THR A CB  1 
ATOM   1263 O OG1 . THR A 1 186 ? 13.036  -0.849  -16.927 1.00 35.90 ? 164 THR A OG1 1 
ATOM   1264 C CG2 . THR A 1 186 ? 11.766  -0.028  -18.816 1.00 35.00 ? 164 THR A CG2 1 
ATOM   1265 N N   . LEU A 1 187 ? 8.672   -1.403  -18.328 1.00 32.19 ? 165 LEU A N   1 
ATOM   1266 C CA  . LEU A 1 187 ? 7.594   -1.586  -19.287 1.00 36.24 ? 165 LEU A CA  1 
ATOM   1267 C C   . LEU A 1 187 ? 7.838   -0.735  -20.532 1.00 38.76 ? 165 LEU A C   1 
ATOM   1268 O O   . LEU A 1 187 ? 8.662   0.187   -20.542 1.00 34.22 ? 165 LEU A O   1 
ATOM   1269 C CB  . LEU A 1 187 ? 6.245   -1.241  -18.644 1.00 31.69 ? 165 LEU A CB  1 
ATOM   1270 C CG  . LEU A 1 187 ? 6.015   -1.891  -17.268 1.00 30.18 ? 165 LEU A CG  1 
ATOM   1271 C CD1 . LEU A 1 187 ? 4.636   -1.595  -16.699 1.00 29.91 ? 165 LEU A CD1 1 
ATOM   1272 C CD2 . LEU A 1 187 ? 6.262   -3.396  -17.309 1.00 31.53 ? 165 LEU A CD2 1 
ATOM   1273 N N   . GLN A 1 188 ? 7.102   -1.063  -21.598 1.00 38.63 ? 166 GLN A N   1 
ATOM   1274 C CA  . GLN A 1 188 ? 7.255   -0.353  -22.864 1.00 40.22 ? 166 GLN A CA  1 
ATOM   1275 C C   . GLN A 1 188 ? 6.849   1.114   -22.752 1.00 39.78 ? 166 GLN A C   1 
ATOM   1276 O O   . GLN A 1 188 ? 7.305   1.934   -23.559 1.00 40.52 ? 166 GLN A O   1 
ATOM   1277 C CB  . GLN A 1 188 ? 6.427   -1.048  -23.957 1.00 45.06 ? 166 GLN A CB  1 
ATOM   1278 C CG  . GLN A 1 188 ? 7.201   -1.993  -24.899 1.00 50.38 ? 166 GLN A CG  1 
ATOM   1279 C CD  . GLN A 1 188 ? 7.958   -1.266  -26.009 1.00 67.01 ? 166 GLN A CD  1 
ATOM   1280 O OE1 . GLN A 1 188 ? 9.198   -1.329  -26.098 1.00 56.81 ? 166 GLN A OE1 1 
ATOM   1281 N NE2 . GLN A 1 188 ? 7.208   -0.578  -26.870 1.00 64.67 ? 166 GLN A NE2 1 
ATOM   1282 N N   . SER A 1 189 ? 6.022   1.460   -21.763 1.00 34.55 ? 167 SER A N   1 
ATOM   1283 C CA  . SER A 1 189 ? 5.500   2.815   -21.595 1.00 38.68 ? 167 SER A CA  1 
ATOM   1284 C C   . SER A 1 189 ? 6.440   3.738   -20.818 1.00 38.26 ? 167 SER A C   1 
ATOM   1285 O O   . SER A 1 189 ? 6.179   4.949   -20.747 1.00 34.36 ? 167 SER A O   1 
ATOM   1286 C CB  . SER A 1 189 ? 4.168   2.770   -20.853 1.00 34.19 ? 167 SER A CB  1 
ATOM   1287 O OG  . SER A 1 189 ? 4.408   2.279   -19.548 1.00 27.28 ? 167 SER A OG  1 
ATOM   1288 N N   . GLY A 1 190 ? 7.504   3.203   -20.225 1.00 28.71 ? 168 GLY A N   1 
ATOM   1289 C CA  . GLY A 1 190 ? 8.378   3.968   -19.369 1.00 31.18 ? 168 GLY A CA  1 
ATOM   1290 C C   . GLY A 1 190 ? 8.208   3.682   -17.892 1.00 31.04 ? 168 GLY A C   1 
ATOM   1291 O O   . GLY A 1 190 ? 9.149   3.906   -17.124 1.00 30.86 ? 168 GLY A O   1 
ATOM   1292 N N   . ALA A 1 191 ? 7.035   3.201   -17.471 1.00 28.37 ? 169 ALA A N   1 
ATOM   1293 C CA  . ALA A 1 191 ? 6.855   2.783   -16.086 1.00 27.19 ? 169 ALA A CA  1 
ATOM   1294 C C   . ALA A 1 191 ? 7.747   1.589   -15.781 1.00 26.87 ? 169 ALA A C   1 
ATOM   1295 O O   . ALA A 1 191 ? 8.234   0.900   -16.674 1.00 26.72 ? 169 ALA A O   1 
ATOM   1296 C CB  . ALA A 1 191 ? 5.395   2.421   -15.801 1.00 29.75 ? 169 ALA A CB  1 
ATOM   1297 N N   . MET A 1 192 ? 7.965   1.352   -14.496 1.00 23.53 ? 170 MET A N   1 
ATOM   1298 C CA  . MET A 1 192 ? 8.868   0.307   -14.047 1.00 25.46 ? 170 MET A CA  1 
ATOM   1299 C C   . MET A 1 192 ? 8.215   -0.421  -12.879 1.00 24.58 ? 170 MET A C   1 
ATOM   1300 O O   . MET A 1 192 ? 7.287   0.084   -12.249 1.00 26.49 ? 170 MET A O   1 
ATOM   1301 C CB  . MET A 1 192 ? 10.245  0.881   -13.640 1.00 24.35 ? 170 MET A CB  1 
ATOM   1302 C CG  . MET A 1 192 ? 10.906  1.772   -14.704 1.00 28.85 ? 170 MET A CG  1 
ATOM   1303 S SD  . MET A 1 192 ? 12.580  2.303   -14.234 1.00 34.59 ? 170 MET A SD  1 
ATOM   1304 C CE  . MET A 1 192 ? 12.183  3.730   -13.229 1.00 32.88 ? 170 MET A CE  1 
ATOM   1305 N N   . GLU A 1 193 ? 8.701   -1.626  -12.609 1.00 23.11 ? 171 GLU A N   1 
ATOM   1306 C CA  . GLU A 1 193 ? 8.191   -2.464  -11.541 1.00 23.03 ? 171 GLU A CA  1 
ATOM   1307 C C   . GLU A 1 193 ? 9.393   -3.082  -10.859 1.00 26.28 ? 171 GLU A C   1 
ATOM   1308 O O   . GLU A 1 193 ? 10.335  -3.499  -11.538 1.00 29.48 ? 171 GLU A O   1 
ATOM   1309 C CB  . GLU A 1 193 ? 7.272   -3.582  -12.071 1.00 26.97 ? 171 GLU A CB  1 
ATOM   1310 C CG  . GLU A 1 193 ? 6.094   -3.122  -12.935 1.00 27.15 ? 171 GLU A CG  1 
ATOM   1311 C CD  . GLU A 1 193 ? 5.188   -4.287  -13.350 1.00 34.95 ? 171 GLU A CD  1 
ATOM   1312 O OE1 . GLU A 1 193 ? 5.713   -5.403  -13.574 1.00 35.19 ? 171 GLU A OE1 1 
ATOM   1313 O OE2 . GLU A 1 193 ? 3.959   -4.089  -13.474 1.00 33.72 ? 171 GLU A OE2 1 
ATOM   1314 N N   . CYS A 1 194 ? 9.372   -3.148  -9.535  1.00 23.66 ? 172 CYS A N   1 
ATOM   1315 C CA  . CYS A 1 194 ? 10.450  -3.816  -8.828  1.00 25.92 ? 172 CYS A CA  1 
ATOM   1316 C C   . CYS A 1 194 ? 9.891   -4.424  -7.562  1.00 28.35 ? 172 CYS A C   1 
ATOM   1317 O O   . CYS A 1 194 ? 8.953   -3.883  -6.975  1.00 31.39 ? 172 CYS A O   1 
ATOM   1318 C CB  . CYS A 1 194 ? 11.606  -2.862  -8.487  1.00 27.07 ? 172 CYS A CB  1 
ATOM   1319 S SG  . CYS A 1 194 ? 11.173  -1.514  -7.373  1.00 29.21 ? 172 CYS A SG  1 
ATOM   1320 N N   . ILE A 1 195 ? 10.454  -5.567  -7.168  1.00 28.11 ? 173 ILE A N   1 
ATOM   1321 C CA  . ILE A 1 195 ? 10.161  -6.200  -5.888  1.00 28.10 ? 173 ILE A CA  1 
ATOM   1322 C C   . ILE A 1 195 ? 11.379  -6.002  -5.001  1.00 32.02 ? 173 ILE A C   1 
ATOM   1323 O O   . ILE A 1 195 ? 12.509  -6.288  -5.417  1.00 31.36 ? 173 ILE A O   1 
ATOM   1324 C CB  . ILE A 1 195 ? 9.838   -7.706  -6.011  1.00 31.05 ? 173 ILE A CB  1 
ATOM   1325 C CG1 . ILE A 1 195 ? 8.886   -8.033  -7.179  1.00 32.13 ? 173 ILE A CG1 1 
ATOM   1326 C CG2 . ILE A 1 195 ? 9.387   -8.270  -4.664  1.00 32.60 ? 173 ILE A CG2 1 
ATOM   1327 C CD1 . ILE A 1 195 ? 7.772   -7.083  -7.380  1.00 32.68 ? 173 ILE A CD1 1 
ATOM   1328 N N   . LEU A 1 196 ? 11.145  -5.521  -3.782  1.00 28.42 ? 174 LEU A N   1 
ATOM   1329 C CA  . LEU A 1 196 ? 12.191  -5.221  -2.821  1.00 26.80 ? 174 LEU A CA  1 
ATOM   1330 C C   . LEU A 1 196 ? 11.962  -6.073  -1.585  1.00 31.55 ? 174 LEU A C   1 
ATOM   1331 O O   . LEU A 1 196 ? 10.838  -6.136  -1.081  1.00 28.53 ? 174 LEU A O   1 
ATOM   1332 C CB  . LEU A 1 196 ? 12.176  -3.738  -2.427  1.00 27.91 ? 174 LEU A CB  1 
ATOM   1333 C CG  . LEU A 1 196 ? 12.601  -2.617  -3.384  1.00 27.86 ? 174 LEU A CG  1 
ATOM   1334 C CD1 . LEU A 1 196 ? 13.044  -3.133  -4.719  1.00 28.42 ? 174 LEU A CD1 1 
ATOM   1335 C CD2 . LEU A 1 196 ? 11.537  -1.572  -3.551  1.00 20.31 ? 174 LEU A CD2 1 
ATOM   1336 N N   . ASP A 1 197 ? 13.023  -6.706  -1.083  1.00 29.06 ? 175 ASP A N   1 
ATOM   1337 C CA  . ASP A 1 197 ? 12.974  -7.468  0.158   1.00 29.72 ? 175 ASP A CA  1 
ATOM   1338 C C   . ASP A 1 197 ? 13.691  -6.698  1.259   1.00 32.02 ? 175 ASP A C   1 
ATOM   1339 O O   . ASP A 1 197 ? 14.829  -6.264  1.071   1.00 32.02 ? 175 ASP A O   1 
ATOM   1340 C CB  . ASP A 1 197 ? 13.614  -8.846  -0.028  1.00 36.08 ? 175 ASP A CB  1 
ATOM   1341 C CG  . ASP A 1 197 ? 12.648  -9.878  -0.596  1.00 38.38 ? 175 ASP A CG  1 
ATOM   1342 O OD1 . ASP A 1 197 ? 11.413  -9.705  -0.513  1.00 40.37 ? 175 ASP A OD1 1 
ATOM   1343 O OD2 . ASP A 1 197 ? 13.141  -10.885 -1.124  1.00 46.86 ? 175 ASP A OD2 1 
ATOM   1344 N N   . VAL A 1 198 ? 13.040  -6.565  2.418   1.00 31.27 ? 176 VAL A N   1 
ATOM   1345 C CA  . VAL A 1 198 ? 13.603  -5.808  3.533   1.00 35.32 ? 176 VAL A CA  1 
ATOM   1346 C C   . VAL A 1 198 ? 14.737  -6.590  4.196   1.00 44.44 ? 176 VAL A C   1 
ATOM   1347 O O   . VAL A 1 198 ? 14.692  -7.829  4.292   1.00 46.51 ? 176 VAL A O   1 
ATOM   1348 C CB  . VAL A 1 198 ? 12.492  -5.456  4.542   1.00 34.47 ? 176 VAL A CB  1 
ATOM   1349 C CG1 . VAL A 1 198 ? 13.059  -4.860  5.809   1.00 35.90 ? 176 VAL A CG1 1 
ATOM   1350 C CG2 . VAL A 1 198 ? 11.522  -4.469  3.915   1.00 34.01 ? 176 VAL A CG2 1 
ATOM   1351 N N   . LYS A 1 199 ? 15.763  -5.857  4.650   1.00 44.70 ? 177 LYS A N   1 
ATOM   1352 C CA  . LYS A 1 199 ? 16.948  -6.351  5.384   1.00 43.79 ? 177 LYS A CA  1 
ATOM   1353 C C   . LYS A 1 199 ? 17.983  -6.932  4.428   1.00 47.35 ? 177 LYS A C   1 
ATOM   1354 O O   . LYS A 1 199 ? 18.791  -6.183  3.853   1.00 42.40 ? 177 LYS A O   1 
ATOM   1355 C CB  . LYS A 1 199 ? 16.579  -7.381  6.472   1.00 47.32 ? 177 LYS A CB  1 
ATOM   1356 C CG  . LYS A 1 199 ? 16.360  -6.752  7.849   1.00 46.60 ? 177 LYS A CG  1 
ATOM   1357 C CD  . LYS A 1 199 ? 17.680  -6.651  8.637   1.00 45.43 ? 177 LYS A CD  1 
ATOM   1358 C CE  . LYS A 1 199 ? 18.281  -8.013  8.959   1.00 44.09 ? 177 LYS A CE  1 
ATOM   1359 N NZ  . LYS A 1 199 ? 17.463  -8.767  9.969   1.00 43.76 ? 177 LYS A NZ  1 
HETATM 1360 O O1  . EN7 B 2 .   ? -6.886  5.231   -7.614  1.00 35.34 ? 201 EN7 A O1  1 
HETATM 1361 O O2  . EN7 B 2 .   ? -9.583  4.391   -7.507  1.00 42.72 ? 201 EN7 A O2  1 
HETATM 1362 O O3  . EN7 B 2 .   ? -0.496  0.361   -7.645  1.00 35.77 ? 201 EN7 A O3  1 
HETATM 1363 O O4  . EN7 B 2 .   ? -3.763  3.363   -10.110 1.00 38.11 ? 201 EN7 A O4  1 
HETATM 1364 O O5  . EN7 B 2 .   ? 0.023   0.709   -10.203 1.00 36.67 ? 201 EN7 A O5  1 
HETATM 1365 O O6  . EN7 B 2 .   ? -4.997  -1.203  -8.755  1.00 46.25 ? 201 EN7 A O6  1 
HETATM 1366 N N7  . EN7 B 2 .   ? -3.425  2.264   -5.348  1.00 32.66 ? 201 EN7 A N7  1 
HETATM 1367 N N8  . EN7 B 2 .   ? -4.629  4.380   -3.980  1.00 32.78 ? 201 EN7 A N8  1 
HETATM 1368 N N9  . EN7 B 2 .   ? -3.709  -0.520  -7.147  1.00 36.46 ? 201 EN7 A N9  1 
HETATM 1369 N N10 . EN7 B 2 .   ? -5.983  -0.572  -5.366  1.00 34.78 ? 201 EN7 A N10 1 
HETATM 1370 C C11 . EN7 B 2 .   ? -3.905  3.428   -6.164  1.00 32.19 ? 201 EN7 A C11 1 
HETATM 1371 C C12 . EN7 B 2 .   ? -5.076  4.063   -5.200  1.00 34.48 ? 201 EN7 A C12 1 
HETATM 1372 C C13 . EN7 B 2 .   ? -4.778  3.058   -3.731  1.00 34.85 ? 201 EN7 A C13 1 
HETATM 1373 C C14 . EN7 B 2 .   ? -3.677  2.254   -4.010  1.00 29.34 ? 201 EN7 A C14 1 
HETATM 1374 C C15 . EN7 B 2 .   ? -2.588  1.329   -6.071  1.00 35.35 ? 201 EN7 A C15 1 
HETATM 1375 C C16 . EN7 B 2 .   ? -4.386  3.064   -7.469  1.00 30.31 ? 201 EN7 A C16 1 
HETATM 1376 C C17 . EN7 B 2 .   ? -6.316  2.543   -3.405  1.00 31.92 ? 201 EN7 A C17 1 
HETATM 1377 C C18 . EN7 B 2 .   ? -6.492  3.930   -5.465  1.00 35.17 ? 201 EN7 A C18 1 
HETATM 1378 C C19 . EN7 B 2 .   ? -7.209  3.054   -4.562  1.00 35.87 ? 201 EN7 A C19 1 
HETATM 1379 C C20 . EN7 B 2 .   ? -2.316  1.636   -7.562  1.00 34.22 ? 201 EN7 A C20 1 
HETATM 1380 C C21 . EN7 B 2 .   ? -3.223  2.428   -8.250  1.00 35.17 ? 201 EN7 A C21 1 
HETATM 1381 C C22 . EN7 B 2 .   ? -5.382  5.090   -3.371  1.00 32.56 ? 201 EN7 A C22 1 
HETATM 1382 C C23 . EN7 B 2 .   ? -3.340  0.020   -5.879  1.00 34.32 ? 201 EN7 A C23 1 
HETATM 1383 C C24 . EN7 B 2 .   ? -7.363  4.417   -6.622  1.00 36.61 ? 201 EN7 A C24 1 
HETATM 1384 C C25 . EN7 B 2 .   ? -8.472  2.781   -4.681  1.00 35.50 ? 201 EN7 A C25 1 
HETATM 1385 C C26 . EN7 B 2 .   ? -1.262  1.041   -8.221  1.00 31.89 ? 201 EN7 A C26 1 
HETATM 1386 C C27 . EN7 B 2 .   ? -3.016  2.676   -9.559  1.00 34.12 ? 201 EN7 A C27 1 
HETATM 1387 C C28 . EN7 B 2 .   ? -8.720  3.980   -6.547  1.00 36.46 ? 201 EN7 A C28 1 
HETATM 1388 C C29 . EN7 B 2 .   ? -9.107  3.230   -5.591  1.00 38.02 ? 201 EN7 A C29 1 
HETATM 1389 C C30 . EN7 B 2 .   ? -1.943  2.108   -10.217 1.00 34.00 ? 201 EN7 A C30 1 
HETATM 1390 C C31 . EN7 B 2 .   ? -1.077  1.267   -9.530  1.00 35.05 ? 201 EN7 A C31 1 
HETATM 1391 C C32 . EN7 B 2 .   ? -10.595 2.840   -5.629  1.00 38.44 ? 201 EN7 A C32 1 
HETATM 1392 C C33 . EN7 B 2 .   ? -1.708  2.333   -11.680 1.00 35.35 ? 201 EN7 A C33 1 
HETATM 1393 C C34 . EN7 B 2 .   ? -5.013  -0.804  -7.633  1.00 42.20 ? 201 EN7 A C34 1 
HETATM 1394 C C35 . EN7 B 2 .   ? -6.278  -0.655  -6.765  1.00 43.09 ? 201 EN7 A C35 1 
HETATM 1395 C C36 . EN7 B 2 .   ? -9.337  3.866   -8.763  1.00 36.36 ? 201 EN7 A C36 1 
HETATM 1396 C C37 . EN7 B 2 .   ? 0.213   -0.656  -10.062 1.00 33.72 ? 201 EN7 A C37 1 
HETATM 1397 C C38 . EN7 B 2 .   ? -7.128  0.536   -7.254  1.00 36.12 ? 201 EN7 A C38 1 
HETATM 1398 P PA  . NDP C 3 .   ? -1.810  7.414   5.701   1.00 31.98 ? 202 NDP A PA  1 
HETATM 1399 O O1A . NDP C 3 .   ? -2.625  6.941   4.533   1.00 28.64 ? 202 NDP A O1A 1 
HETATM 1400 O O2A . NDP C 3 .   ? -0.553  6.719   6.138   1.00 31.57 ? 202 NDP A O2A 1 
HETATM 1401 O O5B . NDP C 3 .   ? -2.781  7.450   7.005   1.00 35.72 ? 202 NDP A O5B 1 
HETATM 1402 C C5B . NDP C 3 .   ? -1.980  7.961   8.033   1.00 34.99 ? 202 NDP A C5B 1 
HETATM 1403 C C4B . NDP C 3 .   ? -2.845  7.897   9.272   1.00 42.13 ? 202 NDP A C4B 1 
HETATM 1404 O O4B . NDP C 3 .   ? -3.039  6.530   9.684   1.00 45.19 ? 202 NDP A O4B 1 
HETATM 1405 C C3B . NDP C 3 .   ? -2.248  8.649   10.469  1.00 45.61 ? 202 NDP A C3B 1 
HETATM 1406 O O3B . NDP C 3 .   ? -2.521  10.021  10.366  1.00 40.92 ? 202 NDP A O3B 1 
HETATM 1407 C C2B . NDP C 3 .   ? -3.225  8.106   11.495  1.00 45.79 ? 202 NDP A C2B 1 
HETATM 1408 O O2B . NDP C 3 .   ? -4.448  8.509   11.233  1.00 50.10 ? 202 NDP A O2B 1 
HETATM 1409 C C1B . NDP C 3 .   ? -3.223  6.588   11.113  1.00 44.13 ? 202 NDP A C1B 1 
HETATM 1410 N N9A . NDP C 3 .   ? -2.194  5.766   11.741  1.00 42.90 ? 202 NDP A N9A 1 
HETATM 1411 C C8A . NDP C 3 .   ? -0.970  5.381   11.209  1.00 43.17 ? 202 NDP A C8A 1 
HETATM 1412 N N7A . NDP C 3 .   ? -0.256  4.584   12.030  1.00 45.64 ? 202 NDP A N7A 1 
HETATM 1413 C C5A . NDP C 3 .   ? -1.076  4.434   13.143  1.00 44.89 ? 202 NDP A C5A 1 
HETATM 1414 C C6A . NDP C 3 .   ? -0.903  3.731   14.327  1.00 44.75 ? 202 NDP A C6A 1 
HETATM 1415 N N6A . NDP C 3 .   ? 0.258   3.005   14.545  1.00 49.70 ? 202 NDP A N6A 1 
HETATM 1416 N N1A . NDP C 3 .   ? -1.862  3.733   15.298  1.00 48.41 ? 202 NDP A N1A 1 
HETATM 1417 C C2A . NDP C 3 .   ? -2.984  4.477   15.000  1.00 48.13 ? 202 NDP A C2A 1 
HETATM 1418 N N3A . NDP C 3 .   ? -3.298  5.206   13.920  1.00 44.83 ? 202 NDP A N3A 1 
HETATM 1419 C C4A . NDP C 3 .   ? -2.298  5.164   12.979  1.00 46.42 ? 202 NDP A C4A 1 
HETATM 1420 O O3  . NDP C 3 .   ? -1.529  9.018   5.343   1.00 39.56 ? 202 NDP A O3  1 
HETATM 1421 P PN  . NDP C 3 .   ? -0.390  9.288   4.220   1.00 30.87 ? 202 NDP A PN  1 
HETATM 1422 O O1N . NDP C 3 .   ? -0.545  10.720  3.908   1.00 36.00 ? 202 NDP A O1N 1 
HETATM 1423 O O2N . NDP C 3 .   ? 0.950   8.623   4.437   1.00 29.18 ? 202 NDP A O2N 1 
HETATM 1424 O O5D . NDP C 3 .   ? -0.882  8.584   2.688   1.00 30.04 ? 202 NDP A O5D 1 
HETATM 1425 C C5D . NDP C 3 .   ? -2.072  9.154   2.342   1.00 27.73 ? 202 NDP A C5D 1 
HETATM 1426 C C4D . NDP C 3 .   ? -2.086  9.342   0.836   1.00 32.70 ? 202 NDP A C4D 1 
HETATM 1427 O O4D . NDP C 3 .   ? -1.452  8.215   0.169   1.00 30.86 ? 202 NDP A O4D 1 
HETATM 1428 C C3D . NDP C 3 .   ? -3.562  9.408   0.344   1.00 28.31 ? 202 NDP A C3D 1 
HETATM 1429 O O3D . NDP C 3 .   ? -3.674  10.512  -0.494  1.00 31.52 ? 202 NDP A O3D 1 
HETATM 1430 C C2D . NDP C 3 .   ? -3.683  8.142   -0.474  1.00 31.38 ? 202 NDP A C2D 1 
HETATM 1431 O O2D . NDP C 3 .   ? -4.516  8.311   -1.569  1.00 30.80 ? 202 NDP A O2D 1 
HETATM 1432 C C1D . NDP C 3 .   ? -2.214  7.973   -0.989  1.00 28.03 ? 202 NDP A C1D 1 
HETATM 1433 N N1N . NDP C 3 .   ? -1.953  6.580   -1.465  1.00 29.21 ? 202 NDP A N1N 1 
HETATM 1434 C C2N . NDP C 3 .   ? -1.433  6.337   -2.720  1.00 25.35 ? 202 NDP A C2N 1 
HETATM 1435 C C3N . NDP C 3 .   ? -1.038  5.079   -3.092  1.00 31.15 ? 202 NDP A C3N 1 
HETATM 1436 C C7N . NDP C 3 .   ? -0.465  4.891   -4.441  1.00 29.28 ? 202 NDP A C7N 1 
HETATM 1437 O O7N . NDP C 3 .   ? -0.247  3.786   -4.964  1.00 23.05 ? 202 NDP A O7N 1 
HETATM 1438 N N7N . NDP C 3 .   ? -0.110  6.036   -5.145  1.00 22.17 ? 202 NDP A N7N 1 
HETATM 1439 C C4N . NDP C 3 .   ? -1.148  3.916   -2.185  1.00 29.93 ? 202 NDP A C4N 1 
HETATM 1440 C C5N . NDP C 3 .   ? -1.876  4.256   -0.938  1.00 29.78 ? 202 NDP A C5N 1 
HETATM 1441 C C6N . NDP C 3 .   ? -2.232  5.504   -0.623  1.00 30.94 ? 202 NDP A C6N 1 
HETATM 1442 P P2B . NDP C 3 .   ? -5.218  9.369   12.569  1.00 51.97 ? 202 NDP A P2B 1 
HETATM 1443 O O1X . NDP C 3 .   ? -4.905  10.810  12.230  1.00 55.43 ? 202 NDP A O1X 1 
HETATM 1444 O O2X . NDP C 3 .   ? -4.562  8.761   13.818  1.00 43.72 ? 202 NDP A O2X 1 
HETATM 1445 O O3X . NDP C 3 .   ? -6.611  8.907   12.219  1.00 48.53 ? 202 NDP A O3X 1 
HETATM 1446 O O   . HOH D 4 .   ? -1.592  12.188  6.166   1.00 38.44 ? 301 HOH A O   1 
HETATM 1447 O O   . HOH D 4 .   ? -1.536  -14.575 -8.264  1.00 38.11 ? 302 HOH A O   1 
HETATM 1448 O O   . HOH D 4 .   ? 3.892   -0.728  -21.256 1.00 35.11 ? 303 HOH A O   1 
HETATM 1449 O O   . HOH D 4 .   ? -2.800  4.477   -14.730 1.00 40.22 ? 304 HOH A O   1 
HETATM 1450 O O   . HOH D 4 .   ? 11.449  4.788   14.338  1.00 43.25 ? 305 HOH A O   1 
HETATM 1451 O O   . HOH D 4 .   ? -6.550  5.504   -14.794 1.00 47.98 ? 306 HOH A O   1 
HETATM 1452 O O   . HOH D 4 .   ? -13.216 -5.113  3.705   1.00 32.86 ? 307 HOH A O   1 
HETATM 1453 O O   . HOH D 4 .   ? 2.241   -2.589  -12.566 1.00 29.66 ? 308 HOH A O   1 
HETATM 1454 O O   . HOH D 4 .   ? 0.431   15.657  -10.282 1.00 33.93 ? 309 HOH A O   1 
HETATM 1455 O O   . HOH D 4 .   ? -7.123  11.144  -11.903 1.00 40.79 ? 310 HOH A O   1 
HETATM 1456 O O   . HOH D 4 .   ? -2.521  -9.259  17.131  1.00 36.23 ? 311 HOH A O   1 
HETATM 1457 O O   . HOH D 4 .   ? 2.483   21.783  -3.692  1.00 45.99 ? 312 HOH A O   1 
HETATM 1458 O O   . HOH D 4 .   ? -11.775 -6.746  9.249   1.00 30.89 ? 313 HOH A O   1 
HETATM 1459 O O   . HOH D 4 .   ? -12.209 -6.903  -3.488  1.00 36.23 ? 314 HOH A O   1 
HETATM 1460 O O   . HOH D 4 .   ? 1.294   -4.603  -10.679 1.00 32.69 ? 315 HOH A O   1 
HETATM 1461 O O   . HOH D 4 .   ? 9.418   4.995   -7.519  1.00 25.98 ? 316 HOH A O   1 
HETATM 1462 O O   . HOH D 4 .   ? -6.374  14.570  -14.269 1.00 37.25 ? 317 HOH A O   1 
HETATM 1463 O O   . HOH D 4 .   ? 4.461   19.644  0.303   1.00 44.29 ? 318 HOH A O   1 
HETATM 1464 O O   . HOH D 4 .   ? 1.639   5.629   -20.945 1.00 44.85 ? 319 HOH A O   1 
HETATM 1465 O O   . HOH D 4 .   ? 6.477   1.638   14.678  1.00 34.88 ? 320 HOH A O   1 
HETATM 1466 O O   . HOH D 4 .   ? 18.404  -1.346  7.504   1.00 47.50 ? 321 HOH A O   1 
HETATM 1467 O O   . HOH D 4 .   ? -15.782 -5.539  3.097   1.00 38.32 ? 322 HOH A O   1 
HETATM 1468 O O   . HOH D 4 .   ? -18.788 2.000   0.609   1.00 37.39 ? 323 HOH A O   1 
HETATM 1469 O O   . HOH D 4 .   ? 4.726   10.829  -16.747 1.00 37.63 ? 324 HOH A O   1 
HETATM 1470 O O   . HOH D 4 .   ? 0.353   -10.721 -15.380 1.00 32.70 ? 325 HOH A O   1 
HETATM 1471 O O   . HOH D 4 .   ? -5.885  -7.126  -13.130 1.00 36.80 ? 326 HOH A O   1 
HETATM 1472 O O   . HOH D 4 .   ? 9.249   7.365   10.816  1.00 36.93 ? 327 HOH A O   1 
HETATM 1473 O O   . HOH D 4 .   ? 9.634   9.912   -0.291  1.00 23.74 ? 328 HOH A O   1 
HETATM 1474 O O   . HOH D 4 .   ? -15.568 -10.095 4.116   1.00 41.25 ? 329 HOH A O   1 
HETATM 1475 O O   . HOH D 4 .   ? 9.567   0.542   -9.715  1.00 24.56 ? 330 HOH A O   1 
HETATM 1476 O O   . HOH D 4 .   ? -22.617 1.108   2.579   1.00 44.54 ? 331 HOH A O   1 
HETATM 1477 O O   . HOH D 4 .   ? -1.441  0.911   -2.481  1.00 24.54 ? 332 HOH A O   1 
HETATM 1478 O O   . HOH D 4 .   ? 13.650  6.729   -8.440  1.00 24.25 ? 333 HOH A O   1 
HETATM 1479 O O   . HOH D 4 .   ? -8.605  -14.064 3.848   1.00 33.98 ? 334 HOH A O   1 
HETATM 1480 O O   . HOH D 4 .   ? 0.361   13.428  3.917   1.00 33.56 ? 335 HOH A O   1 
HETATM 1481 O O   . HOH D 4 .   ? -7.620  -11.721 12.683  1.00 31.88 ? 336 HOH A O   1 
HETATM 1482 O O   . HOH D 4 .   ? 9.687   8.369   1.649   1.00 24.27 ? 337 HOH A O   1 
HETATM 1483 O O   . HOH D 4 .   ? -7.070  18.115  -1.360  1.00 36.65 ? 338 HOH A O   1 
HETATM 1484 O O   . HOH D 4 .   ? -7.122  11.428  7.869   1.00 42.37 ? 339 HOH A O   1 
HETATM 1485 O O   . HOH D 4 .   ? -7.397  14.161  7.233   1.00 36.21 ? 340 HOH A O   1 
HETATM 1486 O O   . HOH D 4 .   ? -3.740  -4.628  -14.151 1.00 46.70 ? 341 HOH A O   1 
HETATM 1487 O O   . HOH D 4 .   ? 3.696   9.587   3.962   1.00 36.29 ? 342 HOH A O   1 
HETATM 1488 O O   . HOH D 4 .   ? 9.234   5.347   -14.195 1.00 38.31 ? 343 HOH A O   1 
HETATM 1489 O O   . HOH D 4 .   ? 16.023  -6.403  -14.029 1.00 39.04 ? 344 HOH A O   1 
HETATM 1490 O O   . HOH D 4 .   ? -6.806  12.246  -8.303  1.00 29.96 ? 345 HOH A O   1 
HETATM 1491 O O   . HOH D 4 .   ? 4.803   -9.714  -4.738  1.00 40.20 ? 346 HOH A O   1 
HETATM 1492 O O   . HOH D 4 .   ? 3.569   -16.091 1.281   1.00 38.10 ? 347 HOH A O   1 
HETATM 1493 O O   . HOH D 4 .   ? -7.601  12.124  1.466   1.00 39.95 ? 348 HOH A O   1 
HETATM 1494 O O   . HOH D 4 .   ? 2.355   11.324  -14.941 1.00 39.99 ? 349 HOH A O   1 
HETATM 1495 O O   . HOH D 4 .   ? -0.456  -3.074  -12.684 1.00 34.14 ? 350 HOH A O   1 
HETATM 1496 O O   . HOH D 4 .   ? -9.763  -4.915  -6.101  1.00 32.25 ? 351 HOH A O   1 
HETATM 1497 O O   . HOH D 4 .   ? -10.486 -14.289 7.407   1.00 33.27 ? 352 HOH A O   1 
HETATM 1498 O O   . HOH D 4 .   ? 14.929  10.007  -7.460  1.00 19.44 ? 353 HOH A O   1 
HETATM 1499 O O   . HOH D 4 .   ? -14.530 -5.385  -3.807  1.00 41.32 ? 354 HOH A O   1 
HETATM 1500 O O   . HOH D 4 .   ? -2.685  1.884   -16.422 1.00 35.60 ? 355 HOH A O   1 
HETATM 1501 O O   . HOH D 4 .   ? -6.181  -1.475  18.539  1.00 40.75 ? 356 HOH A O   1 
HETATM 1502 O O   . HOH D 4 .   ? 4.127   6.927   -21.898 1.00 34.15 ? 357 HOH A O   1 
HETATM 1503 O O   . HOH D 4 .   ? 20.071  5.977   9.139   1.00 42.40 ? 358 HOH A O   1 
HETATM 1504 O O   . HOH D 4 .   ? 12.153  -9.640  4.694   1.00 39.83 ? 359 HOH A O   1 
HETATM 1505 O O   . HOH D 4 .   ? -17.398 -2.031  9.862   1.00 34.28 ? 360 HOH A O   1 
HETATM 1506 O O   . HOH D 4 .   ? 3.928   23.277  1.192   1.00 25.30 ? 361 HOH A O   1 
HETATM 1507 O O   . HOH D 4 .   ? 14.204  1.643   8.959   1.00 35.80 ? 362 HOH A O   1 
HETATM 1508 O O   . HOH D 4 .   ? 2.495   13.814  -14.321 1.00 31.20 ? 363 HOH A O   1 
HETATM 1509 O O   . HOH D 4 .   ? 2.954   0.338   -23.200 1.00 41.51 ? 364 HOH A O   1 
HETATM 1510 O O   . HOH D 4 .   ? -4.466  7.168   -20.262 1.00 40.57 ? 365 HOH A O   1 
HETATM 1511 O O   . HOH D 4 .   ? 12.598  2.799   -8.724  1.00 39.90 ? 366 HOH A O   1 
HETATM 1512 O O   . HOH D 4 .   ? -16.684 -7.012  -4.955  1.00 47.48 ? 367 HOH A O   1 
HETATM 1513 O O   . HOH D 4 .   ? -5.185  5.504   -18.507 1.00 44.15 ? 368 HOH A O   1 
HETATM 1514 O O   . HOH D 4 .   ? -10.969 -7.040  -7.320  1.00 43.09 ? 369 HOH A O   1 
# 
_database_PDB_caveat.id     1 
_database_PDB_caveat.text   'EN7 A 201 HAS WRONG CHIRALITY AT ATOM C13' 
# 
loop_
_pdbx_poly_seq_scheme.asym_id 
_pdbx_poly_seq_scheme.entity_id 
_pdbx_poly_seq_scheme.seq_id 
_pdbx_poly_seq_scheme.mon_id 
_pdbx_poly_seq_scheme.ndb_seq_num 
_pdbx_poly_seq_scheme.pdb_seq_num 
_pdbx_poly_seq_scheme.auth_seq_num 
_pdbx_poly_seq_scheme.pdb_mon_id 
_pdbx_poly_seq_scheme.auth_mon_id 
_pdbx_poly_seq_scheme.pdb_strand_id 
_pdbx_poly_seq_scheme.pdb_ins_code 
_pdbx_poly_seq_scheme.hetero 
A 1 1   MET 1   -21 ?   ?   ?   A . n 
A 1 2   GLY 2   -20 ?   ?   ?   A . n 
A 1 3   SER 3   -19 ?   ?   ?   A . n 
A 1 4   SER 4   -18 ?   ?   ?   A . n 
A 1 5   HIS 5   -17 ?   ?   ?   A . n 
A 1 6   HIS 6   -16 ?   ?   ?   A . n 
A 1 7   HIS 7   -15 ?   ?   ?   A . n 
A 1 8   HIS 8   -14 ?   ?   ?   A . n 
A 1 9   HIS 9   -13 ?   ?   ?   A . n 
A 1 10  HIS 10  -12 ?   ?   ?   A . n 
A 1 11  SER 11  -11 ?   ?   ?   A . n 
A 1 12  SER 12  -10 ?   ?   ?   A . n 
A 1 13  GLY 13  -9  ?   ?   ?   A . n 
A 1 14  LEU 14  -8  ?   ?   ?   A . n 
A 1 15  VAL 15  -7  ?   ?   ?   A . n 
A 1 16  PRO 16  -6  ?   ?   ?   A . n 
A 1 17  ARG 17  -5  ?   ?   ?   A . n 
A 1 18  GLY 18  -4  ?   ?   ?   A . n 
A 1 19  SER 19  -3  ?   ?   ?   A . n 
A 1 20  HIS 20  -2  ?   ?   ?   A . n 
A 1 21  MET 21  -1  ?   ?   ?   A . n 
A 1 22  ALA 22  0   ?   ?   ?   A . n 
A 1 23  MET 23  1   1   MET MET A . n 
A 1 24  SER 24  2   2   SER SER A . n 
A 1 25  THR 25  3   3   THR THR A . n 
A 1 26  LEU 26  4   4   LEU LEU A . n 
A 1 27  VAL 27  5   5   VAL VAL A . n 
A 1 28  TYR 28  6   6   TYR TYR A . n 
A 1 29  TYR 29  7   7   TYR TYR A . n 
A 1 30  VAL 30  8   8   VAL VAL A . n 
A 1 31  ALA 31  9   9   ALA ALA A . n 
A 1 32  ALA 32  10  10  ALA ALA A . n 
A 1 33  THR 33  11  11  THR THR A . n 
A 1 34  LEU 34  12  12  LEU LEU A . n 
A 1 35  ASP 35  13  13  ASP ASP A . n 
A 1 36  GLY 36  14  14  GLY GLY A . n 
A 1 37  TYR 37  15  15  TYR TYR A . n 
A 1 38  ILE 38  16  16  ILE ILE A . n 
A 1 39  ALA 39  17  17  ALA ALA A . n 
A 1 40  THR 40  18  18  THR THR A . n 
A 1 41  GLN 41  19  19  GLN GLN A . n 
A 1 42  GLN 42  20  20  GLN GLN A . n 
A 1 43  HIS 43  21  21  HIS HIS A . n 
A 1 44  LYS 44  22  22  LYS LYS A . n 
A 1 45  LEU 45  23  23  LEU LEU A . n 
A 1 46  ASP 46  24  24  ASP ASP A . n 
A 1 47  TRP 47  25  25  TRP TRP A . n 
A 1 48  LEU 48  26  26  LEU LEU A . n 
A 1 49  GLU 49  27  27  GLU GLU A . n 
A 1 50  ASN 50  28  28  ASN ASN A . n 
A 1 51  PHE 51  29  29  PHE PHE A . n 
A 1 52  ALA 52  30  30  ALA ALA A . n 
A 1 53  LEU 53  31  31  LEU LEU A . n 
A 1 54  GLY 54  32  32  GLY GLY A . n 
A 1 55  ASP 55  33  33  ASP ASP A . n 
A 1 56  ASP 56  34  34  ASP ASP A . n 
A 1 57  ALA 57  35  35  ALA ALA A . n 
A 1 58  THR 58  36  36  THR THR A . n 
A 1 59  ALA 59  37  37  ALA ALA A . n 
A 1 60  TYR 60  38  38  TYR TYR A . n 
A 1 61  ASP 61  39  39  ASP ASP A . n 
A 1 62  ASP 62  40  40  ASP ASP A . n 
A 1 63  PHE 63  41  41  PHE PHE A . n 
A 1 64  TYR 64  42  42  TYR TYR A . n 
A 1 65  GLN 65  43  43  GLN GLN A . n 
A 1 66  THR 66  44  44  THR THR A . n 
A 1 67  ILE 67  45  45  ILE ILE A . n 
A 1 68  GLY 68  46  46  GLY GLY A . n 
A 1 69  ALA 69  47  47  ALA ALA A . n 
A 1 70  VAL 70  48  48  VAL VAL A . n 
A 1 71  VAL 71  49  49  VAL VAL A . n 
A 1 72  MET 72  50  50  MET MET A . n 
A 1 73  GLY 73  51  51  GLY GLY A . n 
A 1 74  SER 74  52  52  SER SER A . n 
A 1 75  GLN 75  53  53  GLN GLN A . n 
A 1 76  THR 76  54  54  THR THR A . n 
A 1 77  TYR 77  55  55  TYR TYR A . n 
A 1 78  GLU 78  56  56  GLU GLU A . n 
A 1 79  TRP 79  57  57  TRP TRP A . n 
A 1 80  ILE 80  58  58  ILE ILE A . n 
A 1 81  MET 81  59  59  MET MET A . n 
A 1 82  SER 82  60  60  SER SER A . n 
A 1 83  ASN 83  61  61  ASN ASN A . n 
A 1 84  ALA 84  62  62  ALA ALA A . n 
A 1 85  PRO 85  63  63  PRO PRO A . n 
A 1 86  ASP 86  64  64  ASP ASP A . n 
A 1 87  ASP 87  65  65  ASP ASP A . n 
A 1 88  TRP 88  66  66  TRP TRP A . n 
A 1 89  PRO 89  67  67  PRO PRO A . n 
A 1 90  TYR 90  68  68  TYR TYR A . n 
A 1 91  GLN 91  69  69  GLN GLN A . n 
A 1 92  ASP 92  70  70  ASP ASP A . n 
A 1 93  VAL 93  71  71  VAL VAL A . n 
A 1 94  PRO 94  72  72  PRO PRO A . n 
A 1 95  ALA 95  73  73  ALA ALA A . n 
A 1 96  PHE 96  74  74  PHE PHE A . n 
A 1 97  VAL 97  75  75  VAL VAL A . n 
A 1 98  MET 98  76  76  MET MET A . n 
A 1 99  SER 99  77  77  SER SER A . n 
A 1 100 ASN 100 78  78  ASN ASN A . n 
A 1 101 ARG 101 79  79  ARG ARG A . n 
A 1 102 ASP 102 80  80  ASP ASP A . n 
A 1 103 LEU 103 81  81  LEU LEU A . n 
A 1 104 SER 104 82  82  SER SER A . n 
A 1 105 ALA 105 83  83  ALA ALA A . n 
A 1 106 PRO 106 84  84  PRO PRO A . n 
A 1 107 ALA 107 85  85  ALA ALA A . n 
A 1 108 ASN 108 86  86  ASN ASN A . n 
A 1 109 LEU 109 87  87  LEU LEU A . n 
A 1 110 ASP 110 88  88  ASP ASP A . n 
A 1 111 ILE 111 89  89  ILE ILE A . n 
A 1 112 THR 112 90  90  THR THR A . n 
A 1 113 PHE 113 91  91  PHE PHE A . n 
A 1 114 LEU 114 92  92  LEU LEU A . n 
A 1 115 ARG 115 93  93  ARG ARG A . n 
A 1 116 GLY 116 94  94  GLY GLY A . n 
A 1 117 ASP 117 95  95  ASP ASP A . n 
A 1 118 ALA 118 96  96  ALA ALA A . n 
A 1 119 SER 119 97  97  SER SER A . n 
A 1 120 ALA 120 98  98  ALA ALA A . n 
A 1 121 ILE 121 99  99  ILE ILE A . n 
A 1 122 ALA 122 100 100 ALA ALA A . n 
A 1 123 VAL 123 101 101 VAL VAL A . n 
A 1 124 ARG 124 102 102 ARG ARG A . n 
A 1 125 ALA 125 103 103 ALA ALA A . n 
A 1 126 ARG 126 104 104 ARG ARG A . n 
A 1 127 GLN 127 105 105 GLN GLN A . n 
A 1 128 ALA 128 106 106 ALA ALA A . n 
A 1 129 ALA 129 107 107 ALA ALA A . n 
A 1 130 LYS 130 108 108 LYS LYS A . n 
A 1 131 GLY 131 109 109 GLY GLY A . n 
A 1 132 LYS 132 110 110 LYS LYS A . n 
A 1 133 ASN 133 111 111 ASN ASN A . n 
A 1 134 VAL 134 112 112 VAL VAL A . n 
A 1 135 TRP 135 113 113 TRP TRP A . n 
A 1 136 LEU 136 114 114 LEU LEU A . n 
A 1 137 VAL 137 115 115 VAL VAL A . n 
A 1 138 GLY 138 116 116 GLY GLY A . n 
A 1 139 GLY 139 117 117 GLY GLY A . n 
A 1 140 GLY 140 118 118 GLY GLY A . n 
A 1 141 LYS 141 119 119 LYS LYS A . n 
A 1 142 THR 142 120 120 THR THR A . n 
A 1 143 ALA 143 121 121 ALA ALA A . n 
A 1 144 ALA 144 122 122 ALA ALA A . n 
A 1 145 CYS 145 123 123 CYS CYS A . n 
A 1 146 PHE 146 124 124 PHE PHE A . n 
A 1 147 ALA 147 125 125 ALA ALA A . n 
A 1 148 ASN 148 126 126 ASN ASN A . n 
A 1 149 ALA 149 127 127 ALA ALA A . n 
A 1 150 GLY 150 128 128 GLY GLY A . n 
A 1 151 GLU 151 129 129 GLU GLU A . n 
A 1 152 LEU 152 130 130 LEU LEU A . n 
A 1 153 GLN 153 131 131 GLN GLN A . n 
A 1 154 GLN 154 132 132 GLN GLN A . n 
A 1 155 LEU 155 133 133 LEU LEU A . n 
A 1 156 PHE 156 134 134 PHE PHE A . n 
A 1 157 ILE 157 135 135 ILE ILE A . n 
A 1 158 THR 158 136 136 THR THR A . n 
A 1 159 THR 159 137 137 THR THR A . n 
A 1 160 ILE 160 138 138 ILE ILE A . n 
A 1 161 PRO 161 139 139 PRO PRO A . n 
A 1 162 THR 162 140 140 THR THR A . n 
A 1 163 PHE 163 141 141 PHE PHE A . n 
A 1 164 ILE 164 142 142 ILE ILE A . n 
A 1 165 GLY 165 143 143 GLY GLY A . n 
A 1 166 THR 166 144 144 THR THR A . n 
A 1 167 GLY 167 145 145 GLY GLY A . n 
A 1 168 VAL 168 146 146 VAL VAL A . n 
A 1 169 PRO 169 147 147 PRO PRO A . n 
A 1 170 VAL 170 148 148 VAL VAL A . n 
A 1 171 LEU 171 149 149 LEU LEU A . n 
A 1 172 PRO 172 150 150 PRO PRO A . n 
A 1 173 VAL 173 151 151 VAL VAL A . n 
A 1 174 ASP 174 152 152 ASP ASP A . n 
A 1 175 ARG 175 153 153 ARG ARG A . n 
A 1 176 ALA 176 154 154 ALA ALA A . n 
A 1 177 LEU 177 155 155 LEU LEU A . n 
A 1 178 GLU 178 156 156 GLU GLU A . n 
A 1 179 VAL 179 157 157 VAL VAL A . n 
A 1 180 VAL 180 158 158 VAL VAL A . n 
A 1 181 LEU 181 159 159 LEU LEU A . n 
A 1 182 ARG 182 160 160 ARG ARG A . n 
A 1 183 GLU 183 161 161 GLU GLU A . n 
A 1 184 GLN 184 162 162 GLN GLN A . n 
A 1 185 ARG 185 163 163 ARG ARG A . n 
A 1 186 THR 186 164 164 THR THR A . n 
A 1 187 LEU 187 165 165 LEU LEU A . n 
A 1 188 GLN 188 166 166 GLN GLN A . n 
A 1 189 SER 189 167 167 SER SER A . n 
A 1 190 GLY 190 168 168 GLY GLY A . n 
A 1 191 ALA 191 169 169 ALA ALA A . n 
A 1 192 MET 192 170 170 MET MET A . n 
A 1 193 GLU 193 171 171 GLU GLU A . n 
A 1 194 CYS 194 172 172 CYS CYS A . n 
A 1 195 ILE 195 173 173 ILE ILE A . n 
A 1 196 LEU 196 174 174 LEU LEU A . n 
A 1 197 ASP 197 175 175 ASP ASP A . n 
A 1 198 VAL 198 176 176 VAL VAL A . n 
A 1 199 LYS 199 177 177 LYS LYS A . n 
A 1 200 LYS 200 178 ?   ?   ?   A . n 
A 1 201 ALA 201 179 ?   ?   ?   A . n 
A 1 202 ASP 202 180 ?   ?   ?   A . n 
# 
loop_
_pdbx_contact_author.id 
_pdbx_contact_author.email 
_pdbx_contact_author.name_first 
_pdbx_contact_author.name_last 
_pdbx_contact_author.name_mi 
_pdbx_contact_author.role 
_pdbx_contact_author.identifier_ORCID 
2 mma@bjmu.edu.cn   Ming    Ma   ? 'principal investigator/group leader' 0000-0001-8311-3892 
3 gltang@sioc.ac.cn Gong-Li Tang ? 'principal investigator/group leader' 0000-0003-3149-4683 
# 
loop_
_pdbx_nonpoly_scheme.asym_id 
_pdbx_nonpoly_scheme.entity_id 
_pdbx_nonpoly_scheme.mon_id 
_pdbx_nonpoly_scheme.ndb_seq_num 
_pdbx_nonpoly_scheme.pdb_seq_num 
_pdbx_nonpoly_scheme.auth_seq_num 
_pdbx_nonpoly_scheme.pdb_mon_id 
_pdbx_nonpoly_scheme.auth_mon_id 
_pdbx_nonpoly_scheme.pdb_strand_id 
_pdbx_nonpoly_scheme.pdb_ins_code 
B 2 EN7 1  201 181 EN7 SAC A . 
C 3 NDP 1  202 186 NDP NDP A . 
D 4 HOH 1  301 20  HOH HOH A . 
D 4 HOH 2  302 61  HOH HOH A . 
D 4 HOH 3  303 9   HOH HOH A . 
D 4 HOH 4  304 46  HOH HOH A . 
D 4 HOH 5  305 44  HOH HOH A . 
D 4 HOH 6  306 43  HOH HOH A . 
D 4 HOH 7  307 8   HOH HOH A . 
D 4 HOH 8  308 5   HOH HOH A . 
D 4 HOH 9  309 73  HOH HOH A . 
D 4 HOH 10 310 14  HOH HOH A . 
D 4 HOH 11 311 24  HOH HOH A . 
D 4 HOH 12 312 63  HOH HOH A . 
D 4 HOH 13 313 22  HOH HOH A . 
D 4 HOH 14 314 4   HOH HOH A . 
D 4 HOH 15 315 52  HOH HOH A . 
D 4 HOH 16 316 6   HOH HOH A . 
D 4 HOH 17 317 11  HOH HOH A . 
D 4 HOH 18 318 65  HOH HOH A . 
D 4 HOH 19 319 70  HOH HOH A . 
D 4 HOH 20 320 27  HOH HOH A . 
D 4 HOH 21 321 62  HOH HOH A . 
D 4 HOH 22 322 17  HOH HOH A . 
D 4 HOH 23 323 42  HOH HOH A . 
D 4 HOH 24 324 58  HOH HOH A . 
D 4 HOH 25 325 36  HOH HOH A . 
D 4 HOH 26 326 68  HOH HOH A . 
D 4 HOH 27 327 38  HOH HOH A . 
D 4 HOH 28 328 13  HOH HOH A . 
D 4 HOH 29 329 18  HOH HOH A . 
D 4 HOH 30 330 2   HOH HOH A . 
D 4 HOH 31 331 41  HOH HOH A . 
D 4 HOH 32 332 1   HOH HOH A . 
D 4 HOH 33 333 3   HOH HOH A . 
D 4 HOH 34 334 29  HOH HOH A . 
D 4 HOH 35 335 32  HOH HOH A . 
D 4 HOH 36 336 10  HOH HOH A . 
D 4 HOH 37 337 26  HOH HOH A . 
D 4 HOH 38 338 25  HOH HOH A . 
D 4 HOH 39 339 37  HOH HOH A . 
D 4 HOH 40 340 56  HOH HOH A . 
D 4 HOH 41 341 47  HOH HOH A . 
D 4 HOH 42 342 12  HOH HOH A . 
D 4 HOH 43 343 75  HOH HOH A . 
D 4 HOH 44 344 34  HOH HOH A . 
D 4 HOH 45 345 31  HOH HOH A . 
D 4 HOH 46 346 33  HOH HOH A . 
D 4 HOH 47 347 51  HOH HOH A . 
D 4 HOH 48 348 35  HOH HOH A . 
D 4 HOH 49 349 74  HOH HOH A . 
D 4 HOH 50 350 39  HOH HOH A . 
D 4 HOH 51 351 16  HOH HOH A . 
D 4 HOH 52 352 21  HOH HOH A . 
D 4 HOH 53 353 7   HOH HOH A . 
D 4 HOH 54 354 19  HOH HOH A . 
D 4 HOH 55 355 28  HOH HOH A . 
D 4 HOH 56 356 55  HOH HOH A . 
D 4 HOH 57 357 45  HOH HOH A . 
D 4 HOH 58 358 67  HOH HOH A . 
D 4 HOH 59 359 71  HOH HOH A . 
D 4 HOH 60 360 50  HOH HOH A . 
D 4 HOH 61 361 40  HOH HOH A . 
D 4 HOH 62 362 48  HOH HOH A . 
D 4 HOH 63 363 49  HOH HOH A . 
D 4 HOH 64 364 72  HOH HOH A . 
D 4 HOH 65 365 57  HOH HOH A . 
D 4 HOH 66 366 54  HOH HOH A . 
D 4 HOH 67 367 69  HOH HOH A . 
D 4 HOH 68 368 60  HOH HOH A . 
D 4 HOH 69 369 53  HOH HOH A . 
# 
_pdbx_struct_assembly.id                   1 
_pdbx_struct_assembly.details              author_and_software_defined_assembly 
_pdbx_struct_assembly.method_details       PISA 
_pdbx_struct_assembly.oligomeric_details   monomeric 
_pdbx_struct_assembly.oligomeric_count     1 
# 
_pdbx_struct_assembly_gen.assembly_id       1 
_pdbx_struct_assembly_gen.oper_expression   1 
_pdbx_struct_assembly_gen.asym_id_list      A,B,C,D 
# 
loop_
_pdbx_struct_assembly_prop.biol_id 
_pdbx_struct_assembly_prop.type 
_pdbx_struct_assembly_prop.value 
_pdbx_struct_assembly_prop.details 
1 'ABSA (A^2)' 1210 ? 
1 MORE         -3   ? 
1 'SSA (A^2)'  9110 ? 
# 
_pdbx_struct_oper_list.id                   1 
_pdbx_struct_oper_list.type                 'identity operation' 
_pdbx_struct_oper_list.name                 1_555 
_pdbx_struct_oper_list.symmetry_operation   x,y,z 
_pdbx_struct_oper_list.matrix[1][1]         1.0000000000 
_pdbx_struct_oper_list.matrix[1][2]         0.0000000000 
_pdbx_struct_oper_list.matrix[1][3]         0.0000000000 
_pdbx_struct_oper_list.vector[1]            0.0000000000 
_pdbx_struct_oper_list.matrix[2][1]         0.0000000000 
_pdbx_struct_oper_list.matrix[2][2]         1.0000000000 
_pdbx_struct_oper_list.matrix[2][3]         0.0000000000 
_pdbx_struct_oper_list.vector[2]            0.0000000000 
_pdbx_struct_oper_list.matrix[3][1]         0.0000000000 
_pdbx_struct_oper_list.matrix[3][2]         0.0000000000 
_pdbx_struct_oper_list.matrix[3][3]         1.0000000000 
_pdbx_struct_oper_list.vector[3]            0.0000000000 
# 
loop_
_pdbx_audit_revision_history.ordinal 
_pdbx_audit_revision_history.data_content_type 
_pdbx_audit_revision_history.major_revision 
_pdbx_audit_revision_history.minor_revision 
_pdbx_audit_revision_history.revision_date 
1 'Structure model' 1 0 2023-02-08 
2 'Structure model' 1 1 2023-04-12 
3 'Structure model' 1 2 2023-11-29 
# 
_pdbx_audit_revision_details.ordinal             1 
_pdbx_audit_revision_details.revision_ordinal    1 
_pdbx_audit_revision_details.data_content_type   'Structure model' 
_pdbx_audit_revision_details.provider            repository 
_pdbx_audit_revision_details.type                'Initial release' 
_pdbx_audit_revision_details.description         ? 
_pdbx_audit_revision_details.details             ? 
# 
loop_
_pdbx_audit_revision_group.ordinal 
_pdbx_audit_revision_group.revision_ordinal 
_pdbx_audit_revision_group.data_content_type 
_pdbx_audit_revision_group.group 
1 2 'Structure model' 'Database references'    
2 3 'Structure model' 'Data collection'        
3 3 'Structure model' 'Refinement description' 
# 
loop_
_pdbx_audit_revision_category.ordinal 
_pdbx_audit_revision_category.revision_ordinal 
_pdbx_audit_revision_category.data_content_type 
_pdbx_audit_revision_category.category 
1 2 'Structure model' citation                      
2 3 'Structure model' chem_comp_atom                
3 3 'Structure model' chem_comp_bond                
4 3 'Structure model' pdbx_initial_refinement_model 
# 
loop_
_pdbx_audit_revision_item.ordinal 
_pdbx_audit_revision_item.revision_ordinal 
_pdbx_audit_revision_item.data_content_type 
_pdbx_audit_revision_item.item 
1 2 'Structure model' '_citation.journal_id_ISSN'         
2 2 'Structure model' '_citation.journal_volume'          
3 2 'Structure model' '_citation.page_first'              
4 2 'Structure model' '_citation.page_last'               
5 2 'Structure model' '_citation.pdbx_database_id_PubMed' 
6 2 'Structure model' '_citation.title'                   
7 2 'Structure model' '_citation.year'                    
# 
loop_
_software.citation_id 
_software.classification 
_software.compiler_name 
_software.compiler_version 
_software.contact_author 
_software.contact_author_email 
_software.date 
_software.description 
_software.dependencies 
_software.hardware 
_software.language 
_software.location 
_software.mods 
_software.name 
_software.os 
_software.os_version 
_software.type 
_software.version 
_software.pdbx_ordinal 
? refinement        ? ? ? ? ? ? ? ? ? ? ? PHENIX      ? ? ? 1.19.1_4122 1 
? 'data extraction' ? ? ? ? ? ? ? ? ? ? ? PDB_EXTRACT ? ? ? 3.27        2 
? 'data reduction'  ? ? ? ? ? ? ? ? ? ? ? CrysalisPro ? ? ? .           3 
? 'data scaling'    ? ? ? ? ? ? ? ? ? ? ? CrysalisPro ? ? ? .           4 
? phasing           ? ? ? ? ? ? ? ? ? ? ? PHENIX      ? ? ? .           5 
# 
_pdbx_entry_details.entry_id                 7XH4 
_pdbx_entry_details.nonpolymer_details       ? 
_pdbx_entry_details.sequence_details         ? 
_pdbx_entry_details.compound_details         ? 
_pdbx_entry_details.source_details           ? 
_pdbx_entry_details.has_ligand_of_interest   Y 
# 
loop_
_pdbx_validate_torsion.id 
_pdbx_validate_torsion.PDB_model_num 
_pdbx_validate_torsion.auth_comp_id 
_pdbx_validate_torsion.auth_asym_id 
_pdbx_validate_torsion.auth_seq_id 
_pdbx_validate_torsion.PDB_ins_code 
_pdbx_validate_torsion.label_alt_id 
_pdbx_validate_torsion.phi 
_pdbx_validate_torsion.psi 
1 1 PRO A 139 ? ? -67.86  75.69 
2 1 LEU A 149 ? ? -155.62 71.58 
# 
_pdbx_validate_chiral.id              1 
_pdbx_validate_chiral.PDB_model_num   1 
_pdbx_validate_chiral.auth_atom_id    C13 
_pdbx_validate_chiral.label_alt_id    ? 
_pdbx_validate_chiral.auth_asym_id    A 
_pdbx_validate_chiral.auth_comp_id    EN7 
_pdbx_validate_chiral.auth_seq_id     201 
_pdbx_validate_chiral.PDB_ins_code    ? 
_pdbx_validate_chiral.details         PLANAR 
_pdbx_validate_chiral.omega           . 
# 
loop_
_pdbx_unobs_or_zero_occ_residues.id 
_pdbx_unobs_or_zero_occ_residues.PDB_model_num 
_pdbx_unobs_or_zero_occ_residues.polymer_flag 
_pdbx_unobs_or_zero_occ_residues.occupancy_flag 
_pdbx_unobs_or_zero_occ_residues.auth_asym_id 
_pdbx_unobs_or_zero_occ_residues.auth_comp_id 
_pdbx_unobs_or_zero_occ_residues.auth_seq_id 
_pdbx_unobs_or_zero_occ_residues.PDB_ins_code 
_pdbx_unobs_or_zero_occ_residues.label_asym_id 
_pdbx_unobs_or_zero_occ_residues.label_comp_id 
_pdbx_unobs_or_zero_occ_residues.label_seq_id 
1  1 Y 1 A MET -21 ? A MET 1   
2  1 Y 1 A GLY -20 ? A GLY 2   
3  1 Y 1 A SER -19 ? A SER 3   
4  1 Y 1 A SER -18 ? A SER 4   
5  1 Y 1 A HIS -17 ? A HIS 5   
6  1 Y 1 A HIS -16 ? A HIS 6   
7  1 Y 1 A HIS -15 ? A HIS 7   
8  1 Y 1 A HIS -14 ? A HIS 8   
9  1 Y 1 A HIS -13 ? A HIS 9   
10 1 Y 1 A HIS -12 ? A HIS 10  
11 1 Y 1 A SER -11 ? A SER 11  
12 1 Y 1 A SER -10 ? A SER 12  
13 1 Y 1 A GLY -9  ? A GLY 13  
14 1 Y 1 A LEU -8  ? A LEU 14  
15 1 Y 1 A VAL -7  ? A VAL 15  
16 1 Y 1 A PRO -6  ? A PRO 16  
17 1 Y 1 A ARG -5  ? A ARG 17  
18 1 Y 1 A GLY -4  ? A GLY 18  
19 1 Y 1 A SER -3  ? A SER 19  
20 1 Y 1 A HIS -2  ? A HIS 20  
21 1 Y 1 A MET -1  ? A MET 21  
22 1 Y 1 A ALA 0   ? A ALA 22  
23 1 Y 1 A LYS 178 ? A LYS 200 
24 1 Y 1 A ALA 179 ? A ALA 201 
25 1 Y 1 A ASP 180 ? A ASP 202 
# 
loop_
_chem_comp_atom.comp_id 
_chem_comp_atom.atom_id 
_chem_comp_atom.type_symbol 
_chem_comp_atom.pdbx_aromatic_flag 
_chem_comp_atom.pdbx_stereo_config 
_chem_comp_atom.pdbx_ordinal 
ALA N    N N N 1   
ALA CA   C N S 2   
ALA C    C N N 3   
ALA O    O N N 4   
ALA CB   C N N 5   
ALA OXT  O N N 6   
ALA H    H N N 7   
ALA H2   H N N 8   
ALA HA   H N N 9   
ALA HB1  H N N 10  
ALA HB2  H N N 11  
ALA HB3  H N N 12  
ALA HXT  H N N 13  
ARG N    N N N 14  
ARG CA   C N S 15  
ARG C    C N N 16  
ARG O    O N N 17  
ARG CB   C N N 18  
ARG CG   C N N 19  
ARG CD   C N N 20  
ARG NE   N N N 21  
ARG CZ   C N N 22  
ARG NH1  N N N 23  
ARG NH2  N N N 24  
ARG OXT  O N N 25  
ARG H    H N N 26  
ARG H2   H N N 27  
ARG HA   H N N 28  
ARG HB2  H N N 29  
ARG HB3  H N N 30  
ARG HG2  H N N 31  
ARG HG3  H N N 32  
ARG HD2  H N N 33  
ARG HD3  H N N 34  
ARG HE   H N N 35  
ARG HH11 H N N 36  
ARG HH12 H N N 37  
ARG HH21 H N N 38  
ARG HH22 H N N 39  
ARG HXT  H N N 40  
ASN N    N N N 41  
ASN CA   C N S 42  
ASN C    C N N 43  
ASN O    O N N 44  
ASN CB   C N N 45  
ASN CG   C N N 46  
ASN OD1  O N N 47  
ASN ND2  N N N 48  
ASN OXT  O N N 49  
ASN H    H N N 50  
ASN H2   H N N 51  
ASN HA   H N N 52  
ASN HB2  H N N 53  
ASN HB3  H N N 54  
ASN HD21 H N N 55  
ASN HD22 H N N 56  
ASN HXT  H N N 57  
ASP N    N N N 58  
ASP CA   C N S 59  
ASP C    C N N 60  
ASP O    O N N 61  
ASP CB   C N N 62  
ASP CG   C N N 63  
ASP OD1  O N N 64  
ASP OD2  O N N 65  
ASP OXT  O N N 66  
ASP H    H N N 67  
ASP H2   H N N 68  
ASP HA   H N N 69  
ASP HB2  H N N 70  
ASP HB3  H N N 71  
ASP HD2  H N N 72  
ASP HXT  H N N 73  
CYS N    N N N 74  
CYS CA   C N R 75  
CYS C    C N N 76  
CYS O    O N N 77  
CYS CB   C N N 78  
CYS SG   S N N 79  
CYS OXT  O N N 80  
CYS H    H N N 81  
CYS H2   H N N 82  
CYS HA   H N N 83  
CYS HB2  H N N 84  
CYS HB3  H N N 85  
CYS HG   H N N 86  
CYS HXT  H N N 87  
EN7 O1   O N N 88  
EN7 O2   O N N 89  
EN7 O3   O N N 90  
EN7 O4   O N N 91  
EN7 O5   O N N 92  
EN7 O6   O N N 93  
EN7 N7   N N N 94  
EN7 N8   N N N 95  
EN7 N9   N N N 96  
EN7 N10  N N N 97  
EN7 C11  C N S 98  
EN7 C12  C N R 99  
EN7 C13  C N S 100 
EN7 C14  C N N 101 
EN7 C15  C N R 102 
EN7 C16  C N N 103 
EN7 C17  C N N 104 
EN7 C18  C Y N 105 
EN7 C19  C Y N 106 
EN7 C20  C N N 107 
EN7 C21  C N N 108 
EN7 C22  C N N 109 
EN7 C23  C N N 110 
EN7 C24  C Y N 111 
EN7 C25  C Y N 112 
EN7 C26  C N N 113 
EN7 C27  C N N 114 
EN7 C28  C Y N 115 
EN7 C29  C Y N 116 
EN7 C30  C N N 117 
EN7 C31  C N N 118 
EN7 C32  C N N 119 
EN7 C33  C N N 120 
EN7 C34  C N N 121 
EN7 C35  C N S 122 
EN7 C36  C N N 123 
EN7 C37  C N N 124 
EN7 C38  C N N 125 
EN7 H1   H N N 126 
EN7 H4   H N N 127 
EN7 H5   H N N 128 
EN7 H6   H N N 129 
EN7 H8   H N N 130 
EN7 H9   H N N 131 
EN7 H10  H N N 132 
EN7 H11  H N N 133 
EN7 H12  H N N 134 
EN7 H13  H N N 135 
EN7 H14  H N N 136 
EN7 H15  H N N 137 
EN7 H16  H N N 138 
EN7 H17  H N N 139 
EN7 H18  H N N 140 
EN7 H19  H N N 141 
EN7 H20  H N N 142 
EN7 H21  H N N 143 
EN7 H22  H N N 144 
EN7 H23  H N N 145 
EN7 H24  H N N 146 
EN7 H25  H N N 147 
EN7 H26  H N N 148 
EN7 H27  H N N 149 
EN7 H28  H N N 150 
EN7 H29  H N N 151 
EN7 H30  H N N 152 
EN7 H31  H N N 153 
EN7 H32  H N N 154 
EN7 H33  H N N 155 
EN7 H34  H N N 156 
EN7 H35  H N N 157 
EN7 H36  H N N 158 
EN7 H37  H N N 159 
EN7 H38  H N N 160 
EN7 H39  H N N 161 
GLN N    N N N 162 
GLN CA   C N S 163 
GLN C    C N N 164 
GLN O    O N N 165 
GLN CB   C N N 166 
GLN CG   C N N 167 
GLN CD   C N N 168 
GLN OE1  O N N 169 
GLN NE2  N N N 170 
GLN OXT  O N N 171 
GLN H    H N N 172 
GLN H2   H N N 173 
GLN HA   H N N 174 
GLN HB2  H N N 175 
GLN HB3  H N N 176 
GLN HG2  H N N 177 
GLN HG3  H N N 178 
GLN HE21 H N N 179 
GLN HE22 H N N 180 
GLN HXT  H N N 181 
GLU N    N N N 182 
GLU CA   C N S 183 
GLU C    C N N 184 
GLU O    O N N 185 
GLU CB   C N N 186 
GLU CG   C N N 187 
GLU CD   C N N 188 
GLU OE1  O N N 189 
GLU OE2  O N N 190 
GLU OXT  O N N 191 
GLU H    H N N 192 
GLU H2   H N N 193 
GLU HA   H N N 194 
GLU HB2  H N N 195 
GLU HB3  H N N 196 
GLU HG2  H N N 197 
GLU HG3  H N N 198 
GLU HE2  H N N 199 
GLU HXT  H N N 200 
GLY N    N N N 201 
GLY CA   C N N 202 
GLY C    C N N 203 
GLY O    O N N 204 
GLY OXT  O N N 205 
GLY H    H N N 206 
GLY H2   H N N 207 
GLY HA2  H N N 208 
GLY HA3  H N N 209 
GLY HXT  H N N 210 
HIS N    N N N 211 
HIS CA   C N S 212 
HIS C    C N N 213 
HIS O    O N N 214 
HIS CB   C N N 215 
HIS CG   C Y N 216 
HIS ND1  N Y N 217 
HIS CD2  C Y N 218 
HIS CE1  C Y N 219 
HIS NE2  N Y N 220 
HIS OXT  O N N 221 
HIS H    H N N 222 
HIS H2   H N N 223 
HIS HA   H N N 224 
HIS HB2  H N N 225 
HIS HB3  H N N 226 
HIS HD1  H N N 227 
HIS HD2  H N N 228 
HIS HE1  H N N 229 
HIS HE2  H N N 230 
HIS HXT  H N N 231 
HOH O    O N N 232 
HOH H1   H N N 233 
HOH H2   H N N 234 
ILE N    N N N 235 
ILE CA   C N S 236 
ILE C    C N N 237 
ILE O    O N N 238 
ILE CB   C N S 239 
ILE CG1  C N N 240 
ILE CG2  C N N 241 
ILE CD1  C N N 242 
ILE OXT  O N N 243 
ILE H    H N N 244 
ILE H2   H N N 245 
ILE HA   H N N 246 
ILE HB   H N N 247 
ILE HG12 H N N 248 
ILE HG13 H N N 249 
ILE HG21 H N N 250 
ILE HG22 H N N 251 
ILE HG23 H N N 252 
ILE HD11 H N N 253 
ILE HD12 H N N 254 
ILE HD13 H N N 255 
ILE HXT  H N N 256 
LEU N    N N N 257 
LEU CA   C N S 258 
LEU C    C N N 259 
LEU O    O N N 260 
LEU CB   C N N 261 
LEU CG   C N N 262 
LEU CD1  C N N 263 
LEU CD2  C N N 264 
LEU OXT  O N N 265 
LEU H    H N N 266 
LEU H2   H N N 267 
LEU HA   H N N 268 
LEU HB2  H N N 269 
LEU HB3  H N N 270 
LEU HG   H N N 271 
LEU HD11 H N N 272 
LEU HD12 H N N 273 
LEU HD13 H N N 274 
LEU HD21 H N N 275 
LEU HD22 H N N 276 
LEU HD23 H N N 277 
LEU HXT  H N N 278 
LYS N    N N N 279 
LYS CA   C N S 280 
LYS C    C N N 281 
LYS O    O N N 282 
LYS CB   C N N 283 
LYS CG   C N N 284 
LYS CD   C N N 285 
LYS CE   C N N 286 
LYS NZ   N N N 287 
LYS OXT  O N N 288 
LYS H    H N N 289 
LYS H2   H N N 290 
LYS HA   H N N 291 
LYS HB2  H N N 292 
LYS HB3  H N N 293 
LYS HG2  H N N 294 
LYS HG3  H N N 295 
LYS HD2  H N N 296 
LYS HD3  H N N 297 
LYS HE2  H N N 298 
LYS HE3  H N N 299 
LYS HZ1  H N N 300 
LYS HZ2  H N N 301 
LYS HZ3  H N N 302 
LYS HXT  H N N 303 
MET N    N N N 304 
MET CA   C N S 305 
MET C    C N N 306 
MET O    O N N 307 
MET CB   C N N 308 
MET CG   C N N 309 
MET SD   S N N 310 
MET CE   C N N 311 
MET OXT  O N N 312 
MET H    H N N 313 
MET H2   H N N 314 
MET HA   H N N 315 
MET HB2  H N N 316 
MET HB3  H N N 317 
MET HG2  H N N 318 
MET HG3  H N N 319 
MET HE1  H N N 320 
MET HE2  H N N 321 
MET HE3  H N N 322 
MET HXT  H N N 323 
NDP PA   P N S 324 
NDP O1A  O N N 325 
NDP O2A  O N N 326 
NDP O5B  O N N 327 
NDP C5B  C N N 328 
NDP C4B  C N R 329 
NDP O4B  O N N 330 
NDP C3B  C N R 331 
NDP O3B  O N N 332 
NDP C2B  C N R 333 
NDP O2B  O N N 334 
NDP C1B  C N R 335 
NDP N9A  N Y N 336 
NDP C8A  C Y N 337 
NDP N7A  N Y N 338 
NDP C5A  C Y N 339 
NDP C6A  C Y N 340 
NDP N6A  N N N 341 
NDP N1A  N Y N 342 
NDP C2A  C Y N 343 
NDP N3A  N Y N 344 
NDP C4A  C Y N 345 
NDP O3   O N N 346 
NDP PN   P N S 347 
NDP O1N  O N N 348 
NDP O2N  O N N 349 
NDP O5D  O N N 350 
NDP C5D  C N N 351 
NDP C4D  C N R 352 
NDP O4D  O N N 353 
NDP C3D  C N S 354 
NDP O3D  O N N 355 
NDP C2D  C N R 356 
NDP O2D  O N N 357 
NDP C1D  C N R 358 
NDP N1N  N N N 359 
NDP C2N  C N N 360 
NDP C3N  C N N 361 
NDP C7N  C N N 362 
NDP O7N  O N N 363 
NDP N7N  N N N 364 
NDP C4N  C N N 365 
NDP C5N  C N N 366 
NDP C6N  C N N 367 
NDP P2B  P N N 368 
NDP O1X  O N N 369 
NDP O2X  O N N 370 
NDP O3X  O N N 371 
NDP HOA2 H N N 372 
NDP H51A H N N 373 
NDP H52A H N N 374 
NDP H4B  H N N 375 
NDP H3B  H N N 376 
NDP HO3A H N N 377 
NDP H2B  H N N 378 
NDP H1B  H N N 379 
NDP H8A  H N N 380 
NDP H61A H N N 381 
NDP H62A H N N 382 
NDP H2A  H N N 383 
NDP H21N H N N 384 
NDP H51N H N N 385 
NDP H52N H N N 386 
NDP H4D  H N N 387 
NDP H3D  H N N 388 
NDP HO3N H N N 389 
NDP H2D  H N N 390 
NDP HO2N H N N 391 
NDP H1D  H N N 392 
NDP H2N  H N N 393 
NDP H71N H N N 394 
NDP H72N H N N 395 
NDP H41N H N N 396 
NDP H42N H N N 397 
NDP H5N  H N N 398 
NDP H6N  H N N 399 
NDP HOP2 H N N 400 
NDP HOP3 H N N 401 
PHE N    N N N 402 
PHE CA   C N S 403 
PHE C    C N N 404 
PHE O    O N N 405 
PHE CB   C N N 406 
PHE CG   C Y N 407 
PHE CD1  C Y N 408 
PHE CD2  C Y N 409 
PHE CE1  C Y N 410 
PHE CE2  C Y N 411 
PHE CZ   C Y N 412 
PHE OXT  O N N 413 
PHE H    H N N 414 
PHE H2   H N N 415 
PHE HA   H N N 416 
PHE HB2  H N N 417 
PHE HB3  H N N 418 
PHE HD1  H N N 419 
PHE HD2  H N N 420 
PHE HE1  H N N 421 
PHE HE2  H N N 422 
PHE HZ   H N N 423 
PHE HXT  H N N 424 
PRO N    N N N 425 
PRO CA   C N S 426 
PRO C    C N N 427 
PRO O    O N N 428 
PRO CB   C N N 429 
PRO CG   C N N 430 
PRO CD   C N N 431 
PRO OXT  O N N 432 
PRO H    H N N 433 
PRO HA   H N N 434 
PRO HB2  H N N 435 
PRO HB3  H N N 436 
PRO HG2  H N N 437 
PRO HG3  H N N 438 
PRO HD2  H N N 439 
PRO HD3  H N N 440 
PRO HXT  H N N 441 
SER N    N N N 442 
SER CA   C N S 443 
SER C    C N N 444 
SER O    O N N 445 
SER CB   C N N 446 
SER OG   O N N 447 
SER OXT  O N N 448 
SER H    H N N 449 
SER H2   H N N 450 
SER HA   H N N 451 
SER HB2  H N N 452 
SER HB3  H N N 453 
SER HG   H N N 454 
SER HXT  H N N 455 
THR N    N N N 456 
THR CA   C N S 457 
THR C    C N N 458 
THR O    O N N 459 
THR CB   C N R 460 
THR OG1  O N N 461 
THR CG2  C N N 462 
THR OXT  O N N 463 
THR H    H N N 464 
THR H2   H N N 465 
THR HA   H N N 466 
THR HB   H N N 467 
THR HG1  H N N 468 
THR HG21 H N N 469 
THR HG22 H N N 470 
THR HG23 H N N 471 
THR HXT  H N N 472 
TRP N    N N N 473 
TRP CA   C N S 474 
TRP C    C N N 475 
TRP O    O N N 476 
TRP CB   C N N 477 
TRP CG   C Y N 478 
TRP CD1  C Y N 479 
TRP CD2  C Y N 480 
TRP NE1  N Y N 481 
TRP CE2  C Y N 482 
TRP CE3  C Y N 483 
TRP CZ2  C Y N 484 
TRP CZ3  C Y N 485 
TRP CH2  C Y N 486 
TRP OXT  O N N 487 
TRP H    H N N 488 
TRP H2   H N N 489 
TRP HA   H N N 490 
TRP HB2  H N N 491 
TRP HB3  H N N 492 
TRP HD1  H N N 493 
TRP HE1  H N N 494 
TRP HE3  H N N 495 
TRP HZ2  H N N 496 
TRP HZ3  H N N 497 
TRP HH2  H N N 498 
TRP HXT  H N N 499 
TYR N    N N N 500 
TYR CA   C N S 501 
TYR C    C N N 502 
TYR O    O N N 503 
TYR CB   C N N 504 
TYR CG   C Y N 505 
TYR CD1  C Y N 506 
TYR CD2  C Y N 507 
TYR CE1  C Y N 508 
TYR CE2  C Y N 509 
TYR CZ   C Y N 510 
TYR OH   O N N 511 
TYR OXT  O N N 512 
TYR H    H N N 513 
TYR H2   H N N 514 
TYR HA   H N N 515 
TYR HB2  H N N 516 
TYR HB3  H N N 517 
TYR HD1  H N N 518 
TYR HD2  H N N 519 
TYR HE1  H N N 520 
TYR HE2  H N N 521 
TYR HH   H N N 522 
TYR HXT  H N N 523 
VAL N    N N N 524 
VAL CA   C N S 525 
VAL C    C N N 526 
VAL O    O N N 527 
VAL CB   C N N 528 
VAL CG1  C N N 529 
VAL CG2  C N N 530 
VAL OXT  O N N 531 
VAL H    H N N 532 
VAL H2   H N N 533 
VAL HA   H N N 534 
VAL HB   H N N 535 
VAL HG11 H N N 536 
VAL HG12 H N N 537 
VAL HG13 H N N 538 
VAL HG21 H N N 539 
VAL HG22 H N N 540 
VAL HG23 H N N 541 
VAL HXT  H N N 542 
# 
loop_
_chem_comp_bond.comp_id 
_chem_comp_bond.atom_id_1 
_chem_comp_bond.atom_id_2 
_chem_comp_bond.value_order 
_chem_comp_bond.pdbx_aromatic_flag 
_chem_comp_bond.pdbx_stereo_config 
_chem_comp_bond.pdbx_ordinal 
ALA N   CA   sing N N 1   
ALA N   H    sing N N 2   
ALA N   H2   sing N N 3   
ALA CA  C    sing N N 4   
ALA CA  CB   sing N N 5   
ALA CA  HA   sing N N 6   
ALA C   O    doub N N 7   
ALA C   OXT  sing N N 8   
ALA CB  HB1  sing N N 9   
ALA CB  HB2  sing N N 10  
ALA CB  HB3  sing N N 11  
ALA OXT HXT  sing N N 12  
ARG N   CA   sing N N 13  
ARG N   H    sing N N 14  
ARG N   H2   sing N N 15  
ARG CA  C    sing N N 16  
ARG CA  CB   sing N N 17  
ARG CA  HA   sing N N 18  
ARG C   O    doub N N 19  
ARG C   OXT  sing N N 20  
ARG CB  CG   sing N N 21  
ARG CB  HB2  sing N N 22  
ARG CB  HB3  sing N N 23  
ARG CG  CD   sing N N 24  
ARG CG  HG2  sing N N 25  
ARG CG  HG3  sing N N 26  
ARG CD  NE   sing N N 27  
ARG CD  HD2  sing N N 28  
ARG CD  HD3  sing N N 29  
ARG NE  CZ   sing N N 30  
ARG NE  HE   sing N N 31  
ARG CZ  NH1  sing N N 32  
ARG CZ  NH2  doub N N 33  
ARG NH1 HH11 sing N N 34  
ARG NH1 HH12 sing N N 35  
ARG NH2 HH21 sing N N 36  
ARG NH2 HH22 sing N N 37  
ARG OXT HXT  sing N N 38  
ASN N   CA   sing N N 39  
ASN N   H    sing N N 40  
ASN N   H2   sing N N 41  
ASN CA  C    sing N N 42  
ASN CA  CB   sing N N 43  
ASN CA  HA   sing N N 44  
ASN C   O    doub N N 45  
ASN C   OXT  sing N N 46  
ASN CB  CG   sing N N 47  
ASN CB  HB2  sing N N 48  
ASN CB  HB3  sing N N 49  
ASN CG  OD1  doub N N 50  
ASN CG  ND2  sing N N 51  
ASN ND2 HD21 sing N N 52  
ASN ND2 HD22 sing N N 53  
ASN OXT HXT  sing N N 54  
ASP N   CA   sing N N 55  
ASP N   H    sing N N 56  
ASP N   H2   sing N N 57  
ASP CA  C    sing N N 58  
ASP CA  CB   sing N N 59  
ASP CA  HA   sing N N 60  
ASP C   O    doub N N 61  
ASP C   OXT  sing N N 62  
ASP CB  CG   sing N N 63  
ASP CB  HB2  sing N N 64  
ASP CB  HB3  sing N N 65  
ASP CG  OD1  doub N N 66  
ASP CG  OD2  sing N N 67  
ASP OD2 HD2  sing N N 68  
ASP OXT HXT  sing N N 69  
CYS N   CA   sing N N 70  
CYS N   H    sing N N 71  
CYS N   H2   sing N N 72  
CYS CA  C    sing N N 73  
CYS CA  CB   sing N N 74  
CYS CA  HA   sing N N 75  
CYS C   O    doub N N 76  
CYS C   OXT  sing N N 77  
CYS CB  SG   sing N N 78  
CYS CB  HB2  sing N N 79  
CYS CB  HB3  sing N N 80  
CYS SG  HG   sing N N 81  
CYS OXT HXT  sing N N 82  
EN7 O1  C24  sing N N 83  
EN7 O2  C28  sing N N 84  
EN7 O2  C36  sing N N 85  
EN7 O3  C26  doub N N 86  
EN7 O4  C27  doub N N 87  
EN7 O5  C31  sing N N 88  
EN7 O5  C37  sing N N 89  
EN7 O6  C34  doub N N 90  
EN7 N7  C11  sing N N 91  
EN7 N7  C14  sing N N 92  
EN7 N7  C15  sing N N 93  
EN7 N8  C12  sing N N 94  
EN7 N8  C13  sing N N 95  
EN7 N8  C22  sing N N 96  
EN7 N9  C23  sing N N 97  
EN7 N9  C34  sing N N 98  
EN7 N10 C35  sing N N 99  
EN7 C11 C12  sing N N 100 
EN7 C11 C16  sing N N 101 
EN7 C12 C18  sing N N 102 
EN7 C13 C14  sing N N 103 
EN7 C13 C17  sing N N 104 
EN7 C15 C20  sing N N 105 
EN7 C15 C23  sing N N 106 
EN7 C16 C21  sing N N 107 
EN7 C17 C19  sing N N 108 
EN7 C18 C19  doub Y N 109 
EN7 C18 C24  sing Y N 110 
EN7 C19 C25  sing Y N 111 
EN7 C20 C21  doub N N 112 
EN7 C20 C26  sing N N 113 
EN7 C21 C27  sing N N 114 
EN7 C24 C28  doub Y N 115 
EN7 C25 C29  doub Y N 116 
EN7 C26 C31  sing N N 117 
EN7 C27 C30  sing N N 118 
EN7 C28 C29  sing Y N 119 
EN7 C29 C32  sing N N 120 
EN7 C30 C31  doub N N 121 
EN7 C30 C33  sing N N 122 
EN7 C34 C35  sing N N 123 
EN7 C35 C38  sing N N 124 
EN7 O1  H1   sing N N 125 
EN7 N9  H4   sing N N 126 
EN7 N10 H5   sing N N 127 
EN7 N10 H6   sing N N 128 
EN7 C11 H8   sing N N 129 
EN7 C12 H9   sing N N 130 
EN7 C13 H10  sing N N 131 
EN7 C14 H11  sing N N 132 
EN7 C14 H12  sing N N 133 
EN7 C15 H13  sing N N 134 
EN7 C16 H14  sing N N 135 
EN7 C16 H15  sing N N 136 
EN7 C17 H16  sing N N 137 
EN7 C17 H17  sing N N 138 
EN7 C22 H18  sing N N 139 
EN7 C22 H19  sing N N 140 
EN7 C22 H20  sing N N 141 
EN7 C23 H21  sing N N 142 
EN7 C23 H22  sing N N 143 
EN7 C25 H23  sing N N 144 
EN7 C32 H24  sing N N 145 
EN7 C32 H25  sing N N 146 
EN7 C32 H26  sing N N 147 
EN7 C33 H27  sing N N 148 
EN7 C33 H28  sing N N 149 
EN7 C33 H29  sing N N 150 
EN7 C35 H30  sing N N 151 
EN7 C36 H31  sing N N 152 
EN7 C36 H32  sing N N 153 
EN7 C36 H33  sing N N 154 
EN7 C37 H34  sing N N 155 
EN7 C37 H35  sing N N 156 
EN7 C37 H36  sing N N 157 
EN7 C38 H37  sing N N 158 
EN7 C38 H38  sing N N 159 
EN7 C38 H39  sing N N 160 
GLN N   CA   sing N N 161 
GLN N   H    sing N N 162 
GLN N   H2   sing N N 163 
GLN CA  C    sing N N 164 
GLN CA  CB   sing N N 165 
GLN CA  HA   sing N N 166 
GLN C   O    doub N N 167 
GLN C   OXT  sing N N 168 
GLN CB  CG   sing N N 169 
GLN CB  HB2  sing N N 170 
GLN CB  HB3  sing N N 171 
GLN CG  CD   sing N N 172 
GLN CG  HG2  sing N N 173 
GLN CG  HG3  sing N N 174 
GLN CD  OE1  doub N N 175 
GLN CD  NE2  sing N N 176 
GLN NE2 HE21 sing N N 177 
GLN NE2 HE22 sing N N 178 
GLN OXT HXT  sing N N 179 
GLU N   CA   sing N N 180 
GLU N   H    sing N N 181 
GLU N   H2   sing N N 182 
GLU CA  C    sing N N 183 
GLU CA  CB   sing N N 184 
GLU CA  HA   sing N N 185 
GLU C   O    doub N N 186 
GLU C   OXT  sing N N 187 
GLU CB  CG   sing N N 188 
GLU CB  HB2  sing N N 189 
GLU CB  HB3  sing N N 190 
GLU CG  CD   sing N N 191 
GLU CG  HG2  sing N N 192 
GLU CG  HG3  sing N N 193 
GLU CD  OE1  doub N N 194 
GLU CD  OE2  sing N N 195 
GLU OE2 HE2  sing N N 196 
GLU OXT HXT  sing N N 197 
GLY N   CA   sing N N 198 
GLY N   H    sing N N 199 
GLY N   H2   sing N N 200 
GLY CA  C    sing N N 201 
GLY CA  HA2  sing N N 202 
GLY CA  HA3  sing N N 203 
GLY C   O    doub N N 204 
GLY C   OXT  sing N N 205 
GLY OXT HXT  sing N N 206 
HIS N   CA   sing N N 207 
HIS N   H    sing N N 208 
HIS N   H2   sing N N 209 
HIS CA  C    sing N N 210 
HIS CA  CB   sing N N 211 
HIS CA  HA   sing N N 212 
HIS C   O    doub N N 213 
HIS C   OXT  sing N N 214 
HIS CB  CG   sing N N 215 
HIS CB  HB2  sing N N 216 
HIS CB  HB3  sing N N 217 
HIS CG  ND1  sing Y N 218 
HIS CG  CD2  doub Y N 219 
HIS ND1 CE1  doub Y N 220 
HIS ND1 HD1  sing N N 221 
HIS CD2 NE2  sing Y N 222 
HIS CD2 HD2  sing N N 223 
HIS CE1 NE2  sing Y N 224 
HIS CE1 HE1  sing N N 225 
HIS NE2 HE2  sing N N 226 
HIS OXT HXT  sing N N 227 
HOH O   H1   sing N N 228 
HOH O   H2   sing N N 229 
ILE N   CA   sing N N 230 
ILE N   H    sing N N 231 
ILE N   H2   sing N N 232 
ILE CA  C    sing N N 233 
ILE CA  CB   sing N N 234 
ILE CA  HA   sing N N 235 
ILE C   O    doub N N 236 
ILE C   OXT  sing N N 237 
ILE CB  CG1  sing N N 238 
ILE CB  CG2  sing N N 239 
ILE CB  HB   sing N N 240 
ILE CG1 CD1  sing N N 241 
ILE CG1 HG12 sing N N 242 
ILE CG1 HG13 sing N N 243 
ILE CG2 HG21 sing N N 244 
ILE CG2 HG22 sing N N 245 
ILE CG2 HG23 sing N N 246 
ILE CD1 HD11 sing N N 247 
ILE CD1 HD12 sing N N 248 
ILE CD1 HD13 sing N N 249 
ILE OXT HXT  sing N N 250 
LEU N   CA   sing N N 251 
LEU N   H    sing N N 252 
LEU N   H2   sing N N 253 
LEU CA  C    sing N N 254 
LEU CA  CB   sing N N 255 
LEU CA  HA   sing N N 256 
LEU C   O    doub N N 257 
LEU C   OXT  sing N N 258 
LEU CB  CG   sing N N 259 
LEU CB  HB2  sing N N 260 
LEU CB  HB3  sing N N 261 
LEU CG  CD1  sing N N 262 
LEU CG  CD2  sing N N 263 
LEU CG  HG   sing N N 264 
LEU CD1 HD11 sing N N 265 
LEU CD1 HD12 sing N N 266 
LEU CD1 HD13 sing N N 267 
LEU CD2 HD21 sing N N 268 
LEU CD2 HD22 sing N N 269 
LEU CD2 HD23 sing N N 270 
LEU OXT HXT  sing N N 271 
LYS N   CA   sing N N 272 
LYS N   H    sing N N 273 
LYS N   H2   sing N N 274 
LYS CA  C    sing N N 275 
LYS CA  CB   sing N N 276 
LYS CA  HA   sing N N 277 
LYS C   O    doub N N 278 
LYS C   OXT  sing N N 279 
LYS CB  CG   sing N N 280 
LYS CB  HB2  sing N N 281 
LYS CB  HB3  sing N N 282 
LYS CG  CD   sing N N 283 
LYS CG  HG2  sing N N 284 
LYS CG  HG3  sing N N 285 
LYS CD  CE   sing N N 286 
LYS CD  HD2  sing N N 287 
LYS CD  HD3  sing N N 288 
LYS CE  NZ   sing N N 289 
LYS CE  HE2  sing N N 290 
LYS CE  HE3  sing N N 291 
LYS NZ  HZ1  sing N N 292 
LYS NZ  HZ2  sing N N 293 
LYS NZ  HZ3  sing N N 294 
LYS OXT HXT  sing N N 295 
MET N   CA   sing N N 296 
MET N   H    sing N N 297 
MET N   H2   sing N N 298 
MET CA  C    sing N N 299 
MET CA  CB   sing N N 300 
MET CA  HA   sing N N 301 
MET C   O    doub N N 302 
MET C   OXT  sing N N 303 
MET CB  CG   sing N N 304 
MET CB  HB2  sing N N 305 
MET CB  HB3  sing N N 306 
MET CG  SD   sing N N 307 
MET CG  HG2  sing N N 308 
MET CG  HG3  sing N N 309 
MET SD  CE   sing N N 310 
MET CE  HE1  sing N N 311 
MET CE  HE2  sing N N 312 
MET CE  HE3  sing N N 313 
MET OXT HXT  sing N N 314 
NDP PA  O1A  doub N N 315 
NDP PA  O2A  sing N N 316 
NDP PA  O5B  sing N N 317 
NDP PA  O3   sing N N 318 
NDP O2A HOA2 sing N N 319 
NDP O5B C5B  sing N N 320 
NDP C5B C4B  sing N N 321 
NDP C5B H51A sing N N 322 
NDP C5B H52A sing N N 323 
NDP C4B O4B  sing N N 324 
NDP C4B C3B  sing N N 325 
NDP C4B H4B  sing N N 326 
NDP O4B C1B  sing N N 327 
NDP C3B O3B  sing N N 328 
NDP C3B C2B  sing N N 329 
NDP C3B H3B  sing N N 330 
NDP O3B HO3A sing N N 331 
NDP C2B O2B  sing N N 332 
NDP C2B C1B  sing N N 333 
NDP C2B H2B  sing N N 334 
NDP O2B P2B  sing N N 335 
NDP C1B N9A  sing N N 336 
NDP C1B H1B  sing N N 337 
NDP N9A C8A  sing Y N 338 
NDP N9A C4A  sing Y N 339 
NDP C8A N7A  doub Y N 340 
NDP C8A H8A  sing N N 341 
NDP N7A C5A  sing Y N 342 
NDP C5A C6A  sing Y N 343 
NDP C5A C4A  doub Y N 344 
NDP C6A N6A  sing N N 345 
NDP C6A N1A  doub Y N 346 
NDP N6A H61A sing N N 347 
NDP N6A H62A sing N N 348 
NDP N1A C2A  sing Y N 349 
NDP C2A N3A  doub Y N 350 
NDP C2A H2A  sing N N 351 
NDP N3A C4A  sing Y N 352 
NDP O3  PN   sing N N 353 
NDP PN  O1N  doub N N 354 
NDP PN  O2N  sing N N 355 
NDP PN  O5D  sing N N 356 
NDP O2N H21N sing N N 357 
NDP O5D C5D  sing N N 358 
NDP C5D C4D  sing N N 359 
NDP C5D H51N sing N N 360 
NDP C5D H52N sing N N 361 
NDP C4D O4D  sing N N 362 
NDP C4D C3D  sing N N 363 
NDP C4D H4D  sing N N 364 
NDP O4D C1D  sing N N 365 
NDP C3D O3D  sing N N 366 
NDP C3D C2D  sing N N 367 
NDP C3D H3D  sing N N 368 
NDP O3D HO3N sing N N 369 
NDP C2D O2D  sing N N 370 
NDP C2D C1D  sing N N 371 
NDP C2D H2D  sing N N 372 
NDP O2D HO2N sing N N 373 
NDP C1D N1N  sing N N 374 
NDP C1D H1D  sing N N 375 
NDP N1N C2N  sing N N 376 
NDP N1N C6N  sing N N 377 
NDP C2N C3N  doub N N 378 
NDP C2N H2N  sing N N 379 
NDP C3N C7N  sing N N 380 
NDP C3N C4N  sing N N 381 
NDP C7N O7N  doub N N 382 
NDP C7N N7N  sing N N 383 
NDP N7N H71N sing N N 384 
NDP N7N H72N sing N N 385 
NDP C4N C5N  sing N N 386 
NDP C4N H41N sing N N 387 
NDP C4N H42N sing N N 388 
NDP C5N C6N  doub N N 389 
NDP C5N H5N  sing N N 390 
NDP C6N H6N  sing N N 391 
NDP P2B O1X  doub N N 392 
NDP P2B O2X  sing N N 393 
NDP P2B O3X  sing N N 394 
NDP O2X HOP2 sing N N 395 
NDP O3X HOP3 sing N N 396 
PHE N   CA   sing N N 397 
PHE N   H    sing N N 398 
PHE N   H2   sing N N 399 
PHE CA  C    sing N N 400 
PHE CA  CB   sing N N 401 
PHE CA  HA   sing N N 402 
PHE C   O    doub N N 403 
PHE C   OXT  sing N N 404 
PHE CB  CG   sing N N 405 
PHE CB  HB2  sing N N 406 
PHE CB  HB3  sing N N 407 
PHE CG  CD1  doub Y N 408 
PHE CG  CD2  sing Y N 409 
PHE CD1 CE1  sing Y N 410 
PHE CD1 HD1  sing N N 411 
PHE CD2 CE2  doub Y N 412 
PHE CD2 HD2  sing N N 413 
PHE CE1 CZ   doub Y N 414 
PHE CE1 HE1  sing N N 415 
PHE CE2 CZ   sing Y N 416 
PHE CE2 HE2  sing N N 417 
PHE CZ  HZ   sing N N 418 
PHE OXT HXT  sing N N 419 
PRO N   CA   sing N N 420 
PRO N   CD   sing N N 421 
PRO N   H    sing N N 422 
PRO CA  C    sing N N 423 
PRO CA  CB   sing N N 424 
PRO CA  HA   sing N N 425 
PRO C   O    doub N N 426 
PRO C   OXT  sing N N 427 
PRO CB  CG   sing N N 428 
PRO CB  HB2  sing N N 429 
PRO CB  HB3  sing N N 430 
PRO CG  CD   sing N N 431 
PRO CG  HG2  sing N N 432 
PRO CG  HG3  sing N N 433 
PRO CD  HD2  sing N N 434 
PRO CD  HD3  sing N N 435 
PRO OXT HXT  sing N N 436 
SER N   CA   sing N N 437 
SER N   H    sing N N 438 
SER N   H2   sing N N 439 
SER CA  C    sing N N 440 
SER CA  CB   sing N N 441 
SER CA  HA   sing N N 442 
SER C   O    doub N N 443 
SER C   OXT  sing N N 444 
SER CB  OG   sing N N 445 
SER CB  HB2  sing N N 446 
SER CB  HB3  sing N N 447 
SER OG  HG   sing N N 448 
SER OXT HXT  sing N N 449 
THR N   CA   sing N N 450 
THR N   H    sing N N 451 
THR N   H2   sing N N 452 
THR CA  C    sing N N 453 
THR CA  CB   sing N N 454 
THR CA  HA   sing N N 455 
THR C   O    doub N N 456 
THR C   OXT  sing N N 457 
THR CB  OG1  sing N N 458 
THR CB  CG2  sing N N 459 
THR CB  HB   sing N N 460 
THR OG1 HG1  sing N N 461 
THR CG2 HG21 sing N N 462 
THR CG2 HG22 sing N N 463 
THR CG2 HG23 sing N N 464 
THR OXT HXT  sing N N 465 
TRP N   CA   sing N N 466 
TRP N   H    sing N N 467 
TRP N   H2   sing N N 468 
TRP CA  C    sing N N 469 
TRP CA  CB   sing N N 470 
TRP CA  HA   sing N N 471 
TRP C   O    doub N N 472 
TRP C   OXT  sing N N 473 
TRP CB  CG   sing N N 474 
TRP CB  HB2  sing N N 475 
TRP CB  HB3  sing N N 476 
TRP CG  CD1  doub Y N 477 
TRP CG  CD2  sing Y N 478 
TRP CD1 NE1  sing Y N 479 
TRP CD1 HD1  sing N N 480 
TRP CD2 CE2  doub Y N 481 
TRP CD2 CE3  sing Y N 482 
TRP NE1 CE2  sing Y N 483 
TRP NE1 HE1  sing N N 484 
TRP CE2 CZ2  sing Y N 485 
TRP CE3 CZ3  doub Y N 486 
TRP CE3 HE3  sing N N 487 
TRP CZ2 CH2  doub Y N 488 
TRP CZ2 HZ2  sing N N 489 
TRP CZ3 CH2  sing Y N 490 
TRP CZ3 HZ3  sing N N 491 
TRP CH2 HH2  sing N N 492 
TRP OXT HXT  sing N N 493 
TYR N   CA   sing N N 494 
TYR N   H    sing N N 495 
TYR N   H2   sing N N 496 
TYR CA  C    sing N N 497 
TYR CA  CB   sing N N 498 
TYR CA  HA   sing N N 499 
TYR C   O    doub N N 500 
TYR C   OXT  sing N N 501 
TYR CB  CG   sing N N 502 
TYR CB  HB2  sing N N 503 
TYR CB  HB3  sing N N 504 
TYR CG  CD1  doub Y N 505 
TYR CG  CD2  sing Y N 506 
TYR CD1 CE1  sing Y N 507 
TYR CD1 HD1  sing N N 508 
TYR CD2 CE2  doub Y N 509 
TYR CD2 HD2  sing N N 510 
TYR CE1 CZ   doub Y N 511 
TYR CE1 HE1  sing N N 512 
TYR CE2 CZ   sing Y N 513 
TYR CE2 HE2  sing N N 514 
TYR CZ  OH   sing N N 515 
TYR OH  HH   sing N N 516 
TYR OXT HXT  sing N N 517 
VAL N   CA   sing N N 518 
VAL N   H    sing N N 519 
VAL N   H2   sing N N 520 
VAL CA  C    sing N N 521 
VAL CA  CB   sing N N 522 
VAL CA  HA   sing N N 523 
VAL C   O    doub N N 524 
VAL C   OXT  sing N N 525 
VAL CB  CG1  sing N N 526 
VAL CB  CG2  sing N N 527 
VAL CB  HB   sing N N 528 
VAL CG1 HG11 sing N N 529 
VAL CG1 HG12 sing N N 530 
VAL CG1 HG13 sing N N 531 
VAL CG2 HG21 sing N N 532 
VAL CG2 HG22 sing N N 533 
VAL CG2 HG23 sing N N 534 
VAL OXT HXT  sing N N 535 
# 
_pdbx_audit_support.funding_organization   'National Natural Science Foundation of China (NSFC)' 
_pdbx_audit_support.country                China 
_pdbx_audit_support.grant_number           ? 
_pdbx_audit_support.ordinal                1 
# 
loop_
_pdbx_entity_instance_feature.ordinal 
_pdbx_entity_instance_feature.comp_id 
_pdbx_entity_instance_feature.asym_id 
_pdbx_entity_instance_feature.seq_num 
_pdbx_entity_instance_feature.auth_comp_id 
_pdbx_entity_instance_feature.auth_asym_id 
_pdbx_entity_instance_feature.auth_seq_num 
_pdbx_entity_instance_feature.feature_type 
_pdbx_entity_instance_feature.details 
1 NDP ? ? NDP ? ? 'SUBJECT OF INVESTIGATION' ? 
2 EN7 ? ? EN7 ? ? 'SUBJECT OF INVESTIGATION' ? 
# 
loop_
_pdbx_entity_nonpoly.entity_id 
_pdbx_entity_nonpoly.name 
_pdbx_entity_nonpoly.comp_id 
2 'Safracin A'                                                EN7 
3 'NADPH DIHYDRO-NICOTINAMIDE-ADENINE-DINUCLEOTIDE PHOSPHATE' NDP 
4 water                                                       HOH 
# 
_pdbx_initial_refinement_model.id               1 
_pdbx_initial_refinement_model.entity_id_list   ? 
_pdbx_initial_refinement_model.type             'experimental model' 
_pdbx_initial_refinement_model.source_name      PDB 
_pdbx_initial_refinement_model.accession_code   2XW7 
_pdbx_initial_refinement_model.details          ? 
# 
_pdbx_struct_assembly_auth_evidence.id                     1 
_pdbx_struct_assembly_auth_evidence.assembly_id            1 
_pdbx_struct_assembly_auth_evidence.experimental_support   'gel filtration' 
_pdbx_struct_assembly_auth_evidence.details                ? 
# 
